data_8JL3
#
_entry.id   8JL3
#
_cell.length_a   1.00
_cell.length_b   1.00
_cell.length_c   1.00
_cell.angle_alpha   90.00
_cell.angle_beta   90.00
_cell.angle_gamma   90.00
#
_symmetry.space_group_name_H-M   'P 1'
#
loop_
_entity.id
_entity.type
_entity.pdbx_description
1 polymer 'Heparan-alpha-glucosaminide N-acetyltransferase'
2 branched 2-acetamido-2-deoxy-beta-D-glucopyranose-(1-4)-2-acetamido-2-deoxy-beta-D-glucopyranose
3 non-polymer 2-acetamido-2-deoxy-beta-D-glucopyranose
4 non-polymer 'ACETYL COENZYME *A'
5 non-polymer DODECANE
6 non-polymer N-OCTANE
7 non-polymer TETRADECANE
8 non-polymer CHOLESTEROL
9 non-polymer DECANE
10 non-polymer HEXADECANE
#
_entity_poly.entity_id   1
_entity_poly.type   'polypeptide(L)'
_entity_poly.pdbx_seq_one_letter_code
;MTGARASAAEQRRAGRSGQARAAERAAGMSGAGRALAALLLAASVLSAALLAPGGSSGRDAQAAPPRDLDKKRHAELKMD
QALLLIHNELLWTNLTVYWKSECCYHCLFQVLVNVPQSPKAGKPSAAAASVSTQHGSILQLNDTLEEKEVCRLEYRFGEF
GNYSLLVKNIHNGVSEIACDLAVNEDPVDSNLPVSIAFLIGLAVIIVISFLRLLLSLDDFNNWISKAISSRETDRLINSE
LGSPSRTDPLDGDVQPATWRLSALPPRLRSVDTFRGIALILMVFVNYGGGKYWYFKHASWNGLTVADLVFPWFVFIMGSS
IFLSMTSILQRGCSKFRLLGKIAWRSFLLICIGIIIVNPNYCLGPLSWDKVRIPGVLQRLGVTYFVVAVLELLFAKPVPE
HCASERSCLSLRDITSSWPQWLLILVLEGLWLGLTFLLPVPGCPTGYLGPGGIGDFGKYPNCTGGAAGYIDRLLLGDDHL
YQHPSSAVLYHTEVAYDPEGILGTINSIVMAFLGVQAGKILLYYKARTKDILIRFTAWCCILGLISVALTKVSENEGFIP
VNKNLWSLSYVTTLSSFAFFILLVLYPVVDVKGLWTGTPFFYPGMNSILVYVGHEVFENYFPFQWKLKDNQSHKEHLTQN
IVATALWVLIAYILYRKKIFWKIGSGGGGSGGGGSGGGWSHPQFEKGGGSGGGSGGSAWSHPQFEK
;
_entity_poly.pdbx_strand_id   A,B
#
loop_
_chem_comp.id
_chem_comp.type
_chem_comp.name
_chem_comp.formula
ACO non-polymer 'ACETYL COENZYME *A' 'C23 H38 N7 O17 P3 S'
C14 non-polymer TETRADECANE 'C14 H30'
CLR non-polymer CHOLESTEROL 'C27 H46 O'
D10 non-polymer DECANE 'C10 H22'
D12 non-polymer DODECANE 'C12 H26'
NAG D-saccharide, beta linking 2-acetamido-2-deoxy-beta-D-glucopyranose 'C8 H15 N O6'
OCT non-polymer N-OCTANE 'C8 H18'
R16 non-polymer HEXADECANE 'C16 H34'
#
# COMPACT_ATOMS: atom_id res chain seq x y z
N ALA A 75 -17.04 25.02 -17.32
CA ALA A 75 -18.23 24.19 -17.25
C ALA A 75 -18.09 23.12 -16.18
N GLU A 76 -19.23 22.56 -15.77
CA GLU A 76 -19.26 21.50 -14.77
C GLU A 76 -19.53 20.13 -15.38
N LEU A 77 -19.23 19.95 -16.67
CA LEU A 77 -19.37 18.65 -17.30
C LEU A 77 -18.22 17.74 -16.89
N LYS A 78 -18.57 16.56 -16.39
CA LYS A 78 -17.58 15.55 -16.09
C LYS A 78 -17.16 14.84 -17.39
N MET A 79 -16.33 13.82 -17.25
CA MET A 79 -15.96 13.01 -18.38
C MET A 79 -17.17 12.29 -18.95
N ASP A 80 -17.32 12.31 -20.28
CA ASP A 80 -18.36 11.58 -21.00
C ASP A 80 -19.75 12.14 -20.68
N GLN A 81 -19.84 13.45 -20.50
CA GLN A 81 -21.09 14.13 -20.28
C GLN A 81 -21.29 15.16 -21.39
N ALA A 82 -22.54 15.49 -21.67
CA ALA A 82 -22.88 16.59 -22.56
C ALA A 82 -23.91 17.48 -21.87
N LEU A 83 -23.96 18.73 -22.29
CA LEU A 83 -24.92 19.69 -21.76
C LEU A 83 -26.14 19.74 -22.65
N LEU A 84 -27.32 19.60 -22.04
CA LEU A 84 -28.59 19.65 -22.75
C LEU A 84 -29.44 20.75 -22.15
N LEU A 85 -29.70 21.80 -22.92
CA LEU A 85 -30.57 22.89 -22.50
C LEU A 85 -31.95 22.66 -23.09
N ILE A 86 -32.97 22.74 -22.23
CA ILE A 86 -34.34 22.47 -22.63
C ILE A 86 -35.15 23.74 -22.48
N HIS A 87 -35.74 24.20 -23.56
CA HIS A 87 -36.53 25.43 -23.60
C HIS A 87 -37.98 25.06 -23.86
N ASN A 88 -38.84 25.32 -22.89
CA ASN A 88 -40.25 24.96 -22.96
C ASN A 88 -41.04 26.19 -23.38
N GLU A 89 -41.52 26.19 -24.62
CA GLU A 89 -42.34 27.28 -25.14
C GLU A 89 -43.84 27.02 -24.96
N LEU A 90 -44.21 25.94 -24.29
CA LEU A 90 -45.61 25.66 -24.02
C LEU A 90 -46.07 26.45 -22.80
N LEU A 91 -47.28 26.98 -22.88
CA LEU A 91 -47.80 27.88 -21.86
C LEU A 91 -48.47 27.17 -20.70
N TRP A 92 -49.20 26.07 -20.97
CA TRP A 92 -50.07 25.46 -19.96
C TRP A 92 -49.70 24.02 -19.64
N THR A 93 -48.46 23.61 -19.91
CA THR A 93 -48.03 22.25 -19.58
C THR A 93 -46.63 22.30 -18.99
N ASN A 94 -46.48 21.81 -17.78
CA ASN A 94 -45.15 21.51 -17.26
C ASN A 94 -44.63 20.22 -17.91
N LEU A 95 -43.32 20.10 -18.01
CA LEU A 95 -42.69 18.96 -18.66
C LEU A 95 -41.77 18.24 -17.69
N THR A 96 -41.79 16.91 -17.76
CA THR A 96 -40.80 16.07 -17.10
C THR A 96 -39.99 15.36 -18.18
N VAL A 97 -38.68 15.42 -18.06
CA VAL A 97 -37.78 14.79 -19.02
C VAL A 97 -37.27 13.48 -18.42
N TYR A 98 -37.49 12.39 -19.14
CA TYR A 98 -37.03 11.07 -18.72
C TYR A 98 -35.92 10.61 -19.65
N TRP A 99 -34.87 10.06 -19.06
CA TRP A 99 -33.71 9.60 -19.81
C TRP A 99 -33.56 8.10 -19.70
N LYS A 100 -33.12 7.47 -20.78
CA LYS A 100 -32.83 6.04 -20.79
C LYS A 100 -31.69 5.78 -21.75
N SER A 101 -30.71 4.99 -21.33
CA SER A 101 -29.63 4.57 -22.19
C SER A 101 -30.10 3.49 -23.14
N GLU A 102 -29.60 3.52 -24.38
CA GLU A 102 -29.99 2.49 -25.33
C GLU A 102 -29.36 1.14 -24.99
N CYS A 103 -28.31 1.12 -24.17
CA CYS A 103 -27.65 -0.12 -23.83
C CYS A 103 -28.12 -0.73 -22.51
N CYS A 104 -29.08 -0.08 -21.84
CA CYS A 104 -29.64 -0.61 -20.60
C CYS A 104 -30.87 -1.41 -20.99
N TYR A 105 -30.82 -2.71 -20.78
CA TYR A 105 -31.81 -3.62 -21.37
C TYR A 105 -33.07 -3.70 -20.52
N HIS A 106 -34.21 -3.39 -21.14
CA HIS A 106 -35.52 -3.44 -20.50
C HIS A 106 -35.53 -2.63 -19.20
N CYS A 107 -34.96 -1.43 -19.27
CA CYS A 107 -34.77 -0.60 -18.10
C CYS A 107 -35.92 0.41 -17.96
N LEU A 108 -35.96 1.03 -16.79
CA LEU A 108 -36.92 2.09 -16.52
C LEU A 108 -36.34 3.44 -16.92
N PHE A 109 -37.23 4.36 -17.30
CA PHE A 109 -36.83 5.74 -17.50
C PHE A 109 -36.61 6.40 -16.15
N GLN A 110 -35.61 7.27 -16.07
CA GLN A 110 -35.34 8.04 -14.87
C GLN A 110 -35.49 9.53 -15.16
N VAL A 111 -35.94 10.26 -14.14
CA VAL A 111 -36.14 11.69 -14.28
C VAL A 111 -34.81 12.36 -14.54
N LEU A 112 -34.74 13.13 -15.62
CA LEU A 112 -33.54 13.89 -15.94
C LEU A 112 -33.61 15.30 -15.36
N VAL A 113 -34.68 16.03 -15.67
CA VAL A 113 -34.88 17.38 -15.16
C VAL A 113 -36.35 17.73 -15.32
N ASN A 114 -36.84 18.65 -14.50
CA ASN A 114 -38.18 19.18 -14.59
C ASN A 114 -38.12 20.58 -15.20
N VAL A 115 -38.95 20.83 -16.20
CA VAL A 115 -38.95 22.08 -16.93
C VAL A 115 -40.29 22.77 -16.72
N PRO A 116 -40.36 23.77 -15.82
CA PRO A 116 -41.59 24.54 -15.64
C PRO A 116 -42.17 25.11 -16.92
N GLN A 117 -43.45 25.46 -16.90
CA GLN A 117 -44.11 26.05 -18.05
C GLN A 117 -43.60 27.47 -18.28
N SER A 118 -43.81 27.95 -19.50
CA SER A 118 -43.37 29.29 -19.86
C SER A 118 -44.29 30.32 -19.20
N PRO A 119 -43.76 31.23 -18.38
CA PRO A 119 -44.64 32.19 -17.71
C PRO A 119 -45.41 33.09 -18.66
N LYS A 120 -44.78 33.53 -19.75
CA LYS A 120 -45.44 34.35 -20.75
C LYS A 120 -44.97 33.95 -22.13
N ALA A 121 -45.77 34.29 -23.14
CA ALA A 121 -45.39 34.03 -24.51
C ALA A 121 -44.16 34.86 -24.88
N GLY A 122 -43.21 34.23 -25.54
CA GLY A 122 -41.96 34.87 -25.89
C GLY A 122 -40.87 34.77 -24.83
N LYS A 123 -41.16 34.16 -23.68
CA LYS A 123 -40.19 33.97 -22.61
C LYS A 123 -40.20 32.50 -22.21
N PRO A 124 -39.48 31.65 -22.94
CA PRO A 124 -39.52 30.21 -22.66
C PRO A 124 -38.73 29.87 -21.41
N SER A 125 -39.32 29.07 -20.53
CA SER A 125 -38.60 28.59 -19.37
C SER A 125 -37.49 27.64 -19.79
N ALA A 126 -36.39 27.68 -19.06
CA ALA A 126 -35.19 26.96 -19.45
C ALA A 126 -34.70 26.08 -18.31
N ALA A 127 -34.27 24.87 -18.67
CA ALA A 127 -33.65 23.94 -17.73
C ALA A 127 -32.43 23.32 -18.40
N ALA A 128 -31.43 22.99 -17.59
CA ALA A 128 -30.19 22.42 -18.08
C ALA A 128 -29.92 21.11 -17.36
N ALA A 129 -29.44 20.13 -18.11
CA ALA A 129 -29.12 18.81 -17.57
C ALA A 129 -27.86 18.28 -18.24
N SER A 130 -27.27 17.28 -17.61
CA SER A 130 -26.12 16.56 -18.15
C SER A 130 -26.55 15.16 -18.54
N VAL A 131 -26.24 14.77 -19.78
CA VAL A 131 -26.57 13.46 -20.30
C VAL A 131 -25.29 12.70 -20.57
N SER A 132 -25.27 11.42 -20.23
CA SER A 132 -24.14 10.57 -20.54
C SER A 132 -24.03 10.35 -22.04
N THR A 133 -22.79 10.30 -22.52
CA THR A 133 -22.52 10.20 -23.95
C THR A 133 -21.86 8.89 -24.35
N GLN A 134 -21.71 7.95 -23.42
CA GLN A 134 -21.07 6.69 -23.75
C GLN A 134 -21.86 5.89 -24.77
N HIS A 135 -23.18 5.87 -24.63
CA HIS A 135 -24.06 5.16 -25.56
C HIS A 135 -25.15 6.12 -26.02
N GLY A 136 -26.07 5.60 -26.82
CA GLY A 136 -27.19 6.41 -27.26
C GLY A 136 -28.16 6.70 -26.12
N SER A 137 -28.92 7.78 -26.29
CA SER A 137 -29.87 8.21 -25.29
C SER A 137 -31.27 8.15 -25.86
N ILE A 138 -32.24 7.88 -24.99
CA ILE A 138 -33.65 7.97 -25.32
C ILE A 138 -34.29 8.93 -24.32
N LEU A 139 -34.89 9.99 -24.84
CA LEU A 139 -35.54 11.00 -24.01
C LEU A 139 -37.04 10.95 -24.25
N GLN A 140 -37.80 11.03 -23.15
CA GLN A 140 -39.25 11.05 -23.21
C GLN A 140 -39.75 12.24 -22.40
N LEU A 141 -40.42 13.18 -23.06
CA LEU A 141 -40.96 14.37 -22.42
C LEU A 141 -42.41 14.10 -22.08
N ASN A 142 -42.77 14.21 -20.81
CA ASN A 142 -44.10 13.87 -20.32
C ASN A 142 -44.72 15.06 -19.62
N ASP A 143 -45.98 15.32 -19.92
CA ASP A 143 -46.75 16.30 -19.16
C ASP A 143 -46.90 15.84 -17.72
N THR A 144 -46.42 16.64 -16.77
CA THR A 144 -46.34 16.17 -15.40
C THR A 144 -47.71 16.08 -14.73
N LEU A 145 -48.74 16.72 -15.28
CA LEU A 145 -50.09 16.63 -14.73
C LEU A 145 -50.90 15.53 -15.42
N GLU A 146 -51.04 15.63 -16.74
CA GLU A 146 -51.79 14.63 -17.49
C GLU A 146 -51.07 13.29 -17.55
N GLU A 147 -49.76 13.27 -17.27
CA GLU A 147 -48.95 12.06 -17.32
C GLU A 147 -49.05 11.39 -18.69
N LYS A 148 -49.00 12.19 -19.74
CA LYS A 148 -49.03 11.68 -21.11
C LYS A 148 -47.84 12.24 -21.87
N GLU A 149 -47.47 11.52 -22.93
CA GLU A 149 -46.26 11.83 -23.68
C GLU A 149 -46.54 12.91 -24.72
N VAL A 150 -45.64 13.88 -24.81
CA VAL A 150 -45.74 14.93 -25.82
C VAL A 150 -44.84 14.65 -27.02
N CYS A 151 -43.62 14.15 -26.79
CA CYS A 151 -42.74 13.75 -27.87
C CYS A 151 -41.59 12.93 -27.28
N ARG A 152 -40.76 12.39 -28.17
CA ARG A 152 -39.73 11.44 -27.79
C ARG A 152 -38.54 11.57 -28.74
N LEU A 153 -37.34 11.47 -28.19
CA LEU A 153 -36.11 11.54 -28.98
C LEU A 153 -35.23 10.34 -28.70
N GLU A 154 -34.53 9.88 -29.73
CA GLU A 154 -33.45 8.91 -29.60
C GLU A 154 -32.24 9.50 -30.31
N TYR A 155 -31.29 10.01 -29.54
CA TYR A 155 -30.16 10.72 -30.11
C TYR A 155 -28.90 10.35 -29.35
N ARG A 156 -27.78 10.33 -30.05
CA ARG A 156 -26.48 9.98 -29.48
C ARG A 156 -25.68 11.27 -29.29
N PHE A 157 -25.63 11.75 -28.05
CA PHE A 157 -24.92 12.97 -27.73
C PHE A 157 -23.41 12.72 -27.70
N GLY A 158 -22.65 13.76 -27.99
CA GLY A 158 -21.20 13.69 -27.99
C GLY A 158 -20.61 14.32 -26.75
N GLU A 159 -19.41 13.86 -26.39
CA GLU A 159 -18.76 14.33 -25.17
C GLU A 159 -18.47 15.82 -25.25
N PHE A 160 -18.76 16.53 -24.17
CA PHE A 160 -18.53 17.96 -24.03
C PHE A 160 -19.29 18.77 -25.07
N GLY A 161 -20.34 18.21 -25.64
CA GLY A 161 -21.17 18.96 -26.55
C GLY A 161 -22.16 19.83 -25.81
N ASN A 162 -22.64 20.85 -26.52
CA ASN A 162 -23.62 21.79 -25.98
C ASN A 162 -24.83 21.76 -26.89
N TYR A 163 -25.93 21.19 -26.39
CA TYR A 163 -27.13 20.97 -27.18
C TYR A 163 -28.31 21.72 -26.57
N SER A 164 -29.29 22.00 -27.41
CA SER A 164 -30.53 22.65 -26.98
C SER A 164 -31.72 21.88 -27.52
N LEU A 165 -32.74 21.72 -26.69
CA LEU A 165 -33.97 21.03 -27.06
C LEU A 165 -35.13 21.98 -26.85
N LEU A 166 -35.75 22.41 -27.95
CA LEU A 166 -36.82 23.40 -27.91
C LEU A 166 -38.16 22.72 -28.09
N VAL A 167 -39.07 22.95 -27.15
CA VAL A 167 -40.41 22.37 -27.17
C VAL A 167 -41.40 23.50 -27.44
N LYS A 168 -42.13 23.41 -28.55
CA LYS A 168 -43.01 24.50 -28.93
C LYS A 168 -44.27 23.94 -29.58
N ASN A 169 -45.33 24.75 -29.54
CA ASN A 169 -46.58 24.39 -30.18
C ASN A 169 -46.47 24.52 -31.70
N ILE A 170 -47.17 23.63 -32.40
CA ILE A 170 -47.20 23.54 -33.86
C ILE A 170 -45.82 23.70 -34.47
N GLU A 176 -50.60 20.22 -31.92
CA GLU A 176 -49.37 19.49 -32.20
C GLU A 176 -48.18 20.13 -31.49
N ILE A 177 -47.38 19.30 -30.81
CA ILE A 177 -46.20 19.74 -30.09
C ILE A 177 -44.99 19.10 -30.75
N ALA A 178 -44.05 19.93 -31.19
CA ALA A 178 -42.85 19.47 -31.87
C ALA A 178 -41.62 19.91 -31.07
N CYS A 179 -40.75 18.95 -30.77
CA CYS A 179 -39.50 19.21 -30.06
C CYS A 179 -38.34 19.01 -31.02
N ASP A 180 -37.51 20.03 -31.17
CA ASP A 180 -36.41 20.04 -32.12
C ASP A 180 -35.09 20.18 -31.38
N LEU A 181 -34.10 19.36 -31.76
CA LEU A 181 -32.81 19.34 -31.12
C LEU A 181 -31.79 20.09 -31.98
N ALA A 182 -31.06 21.01 -31.35
CA ALA A 182 -30.07 21.81 -32.04
C ALA A 182 -28.73 21.71 -31.33
N VAL A 183 -27.66 21.81 -32.11
CA VAL A 183 -26.29 21.67 -31.60
C VAL A 183 -25.69 23.06 -31.51
N ASN A 184 -25.46 23.54 -30.29
CA ASN A 184 -24.85 24.85 -30.10
C ASN A 184 -23.34 24.78 -30.33
N GLU A 185 -22.65 23.97 -29.53
CA GLU A 185 -21.22 23.75 -29.68
C GLU A 185 -20.99 22.29 -29.99
N ASP A 186 -20.16 22.03 -31.01
CA ASP A 186 -19.95 20.66 -31.44
C ASP A 186 -19.16 19.88 -30.39
N PRO A 187 -19.39 18.57 -30.28
CA PRO A 187 -18.66 17.76 -29.32
C PRO A 187 -17.25 17.44 -29.79
N VAL A 188 -16.45 16.91 -28.88
CA VAL A 188 -15.10 16.49 -29.18
C VAL A 188 -15.12 15.04 -29.66
N ASP A 189 -14.07 14.65 -30.37
CA ASP A 189 -13.88 13.25 -30.74
C ASP A 189 -13.22 12.56 -29.54
N SER A 190 -14.02 11.83 -28.76
CA SER A 190 -13.52 11.25 -27.53
C SER A 190 -12.63 10.04 -27.77
N ASN A 191 -12.81 9.36 -28.89
CA ASN A 191 -12.02 8.17 -29.21
C ASN A 191 -10.75 8.50 -29.97
N LEU A 192 -10.46 9.78 -30.19
CA LEU A 192 -9.22 10.16 -30.87
C LEU A 192 -7.95 9.72 -30.15
N PRO A 193 -7.81 9.86 -28.83
CA PRO A 193 -6.59 9.37 -28.19
C PRO A 193 -6.33 7.89 -28.41
N VAL A 194 -7.37 7.05 -28.47
CA VAL A 194 -7.17 5.64 -28.74
C VAL A 194 -6.73 5.43 -30.19
N SER A 195 -7.32 6.17 -31.13
CA SER A 195 -6.92 6.05 -32.52
C SER A 195 -5.47 6.43 -32.71
N ILE A 196 -5.01 7.50 -32.07
CA ILE A 196 -3.64 7.95 -32.21
C ILE A 196 -2.69 6.98 -31.52
N ALA A 197 -3.07 6.45 -30.35
CA ALA A 197 -2.21 5.54 -29.62
C ALA A 197 -1.94 4.26 -30.42
N PHE A 198 -2.98 3.75 -31.10
CA PHE A 198 -2.78 2.57 -31.93
C PHE A 198 -1.87 2.87 -33.12
N LEU A 199 -2.02 4.05 -33.72
CA LEU A 199 -1.14 4.43 -34.84
C LEU A 199 0.30 4.56 -34.39
N ILE A 200 0.53 5.15 -33.21
CA ILE A 200 1.88 5.27 -32.69
C ILE A 200 2.48 3.89 -32.41
N GLY A 201 1.68 3.00 -31.82
CA GLY A 201 2.17 1.66 -31.55
C GLY A 201 2.49 0.88 -32.81
N LEU A 202 1.64 1.02 -33.83
CA LEU A 202 1.90 0.39 -35.12
C LEU A 202 3.15 0.96 -35.78
N ALA A 203 3.35 2.28 -35.67
CA ALA A 203 4.53 2.90 -36.27
C ALA A 203 5.81 2.40 -35.61
N VAL A 204 5.80 2.26 -34.29
CA VAL A 204 6.97 1.74 -33.60
C VAL A 204 7.24 0.29 -34.01
N ILE A 205 6.18 -0.50 -34.18
CA ILE A 205 6.35 -1.90 -34.57
C ILE A 205 7.01 -2.00 -35.93
N ILE A 206 6.53 -1.21 -36.90
CA ILE A 206 7.07 -1.29 -38.26
C ILE A 206 8.50 -0.76 -38.29
N VAL A 207 8.77 0.33 -37.57
CA VAL A 207 10.13 0.89 -37.56
C VAL A 207 11.11 -0.12 -36.99
N ILE A 208 10.75 -0.77 -35.88
CA ILE A 208 11.64 -1.74 -35.26
C ILE A 208 11.82 -2.96 -36.16
N SER A 209 10.72 -3.48 -36.71
CA SER A 209 10.81 -4.65 -37.59
C SER A 209 11.62 -4.34 -38.84
N PHE A 210 11.40 -3.15 -39.43
CA PHE A 210 12.19 -2.76 -40.59
C PHE A 210 13.65 -2.58 -40.23
N LEU A 211 13.93 -1.98 -39.07
CA LEU A 211 15.32 -1.75 -38.67
C LEU A 211 16.06 -3.07 -38.46
N ARG A 212 15.40 -4.05 -37.82
CA ARG A 212 16.04 -5.34 -37.58
C ARG A 212 16.33 -6.07 -38.88
N LEU A 213 15.51 -5.86 -39.92
CA LEU A 213 15.78 -6.49 -41.20
C LEU A 213 17.07 -5.98 -41.81
N LEU A 214 17.33 -4.68 -41.70
CA LEU A 214 18.59 -4.12 -42.18
C LEU A 214 19.77 -4.70 -41.43
N LEU A 215 19.65 -4.82 -40.11
CA LEU A 215 20.73 -5.35 -39.29
C LEU A 215 20.62 -6.86 -39.14
N PRO A 266 11.19 -28.46 -23.81
CA PRO A 266 11.27 -27.76 -22.51
C PRO A 266 10.05 -26.88 -22.25
N ARG A 267 10.26 -25.57 -22.25
CA ARG A 267 9.22 -24.59 -22.00
C ARG A 267 8.65 -24.09 -23.32
N LEU A 268 7.33 -24.12 -23.44
CA LEU A 268 6.66 -23.68 -24.65
C LEU A 268 6.56 -22.16 -24.67
N ARG A 269 7.17 -21.54 -25.68
CA ARG A 269 7.22 -20.08 -25.75
C ARG A 269 5.87 -19.47 -26.10
N SER A 270 5.00 -20.22 -26.78
CA SER A 270 3.70 -19.67 -27.17
C SER A 270 2.75 -19.57 -25.99
N VAL A 271 2.86 -20.47 -25.02
CA VAL A 271 2.05 -20.35 -23.80
C VAL A 271 2.50 -19.17 -22.96
N ASP A 272 3.81 -18.93 -22.90
CA ASP A 272 4.32 -17.75 -22.20
C ASP A 272 3.92 -16.46 -22.91
N THR A 273 3.95 -16.46 -24.24
CA THR A 273 3.47 -15.31 -25.01
C THR A 273 2.01 -15.04 -24.73
N PHE A 274 1.18 -16.09 -24.73
CA PHE A 274 -0.25 -15.93 -24.45
C PHE A 274 -0.48 -15.38 -23.05
N ARG A 275 0.21 -15.94 -22.06
CA ARG A 275 0.03 -15.46 -20.69
C ARG A 275 0.51 -14.03 -20.52
N GLY A 276 1.57 -13.64 -21.25
CA GLY A 276 2.04 -12.27 -21.16
C GLY A 276 1.14 -11.27 -21.85
N ILE A 277 0.50 -11.67 -22.95
CA ILE A 277 -0.51 -10.81 -23.56
C ILE A 277 -1.67 -10.59 -22.60
N ALA A 278 -2.13 -11.66 -21.94
CA ALA A 278 -3.19 -11.53 -20.96
C ALA A 278 -2.76 -10.63 -19.80
N LEU A 279 -1.51 -10.73 -19.37
CA LEU A 279 -1.02 -9.88 -18.28
C LEU A 279 -0.96 -8.42 -18.67
N ILE A 280 -0.51 -8.13 -19.89
CA ILE A 280 -0.43 -6.74 -20.33
C ILE A 280 -1.83 -6.13 -20.43
N LEU A 281 -2.78 -6.88 -20.99
CA LEU A 281 -4.16 -6.39 -21.03
C LEU A 281 -4.72 -6.22 -19.63
N MET A 282 -4.41 -7.13 -18.72
CA MET A 282 -4.92 -7.03 -17.35
C MET A 282 -4.39 -5.78 -16.66
N VAL A 283 -3.10 -5.48 -16.84
CA VAL A 283 -2.54 -4.31 -16.18
C VAL A 283 -3.11 -3.03 -16.77
N PHE A 284 -3.31 -2.99 -18.10
CA PHE A 284 -3.90 -1.81 -18.71
C PHE A 284 -5.34 -1.60 -18.22
N VAL A 285 -6.13 -2.66 -18.16
CA VAL A 285 -7.54 -2.56 -17.77
C VAL A 285 -7.68 -2.24 -16.28
N ASN A 286 -6.91 -2.91 -15.42
CA ASN A 286 -7.06 -2.72 -13.99
C ASN A 286 -6.67 -1.32 -13.57
N TYR A 287 -5.73 -0.69 -14.27
CA TYR A 287 -5.31 0.66 -13.91
C TYR A 287 -6.24 1.74 -14.42
N GLY A 288 -7.24 1.39 -15.22
CA GLY A 288 -8.23 2.36 -15.65
C GLY A 288 -8.68 2.24 -17.10
N GLY A 289 -7.80 1.77 -17.98
CA GLY A 289 -8.14 1.65 -19.39
C GLY A 289 -8.44 2.95 -20.08
N GLY A 290 -7.85 4.06 -19.62
CA GLY A 290 -8.16 5.36 -20.17
C GLY A 290 -9.51 5.90 -19.80
N LYS A 291 -10.21 5.25 -18.86
CA LYS A 291 -11.59 5.54 -18.49
C LYS A 291 -12.57 5.35 -19.64
N TYR A 292 -12.21 4.54 -20.63
CA TYR A 292 -13.09 4.23 -21.75
C TYR A 292 -14.00 3.06 -21.39
N TRP A 293 -15.26 3.16 -21.79
CA TRP A 293 -16.24 2.15 -21.38
C TRP A 293 -15.94 0.79 -22.00
N TYR A 294 -15.30 0.75 -23.17
CA TYR A 294 -14.99 -0.52 -23.80
C TYR A 294 -13.72 -1.15 -23.24
N PHE A 295 -12.99 -0.44 -22.39
CA PHE A 295 -11.89 -1.02 -21.63
C PHE A 295 -12.28 -1.24 -20.16
N LYS A 296 -13.57 -1.19 -19.86
CA LYS A 296 -14.12 -1.57 -18.56
C LYS A 296 -14.93 -2.84 -18.71
N HIS A 297 -15.35 -3.38 -17.57
CA HIS A 297 -16.20 -4.56 -17.58
C HIS A 297 -17.60 -4.20 -18.04
N ALA A 298 -18.23 -5.12 -18.77
CA ALA A 298 -19.62 -4.94 -19.15
C ALA A 298 -20.50 -4.87 -17.91
N SER A 299 -21.57 -4.09 -18.00
CA SER A 299 -22.46 -3.93 -16.84
C SER A 299 -23.09 -5.25 -16.45
N TRP A 300 -23.93 -5.82 -17.29
CA TRP A 300 -24.38 -7.19 -17.07
C TRP A 300 -23.98 -8.13 -18.19
N ASN A 301 -24.48 -7.92 -19.41
CA ASN A 301 -24.34 -8.89 -20.49
C ASN A 301 -23.44 -8.33 -21.58
N GLY A 302 -22.80 -9.23 -22.31
CA GLY A 302 -21.93 -8.87 -23.41
C GLY A 302 -20.47 -9.02 -23.04
N LEU A 303 -19.63 -8.49 -23.92
CA LEU A 303 -18.19 -8.56 -23.77
C LEU A 303 -17.55 -7.21 -24.08
N THR A 304 -16.55 -6.86 -23.30
CA THR A 304 -15.61 -5.79 -23.63
C THR A 304 -14.20 -6.40 -23.61
N VAL A 305 -13.20 -5.53 -23.82
CA VAL A 305 -11.81 -5.99 -23.73
C VAL A 305 -11.47 -6.42 -22.30
N ALA A 306 -12.06 -5.76 -21.31
CA ALA A 306 -11.80 -6.08 -19.92
C ALA A 306 -12.23 -7.49 -19.55
N ASP A 307 -13.21 -8.05 -20.25
CA ASP A 307 -13.82 -9.32 -19.88
C ASP A 307 -13.13 -10.54 -20.46
N LEU A 308 -12.03 -10.35 -21.19
CA LEU A 308 -11.41 -11.45 -21.90
C LEU A 308 -10.32 -12.16 -21.13
N VAL A 309 -9.60 -11.47 -20.25
CA VAL A 309 -8.30 -11.97 -19.82
C VAL A 309 -8.40 -13.00 -18.71
N PHE A 310 -9.36 -12.86 -17.80
CA PHE A 310 -9.50 -13.82 -16.70
C PHE A 310 -9.79 -15.24 -17.18
N PRO A 311 -10.74 -15.48 -18.09
CA PRO A 311 -10.89 -16.85 -18.63
C PRO A 311 -9.65 -17.35 -19.33
N TRP A 312 -8.89 -16.47 -19.97
CA TRP A 312 -7.65 -16.88 -20.63
C TRP A 312 -6.63 -17.35 -19.61
N PHE A 313 -6.57 -16.69 -18.45
CA PHE A 313 -5.70 -17.14 -17.37
C PHE A 313 -6.10 -18.52 -16.87
N VAL A 314 -7.41 -18.77 -16.73
CA VAL A 314 -7.86 -20.09 -16.29
C VAL A 314 -7.51 -21.16 -17.33
N PHE A 315 -7.72 -20.84 -18.61
CA PHE A 315 -7.37 -21.75 -19.69
C PHE A 315 -5.87 -22.08 -19.69
N ILE A 316 -5.03 -21.06 -19.62
CA ILE A 316 -3.58 -21.26 -19.64
C ILE A 316 -3.14 -22.05 -18.42
N MET A 317 -3.77 -21.81 -17.27
CA MET A 317 -3.40 -22.54 -16.07
C MET A 317 -3.77 -24.01 -16.17
N GLY A 318 -4.88 -24.35 -16.83
CA GLY A 318 -5.16 -25.75 -17.09
C GLY A 318 -4.14 -26.40 -18.01
N SER A 319 -3.74 -25.69 -19.07
CA SER A 319 -2.70 -26.20 -19.95
C SER A 319 -1.41 -26.46 -19.18
N SER A 320 -1.01 -25.52 -18.33
CA SER A 320 0.18 -25.68 -17.52
C SER A 320 0.04 -26.81 -16.53
N ILE A 321 -1.17 -27.05 -16.03
CA ILE A 321 -1.40 -28.19 -15.15
C ILE A 321 -0.99 -29.48 -15.85
N PHE A 322 -1.48 -29.68 -17.09
CA PHE A 322 -1.16 -30.92 -17.77
C PHE A 322 0.33 -31.01 -18.11
N LEU A 323 0.93 -29.93 -18.62
CA LEU A 323 2.34 -29.98 -19.00
C LEU A 323 3.21 -30.30 -17.80
N SER A 324 3.04 -29.56 -16.70
CA SER A 324 3.85 -29.74 -15.52
C SER A 324 3.66 -31.12 -14.91
N MET A 325 2.41 -31.56 -14.77
CA MET A 325 2.14 -32.85 -14.13
C MET A 325 2.67 -34.00 -14.96
N THR A 326 2.52 -33.92 -16.29
CA THR A 326 3.04 -34.99 -17.14
C THR A 326 4.56 -35.10 -17.01
N SER A 327 5.26 -33.97 -17.03
CA SER A 327 6.71 -34.00 -16.87
C SER A 327 7.11 -34.58 -15.51
N ILE A 328 6.44 -34.14 -14.44
CA ILE A 328 6.79 -34.58 -13.10
C ILE A 328 6.57 -36.08 -12.94
N LEU A 329 5.42 -36.58 -13.41
CA LEU A 329 5.12 -37.99 -13.24
C LEU A 329 5.96 -38.87 -14.15
N GLN A 330 6.39 -38.34 -15.29
CA GLN A 330 7.29 -39.11 -16.15
C GLN A 330 8.68 -39.20 -15.54
N ARG A 331 9.12 -38.16 -14.84
CA ARG A 331 10.41 -38.19 -14.18
C ARG A 331 10.47 -39.19 -13.03
N GLY A 332 9.32 -39.69 -12.57
CA GLY A 332 9.29 -40.70 -11.54
C GLY A 332 8.85 -40.24 -10.16
N CYS A 333 8.29 -39.05 -10.04
CA CYS A 333 7.84 -38.56 -8.74
C CYS A 333 6.60 -39.33 -8.27
N SER A 334 6.45 -39.40 -6.95
CA SER A 334 5.30 -40.06 -6.35
C SER A 334 4.04 -39.20 -6.53
N LYS A 335 2.89 -39.87 -6.48
CA LYS A 335 1.63 -39.15 -6.60
C LYS A 335 1.26 -38.42 -5.31
N PHE A 336 1.68 -38.93 -4.16
CA PHE A 336 1.36 -38.25 -2.90
C PHE A 336 2.22 -37.02 -2.68
N ARG A 337 3.47 -37.05 -3.11
CA ARG A 337 4.28 -35.83 -3.05
C ARG A 337 3.71 -34.75 -3.96
N LEU A 338 3.25 -35.15 -5.15
CA LEU A 338 2.60 -34.21 -6.05
C LEU A 338 1.29 -33.71 -5.46
N LEU A 339 0.56 -34.57 -4.77
CA LEU A 339 -0.67 -34.16 -4.11
C LEU A 339 -0.40 -33.10 -3.04
N GLY A 340 0.65 -33.29 -2.25
CA GLY A 340 1.02 -32.30 -1.27
C GLY A 340 1.42 -30.98 -1.89
N LYS A 341 2.14 -31.04 -3.02
CA LYS A 341 2.50 -29.82 -3.73
C LYS A 341 1.27 -29.08 -4.26
N ILE A 342 0.30 -29.81 -4.78
CA ILE A 342 -0.93 -29.21 -5.29
C ILE A 342 -1.69 -28.54 -4.16
N ALA A 343 -1.80 -29.23 -3.01
CA ALA A 343 -2.53 -28.67 -1.87
C ALA A 343 -1.86 -27.42 -1.34
N TRP A 344 -0.52 -27.42 -1.27
CA TRP A 344 0.21 -26.26 -0.81
C TRP A 344 0.00 -25.06 -1.73
N ARG A 345 0.07 -25.28 -3.05
CA ARG A 345 -0.12 -24.19 -3.99
C ARG A 345 -1.52 -23.62 -3.92
N SER A 346 -2.54 -24.49 -3.83
CA SER A 346 -3.92 -24.01 -3.74
C SER A 346 -4.15 -23.19 -2.47
N PHE A 347 -3.71 -23.72 -1.33
CA PHE A 347 -3.86 -23.02 -0.07
C PHE A 347 -3.20 -21.65 -0.11
N LEU A 348 -2.01 -21.59 -0.71
CA LEU A 348 -1.24 -20.36 -0.70
C LEU A 348 -1.85 -19.32 -1.64
N LEU A 349 -2.38 -19.75 -2.78
CA LEU A 349 -3.10 -18.86 -3.68
C LEU A 349 -4.32 -18.25 -3.00
N ILE A 350 -5.12 -19.09 -2.33
CA ILE A 350 -6.33 -18.61 -1.67
C ILE A 350 -5.97 -17.61 -0.57
N CYS A 351 -4.95 -17.93 0.23
CA CYS A 351 -4.55 -17.05 1.32
C CYS A 351 -4.06 -15.69 0.83
N ILE A 352 -3.25 -15.69 -0.23
CA ILE A 352 -2.78 -14.43 -0.80
C ILE A 352 -3.95 -13.61 -1.31
N GLY A 353 -4.90 -14.26 -1.98
CA GLY A 353 -6.06 -13.54 -2.47
C GLY A 353 -6.87 -12.89 -1.36
N ILE A 354 -7.13 -13.62 -0.29
CA ILE A 354 -7.95 -13.10 0.79
C ILE A 354 -7.23 -11.97 1.54
N ILE A 355 -5.94 -12.14 1.80
CA ILE A 355 -5.26 -11.27 2.75
C ILE A 355 -4.56 -10.09 2.08
N ILE A 356 -4.11 -10.23 0.84
CA ILE A 356 -3.26 -9.24 0.21
C ILE A 356 -3.97 -8.50 -0.92
N VAL A 357 -4.77 -9.19 -1.71
CA VAL A 357 -5.36 -8.57 -2.90
C VAL A 357 -6.72 -7.97 -2.62
N ASN A 358 -7.61 -8.71 -1.96
CA ASN A 358 -8.98 -8.22 -1.75
C ASN A 358 -9.06 -6.94 -0.94
N PRO A 359 -8.45 -6.80 0.23
CA PRO A 359 -8.77 -5.66 1.09
C PRO A 359 -8.22 -4.36 0.54
N ASN A 360 -8.97 -3.28 0.79
CA ASN A 360 -8.51 -1.92 0.54
C ASN A 360 -8.00 -1.39 1.87
N TYR A 361 -6.68 -1.43 2.03
CA TYR A 361 -6.09 -1.07 3.31
C TYR A 361 -5.92 0.44 3.48
N CYS A 362 -6.21 1.23 2.45
CA CYS A 362 -6.28 2.67 2.60
C CYS A 362 -7.49 3.10 3.42
N LEU A 363 -8.53 2.26 3.48
CA LEU A 363 -9.74 2.59 4.20
C LEU A 363 -9.63 2.35 5.70
N GLY A 364 -8.72 1.48 6.13
CA GLY A 364 -8.53 1.22 7.54
C GLY A 364 -8.14 -0.21 7.81
N PRO A 365 -7.86 -0.51 9.07
CA PRO A 365 -7.44 -1.87 9.44
C PRO A 365 -8.57 -2.88 9.22
N LEU A 366 -8.16 -4.11 8.95
CA LEU A 366 -9.10 -5.17 8.58
C LEU A 366 -9.97 -5.57 9.77
N SER A 367 -11.27 -5.67 9.53
CA SER A 367 -12.21 -6.27 10.46
C SER A 367 -12.92 -7.42 9.77
N TRP A 368 -13.27 -8.45 10.55
CA TRP A 368 -13.77 -9.68 9.97
C TRP A 368 -15.10 -9.46 9.25
N ASP A 369 -15.98 -8.64 9.84
CA ASP A 369 -17.29 -8.43 9.24
C ASP A 369 -17.22 -7.68 7.91
N LYS A 370 -16.08 -7.10 7.56
CA LYS A 370 -15.92 -6.38 6.31
C LYS A 370 -14.99 -7.11 5.35
N VAL A 371 -14.75 -8.40 5.57
CA VAL A 371 -13.79 -9.16 4.79
C VAL A 371 -14.49 -9.84 3.64
N ARG A 372 -14.01 -9.63 2.43
CA ARG A 372 -14.54 -10.29 1.24
C ARG A 372 -13.82 -11.62 1.06
N ILE A 373 -14.59 -12.71 1.07
CA ILE A 373 -14.05 -14.06 0.99
C ILE A 373 -13.76 -14.47 -0.45
N PRO A 374 -14.65 -14.24 -1.43
CA PRO A 374 -14.32 -14.62 -2.81
C PRO A 374 -13.35 -13.64 -3.46
N GLY A 375 -12.86 -14.04 -4.63
CA GLY A 375 -11.88 -13.23 -5.32
C GLY A 375 -11.23 -14.00 -6.45
N VAL A 376 -10.27 -13.34 -7.09
CA VAL A 376 -9.63 -13.87 -8.29
C VAL A 376 -8.70 -15.03 -7.95
N LEU A 377 -7.82 -14.84 -6.96
CA LEU A 377 -6.87 -15.88 -6.61
C LEU A 377 -7.53 -17.02 -5.85
N GLN A 378 -8.60 -16.74 -5.13
CA GLN A 378 -9.39 -17.80 -4.50
C GLN A 378 -10.04 -18.68 -5.56
N ARG A 379 -10.58 -18.07 -6.61
CA ARG A 379 -11.12 -18.82 -7.73
C ARG A 379 -10.06 -19.68 -8.38
N LEU A 380 -8.89 -19.10 -8.63
CA LEU A 380 -7.80 -19.85 -9.24
C LEU A 380 -7.33 -20.99 -8.34
N GLY A 381 -7.27 -20.76 -7.03
CA GLY A 381 -6.84 -21.81 -6.12
C GLY A 381 -7.81 -22.98 -6.06
N VAL A 382 -9.10 -22.70 -5.97
CA VAL A 382 -10.08 -23.78 -5.94
C VAL A 382 -10.12 -24.53 -7.27
N THR A 383 -10.09 -23.79 -8.38
CA THR A 383 -10.09 -24.43 -9.69
C THR A 383 -8.83 -25.27 -9.90
N TYR A 384 -7.68 -24.74 -9.50
CA TYR A 384 -6.43 -25.48 -9.61
C TYR A 384 -6.49 -26.76 -8.79
N PHE A 385 -6.98 -26.68 -7.56
CA PHE A 385 -7.05 -27.89 -6.74
C PHE A 385 -7.91 -28.95 -7.40
N VAL A 386 -9.13 -28.59 -7.83
CA VAL A 386 -10.04 -29.60 -8.37
C VAL A 386 -9.47 -30.20 -9.65
N VAL A 387 -9.01 -29.36 -10.57
CA VAL A 387 -8.58 -29.86 -11.88
C VAL A 387 -7.27 -30.63 -11.74
N ALA A 388 -6.33 -30.13 -10.93
CA ALA A 388 -5.06 -30.82 -10.74
C ALA A 388 -5.24 -32.16 -10.04
N VAL A 389 -6.12 -32.23 -9.04
CA VAL A 389 -6.35 -33.50 -8.36
C VAL A 389 -7.04 -34.48 -9.29
N LEU A 390 -7.96 -34.00 -10.13
CA LEU A 390 -8.60 -34.87 -11.10
C LEU A 390 -7.60 -35.44 -12.10
N GLU A 391 -6.73 -34.58 -12.64
CA GLU A 391 -5.69 -35.04 -13.55
C GLU A 391 -4.74 -36.02 -12.89
N LEU A 392 -4.34 -35.73 -11.65
CA LEU A 392 -3.44 -36.63 -10.92
C LEU A 392 -4.09 -37.98 -10.69
N LEU A 393 -5.37 -37.99 -10.34
CA LEU A 393 -6.02 -39.22 -9.95
C LEU A 393 -6.24 -40.13 -11.15
N PHE A 394 -6.51 -39.55 -12.33
CA PHE A 394 -6.67 -40.34 -13.55
C PHE A 394 -5.51 -40.16 -14.52
N ALA A 395 -4.30 -39.95 -14.02
CA ALA A 395 -3.16 -39.68 -14.88
C ALA A 395 -2.75 -40.93 -15.64
N LYS A 396 -2.38 -40.74 -16.91
CA LYS A 396 -1.87 -41.78 -17.77
C LYS A 396 -0.64 -41.30 -18.51
N PRO A 397 0.31 -42.18 -18.80
CA PRO A 397 1.46 -41.78 -19.62
C PRO A 397 1.04 -41.47 -21.05
N VAL A 398 1.75 -40.52 -21.65
CA VAL A 398 1.45 -40.10 -23.02
C VAL A 398 2.01 -41.14 -23.97
N PRO A 399 1.18 -41.74 -24.81
CA PRO A 399 1.65 -42.83 -25.69
C PRO A 399 2.40 -42.27 -26.90
N GLU A 400 2.89 -43.20 -27.72
CA GLU A 400 3.56 -42.85 -28.97
C GLU A 400 2.95 -43.62 -30.12
N CYS A 408 -2.92 -38.86 -39.12
CA CYS A 408 -3.24 -39.46 -37.83
C CYS A 408 -4.61 -39.00 -37.33
N LEU A 409 -5.63 -39.80 -37.65
CA LEU A 409 -7.00 -39.52 -37.22
C LEU A 409 -7.30 -40.44 -36.04
N SER A 410 -7.02 -39.94 -34.84
CA SER A 410 -7.26 -40.70 -33.61
C SER A 410 -7.78 -39.77 -32.54
N LEU A 411 -8.47 -40.36 -31.56
CA LEU A 411 -9.10 -39.64 -30.48
C LEU A 411 -8.53 -40.09 -29.13
N ARG A 412 -7.23 -40.40 -29.09
CA ARG A 412 -6.63 -40.92 -27.87
C ARG A 412 -6.64 -39.88 -26.76
N ASP A 413 -6.34 -38.62 -27.08
CA ASP A 413 -6.32 -37.59 -26.05
C ASP A 413 -7.71 -37.33 -25.47
N ILE A 414 -8.76 -37.80 -26.11
CA ILE A 414 -10.12 -37.64 -25.61
C ILE A 414 -10.61 -38.89 -24.90
N THR A 415 -10.40 -40.07 -25.51
CA THR A 415 -10.92 -41.30 -24.93
C THR A 415 -10.09 -41.78 -23.74
N SER A 416 -8.80 -41.41 -23.68
CA SER A 416 -8.01 -41.81 -22.53
C SER A 416 -8.37 -41.04 -21.27
N SER A 417 -9.18 -39.99 -21.38
CA SER A 417 -9.59 -39.19 -20.24
C SER A 417 -11.10 -39.09 -20.17
N TRP A 418 -11.79 -40.21 -20.40
CA TRP A 418 -13.24 -40.21 -20.34
C TRP A 418 -13.79 -40.09 -18.92
N PRO A 419 -13.12 -40.59 -17.86
CA PRO A 419 -13.64 -40.28 -16.52
C PRO A 419 -13.64 -38.80 -16.19
N GLN A 420 -12.60 -38.09 -16.62
CA GLN A 420 -12.56 -36.64 -16.47
C GLN A 420 -13.72 -35.98 -17.18
N TRP A 421 -14.00 -36.41 -18.42
CA TRP A 421 -15.08 -35.81 -19.19
C TRP A 421 -16.43 -36.09 -18.56
N LEU A 422 -16.63 -37.30 -18.05
CA LEU A 422 -17.90 -37.63 -17.40
C LEU A 422 -18.12 -36.76 -16.17
N LEU A 423 -17.08 -36.58 -15.35
CA LEU A 423 -17.22 -35.74 -14.17
C LEU A 423 -17.44 -34.28 -14.54
N ILE A 424 -16.81 -33.81 -15.62
CA ILE A 424 -17.00 -32.44 -16.04
C ILE A 424 -18.41 -32.20 -16.56
N LEU A 425 -18.96 -33.17 -17.29
CA LEU A 425 -20.32 -33.02 -17.77
C LEU A 425 -21.34 -33.10 -16.64
N VAL A 426 -21.04 -33.88 -15.59
CA VAL A 426 -21.92 -33.90 -14.43
C VAL A 426 -21.90 -32.56 -13.70
N LEU A 427 -20.72 -31.96 -13.56
CA LEU A 427 -20.64 -30.62 -12.95
C LEU A 427 -21.38 -29.59 -13.79
N GLU A 428 -21.26 -29.67 -15.11
CA GLU A 428 -21.98 -28.72 -15.97
C GLU A 428 -23.49 -28.90 -15.84
N GLY A 429 -23.96 -30.14 -15.77
CA GLY A 429 -25.36 -30.37 -15.53
C GLY A 429 -25.82 -29.81 -14.19
N LEU A 430 -24.95 -29.90 -13.18
CA LEU A 430 -25.25 -29.30 -11.88
C LEU A 430 -25.39 -27.78 -11.98
N TRP A 431 -24.49 -27.13 -12.72
CA TRP A 431 -24.58 -25.69 -12.90
C TRP A 431 -25.87 -25.29 -13.59
N LEU A 432 -26.23 -26.02 -14.66
CA LEU A 432 -27.46 -25.70 -15.38
C LEU A 432 -28.69 -25.93 -14.50
N GLY A 433 -28.72 -27.03 -13.76
CA GLY A 433 -29.85 -27.30 -12.91
C GLY A 433 -30.02 -26.28 -11.80
N LEU A 434 -28.91 -25.86 -11.19
CA LEU A 434 -29.00 -24.85 -10.13
C LEU A 434 -29.35 -23.49 -10.70
N THR A 435 -28.87 -23.17 -11.89
CA THR A 435 -29.11 -21.86 -12.48
C THR A 435 -30.55 -21.70 -12.95
N PHE A 436 -31.17 -22.77 -13.45
CA PHE A 436 -32.48 -22.67 -14.06
C PHE A 436 -33.61 -23.26 -13.26
N LEU A 437 -33.33 -24.12 -12.28
CA LEU A 437 -34.37 -24.82 -11.57
C LEU A 437 -34.39 -24.57 -10.07
N LEU A 438 -33.34 -24.01 -9.49
CA LEU A 438 -33.36 -23.72 -8.07
C LEU A 438 -34.29 -22.56 -7.79
N PRO A 439 -35.30 -22.72 -6.93
CA PRO A 439 -36.17 -21.59 -6.57
C PRO A 439 -35.47 -20.65 -5.60
N VAL A 440 -35.48 -19.37 -5.93
CA VAL A 440 -34.93 -18.30 -5.11
C VAL A 440 -36.11 -17.53 -4.50
N PRO A 441 -36.21 -17.44 -3.18
CA PRO A 441 -37.39 -16.80 -2.58
C PRO A 441 -37.51 -15.34 -2.95
N GLY A 442 -38.73 -14.91 -3.21
CA GLY A 442 -38.96 -13.53 -3.61
C GLY A 442 -38.30 -13.18 -4.92
N CYS A 443 -38.27 -14.12 -5.86
CA CYS A 443 -37.52 -13.96 -7.10
C CYS A 443 -37.95 -15.02 -8.09
N PRO A 444 -37.96 -14.73 -9.39
CA PRO A 444 -38.33 -15.75 -10.37
C PRO A 444 -37.29 -16.86 -10.43
N THR A 445 -37.75 -18.05 -10.81
CA THR A 445 -36.86 -19.19 -10.98
C THR A 445 -36.20 -19.13 -12.34
N GLY A 446 -34.89 -19.34 -12.38
CA GLY A 446 -34.15 -19.23 -13.62
C GLY A 446 -33.85 -17.81 -14.03
N TYR A 447 -33.76 -16.89 -13.07
CA TYR A 447 -33.59 -15.48 -13.38
C TYR A 447 -32.15 -15.19 -13.75
N LEU A 448 -31.93 -14.69 -14.95
CA LEU A 448 -30.62 -14.28 -15.43
C LEU A 448 -30.72 -12.79 -15.73
N GLY A 449 -30.56 -11.97 -14.70
CA GLY A 449 -30.75 -10.54 -14.86
C GLY A 449 -30.05 -9.78 -13.77
N PRO A 450 -29.87 -8.47 -13.98
CA PRO A 450 -29.12 -7.66 -13.00
C PRO A 450 -29.96 -7.10 -11.87
N GLY A 451 -31.28 -7.23 -11.90
CA GLY A 451 -32.08 -6.52 -10.93
C GLY A 451 -31.98 -5.02 -11.16
N GLY A 452 -32.01 -4.28 -10.06
CA GLY A 452 -31.96 -2.83 -10.15
C GLY A 452 -33.14 -2.29 -10.92
N ILE A 453 -32.85 -1.38 -11.87
CA ILE A 453 -33.88 -0.86 -12.77
C ILE A 453 -34.11 -1.74 -13.98
N GLY A 454 -33.29 -2.78 -14.16
CA GLY A 454 -33.44 -3.64 -15.30
C GLY A 454 -34.62 -4.59 -15.17
N ASP A 455 -35.01 -5.15 -16.31
CA ASP A 455 -36.23 -5.95 -16.43
C ASP A 455 -37.44 -5.15 -15.93
N PHE A 456 -37.43 -3.86 -16.23
CA PHE A 456 -38.52 -2.92 -15.89
C PHE A 456 -38.69 -2.78 -14.38
N GLY A 457 -37.61 -2.90 -13.64
CA GLY A 457 -37.63 -2.65 -12.21
C GLY A 457 -38.46 -3.62 -11.40
N LYS A 458 -38.79 -4.78 -11.97
CA LYS A 458 -39.68 -5.73 -11.30
C LYS A 458 -39.00 -6.50 -10.19
N TYR A 459 -37.69 -6.72 -10.30
CA TYR A 459 -36.93 -7.56 -9.37
C TYR A 459 -35.70 -6.79 -8.90
N PRO A 460 -35.90 -5.71 -8.14
CA PRO A 460 -34.76 -4.83 -7.83
C PRO A 460 -33.65 -5.48 -7.02
N ASN A 461 -33.95 -6.51 -6.23
CA ASN A 461 -32.95 -7.12 -5.36
C ASN A 461 -32.52 -8.50 -5.84
N CYS A 462 -32.78 -8.84 -7.10
CA CYS A 462 -32.52 -10.15 -7.66
C CYS A 462 -31.27 -10.19 -8.52
N THR A 463 -30.25 -9.41 -8.19
CA THR A 463 -29.03 -9.40 -8.96
C THR A 463 -28.31 -10.74 -8.80
N GLY A 464 -28.29 -11.54 -9.87
CA GLY A 464 -27.58 -12.80 -9.90
C GLY A 464 -28.46 -14.02 -9.88
N GLY A 465 -29.70 -13.92 -9.40
CA GLY A 465 -30.57 -15.08 -9.36
C GLY A 465 -30.07 -16.12 -8.38
N ALA A 466 -29.93 -17.35 -8.86
CA ALA A 466 -29.48 -18.44 -8.01
C ALA A 466 -28.04 -18.23 -7.54
N ALA A 467 -27.19 -17.68 -8.40
CA ALA A 467 -25.79 -17.45 -8.02
C ALA A 467 -25.69 -16.46 -6.87
N GLY A 468 -26.38 -15.33 -6.97
CA GLY A 468 -26.37 -14.37 -5.90
C GLY A 468 -27.04 -14.88 -4.64
N TYR A 469 -28.11 -15.66 -4.81
CA TYR A 469 -28.80 -16.23 -3.66
C TYR A 469 -27.90 -17.21 -2.90
N ILE A 470 -27.15 -18.03 -3.62
CA ILE A 470 -26.26 -18.99 -2.96
C ILE A 470 -25.10 -18.26 -2.28
N ASP A 471 -24.58 -17.20 -2.90
CA ASP A 471 -23.56 -16.40 -2.23
C ASP A 471 -24.08 -15.76 -0.96
N ARG A 472 -25.25 -15.12 -1.03
CA ARG A 472 -25.82 -14.46 0.14
C ARG A 472 -26.26 -15.45 1.20
N LEU A 473 -26.53 -16.71 0.84
CA LEU A 473 -26.92 -17.69 1.82
C LEU A 473 -25.71 -18.29 2.54
N LEU A 474 -24.66 -18.64 1.80
CA LEU A 474 -23.53 -19.32 2.43
C LEU A 474 -22.50 -18.36 3.02
N LEU A 475 -22.37 -17.15 2.49
CA LEU A 475 -21.37 -16.22 2.98
C LEU A 475 -21.95 -14.97 3.63
N GLY A 476 -23.09 -14.50 3.16
CA GLY A 476 -23.65 -13.25 3.64
C GLY A 476 -23.23 -12.07 2.80
N ASP A 477 -24.02 -10.99 2.89
CA ASP A 477 -23.82 -9.82 2.06
C ASP A 477 -22.47 -9.17 2.33
N ASP A 478 -22.06 -9.10 3.59
CA ASP A 478 -20.88 -8.34 3.99
C ASP A 478 -19.58 -8.99 3.56
N HIS A 479 -19.61 -10.25 3.15
CA HIS A 479 -18.42 -10.96 2.69
C HIS A 479 -18.35 -11.08 1.17
N LEU A 480 -19.21 -10.35 0.46
CA LEU A 480 -19.25 -10.37 -1.00
C LEU A 480 -18.68 -9.06 -1.53
N TYR A 481 -18.55 -9.02 -2.86
CA TYR A 481 -18.13 -7.81 -3.55
C TYR A 481 -19.20 -6.74 -3.42
N GLN A 482 -18.79 -5.54 -3.00
CA GLN A 482 -19.72 -4.46 -2.74
C GLN A 482 -19.89 -3.51 -3.91
N HIS A 483 -19.12 -3.68 -4.98
CA HIS A 483 -19.21 -2.81 -6.16
C HIS A 483 -19.36 -3.63 -7.44
N PRO A 484 -20.46 -4.36 -7.60
CA PRO A 484 -20.67 -5.08 -8.85
C PRO A 484 -20.77 -4.13 -10.02
N SER A 485 -20.36 -4.62 -11.20
CA SER A 485 -20.29 -3.78 -12.38
C SER A 485 -21.66 -3.33 -12.87
N SER A 486 -22.74 -3.94 -12.38
CA SER A 486 -24.09 -3.56 -12.80
C SER A 486 -24.61 -2.34 -12.06
N ALA A 487 -23.89 -1.84 -11.06
CA ALA A 487 -24.38 -0.76 -10.23
C ALA A 487 -24.51 0.55 -11.00
N VAL A 488 -23.65 0.78 -11.99
CA VAL A 488 -23.65 2.09 -12.65
C VAL A 488 -24.72 2.18 -13.72
N LEU A 489 -25.03 1.08 -14.41
CA LEU A 489 -26.04 1.14 -15.47
C LEU A 489 -27.42 0.73 -14.97
N TYR A 490 -27.51 -0.23 -14.07
CA TYR A 490 -28.80 -0.74 -13.61
C TYR A 490 -29.15 -0.31 -12.20
N HIS A 491 -28.24 0.36 -11.50
CA HIS A 491 -28.51 0.94 -10.18
C HIS A 491 -28.91 -0.15 -9.18
N THR A 492 -28.12 -1.22 -9.15
CA THR A 492 -28.35 -2.29 -8.20
C THR A 492 -27.81 -1.90 -6.83
N GLU A 493 -28.55 -2.27 -5.80
CA GLU A 493 -28.14 -1.96 -4.43
C GLU A 493 -27.59 -3.15 -3.68
N VAL A 494 -27.95 -4.36 -4.05
CA VAL A 494 -27.45 -5.54 -3.36
C VAL A 494 -26.02 -5.83 -3.78
N ALA A 495 -25.29 -6.51 -2.89
CA ALA A 495 -23.93 -6.92 -3.19
C ALA A 495 -23.95 -8.20 -4.01
N TYR A 496 -23.18 -8.21 -5.09
CA TYR A 496 -23.00 -9.41 -5.91
C TYR A 496 -21.52 -9.64 -6.11
N ASP A 497 -21.10 -10.90 -5.98
CA ASP A 497 -19.69 -11.25 -6.16
C ASP A 497 -19.49 -11.92 -7.51
N PRO A 498 -18.74 -11.31 -8.44
CA PRO A 498 -18.47 -11.97 -9.72
C PRO A 498 -17.72 -13.29 -9.59
N GLU A 499 -16.84 -13.41 -8.60
CA GLU A 499 -16.12 -14.65 -8.32
C GLU A 499 -16.80 -15.47 -7.23
N GLY A 500 -18.10 -15.72 -7.37
CA GLY A 500 -18.85 -16.41 -6.35
C GLY A 500 -18.74 -17.92 -6.44
N ILE A 501 -19.60 -18.59 -5.67
CA ILE A 501 -19.49 -20.04 -5.48
C ILE A 501 -19.95 -20.78 -6.73
N LEU A 502 -21.09 -20.38 -7.29
CA LEU A 502 -21.73 -21.17 -8.34
C LEU A 502 -20.91 -21.17 -9.63
N GLY A 503 -20.29 -20.04 -9.96
CA GLY A 503 -19.51 -19.95 -11.18
C GLY A 503 -18.18 -20.67 -11.15
N THR A 504 -17.80 -21.22 -10.00
CA THR A 504 -16.59 -22.04 -9.92
C THR A 504 -16.72 -23.30 -10.77
N ILE A 505 -17.95 -23.78 -10.99
CA ILE A 505 -18.15 -24.92 -11.87
C ILE A 505 -17.70 -24.58 -13.29
N ASN A 506 -18.10 -23.42 -13.79
CA ASN A 506 -17.72 -23.02 -15.14
C ASN A 506 -16.25 -22.60 -15.20
N SER A 507 -15.70 -22.12 -14.09
CA SER A 507 -14.27 -21.90 -14.01
C SER A 507 -13.50 -23.20 -14.16
N ILE A 508 -14.00 -24.27 -13.54
CA ILE A 508 -13.38 -25.59 -13.67
C ILE A 508 -13.51 -26.11 -15.09
N VAL A 509 -14.65 -25.87 -15.73
CA VAL A 509 -14.83 -26.30 -17.12
C VAL A 509 -13.85 -25.58 -18.04
N MET A 510 -13.64 -24.29 -17.82
CA MET A 510 -12.66 -23.55 -18.60
C MET A 510 -11.25 -24.10 -18.41
N ALA A 511 -10.87 -24.40 -17.17
CA ALA A 511 -9.55 -24.97 -16.90
C ALA A 511 -9.39 -26.34 -17.54
N PHE A 512 -10.46 -27.14 -17.57
CA PHE A 512 -10.37 -28.46 -18.18
C PHE A 512 -10.26 -28.38 -19.70
N LEU A 513 -10.85 -27.36 -20.32
CA LEU A 513 -10.61 -27.14 -21.74
C LEU A 513 -9.17 -26.75 -22.01
N GLY A 514 -8.57 -25.97 -21.11
CA GLY A 514 -7.14 -25.73 -21.19
C GLY A 514 -6.32 -26.99 -21.05
N VAL A 515 -6.76 -27.90 -20.18
CA VAL A 515 -6.09 -29.19 -20.03
C VAL A 515 -6.14 -29.98 -21.34
N GLN A 516 -7.26 -29.90 -22.04
CA GLN A 516 -7.37 -30.56 -23.34
C GLN A 516 -6.40 -29.96 -24.35
N ALA A 517 -6.22 -28.64 -24.32
CA ALA A 517 -5.23 -28.02 -25.20
C ALA A 517 -3.83 -28.55 -24.91
N GLY A 518 -3.47 -28.68 -23.64
CA GLY A 518 -2.18 -29.25 -23.29
C GLY A 518 -2.05 -30.71 -23.70
N LYS A 519 -3.15 -31.47 -23.60
CA LYS A 519 -3.13 -32.85 -24.06
C LYS A 519 -2.87 -32.94 -25.55
N ILE A 520 -3.50 -32.06 -26.34
CA ILE A 520 -3.22 -32.02 -27.77
C ILE A 520 -1.74 -31.70 -28.00
N LEU A 521 -1.20 -30.75 -27.25
CA LEU A 521 0.18 -30.33 -27.47
C LEU A 521 1.16 -31.47 -27.19
N LEU A 522 0.88 -32.29 -26.19
CA LEU A 522 1.84 -33.32 -25.80
C LEU A 522 1.61 -34.66 -26.49
N TYR A 523 0.37 -34.97 -26.89
CA TYR A 523 0.09 -36.23 -27.55
C TYR A 523 0.57 -36.24 -29.00
N TYR A 524 0.53 -35.10 -29.67
CA TYR A 524 0.83 -35.01 -31.10
C TYR A 524 1.97 -34.04 -31.37
N LYS A 525 2.95 -33.94 -30.46
CA LYS A 525 4.01 -32.97 -30.65
C LYS A 525 4.91 -33.32 -31.83
N ALA A 526 4.96 -34.60 -32.23
CA ALA A 526 5.76 -34.99 -33.38
C ALA A 526 5.14 -34.53 -34.70
N ARG A 527 3.87 -34.13 -34.70
CA ARG A 527 3.17 -33.75 -35.92
C ARG A 527 2.55 -32.37 -35.70
N THR A 528 3.04 -31.37 -36.43
CA THR A 528 2.44 -30.04 -36.35
C THR A 528 1.05 -30.04 -36.98
N LYS A 529 0.86 -30.79 -38.07
CA LYS A 529 -0.42 -30.82 -38.75
C LYS A 529 -1.53 -31.35 -37.84
N ASP A 530 -1.23 -32.38 -37.05
CA ASP A 530 -2.22 -32.91 -36.12
C ASP A 530 -2.63 -31.88 -35.08
N ILE A 531 -1.65 -31.16 -34.53
CA ILE A 531 -1.94 -30.14 -33.53
C ILE A 531 -2.81 -29.04 -34.11
N LEU A 532 -2.48 -28.58 -35.33
CA LEU A 532 -3.26 -27.50 -35.93
C LEU A 532 -4.66 -27.95 -36.29
N ILE A 533 -4.81 -29.19 -36.76
CA ILE A 533 -6.14 -29.71 -37.08
C ILE A 533 -7.01 -29.77 -35.83
N ARG A 534 -6.43 -30.24 -34.71
CA ARG A 534 -7.22 -30.39 -33.50
C ARG A 534 -7.55 -29.03 -32.87
N PHE A 535 -6.63 -28.07 -32.92
CA PHE A 535 -6.93 -26.73 -32.43
C PHE A 535 -8.06 -26.11 -33.25
N THR A 536 -8.02 -26.27 -34.58
CA THR A 536 -9.09 -25.75 -35.43
C THR A 536 -10.42 -26.42 -35.10
N ALA A 537 -10.43 -27.73 -34.92
CA ALA A 537 -11.67 -28.44 -34.65
C ALA A 537 -12.28 -28.00 -33.33
N TRP A 538 -11.47 -27.88 -32.28
CA TRP A 538 -12.00 -27.46 -30.99
C TRP A 538 -12.52 -26.03 -31.05
N CYS A 539 -11.79 -25.14 -31.74
CA CYS A 539 -12.26 -23.76 -31.90
C CYS A 539 -13.61 -23.72 -32.60
N CYS A 540 -13.78 -24.51 -33.65
CA CYS A 540 -15.05 -24.50 -34.39
C CYS A 540 -16.19 -25.08 -33.57
N ILE A 541 -15.96 -26.18 -32.85
CA ILE A 541 -17.02 -26.78 -32.04
C ILE A 541 -17.47 -25.81 -30.95
N LEU A 542 -16.52 -25.21 -30.25
CA LEU A 542 -16.89 -24.30 -29.17
C LEU A 542 -17.54 -23.03 -29.70
N GLY A 543 -17.11 -22.56 -30.88
CA GLY A 543 -17.77 -21.42 -31.49
C GLY A 543 -19.20 -21.71 -31.89
N LEU A 544 -19.46 -22.91 -32.41
CA LEU A 544 -20.83 -23.27 -32.76
C LEU A 544 -21.72 -23.37 -31.53
N ILE A 545 -21.18 -23.91 -30.43
CA ILE A 545 -21.94 -23.95 -29.19
C ILE A 545 -22.27 -22.53 -28.72
N SER A 546 -21.30 -21.61 -28.82
CA SER A 546 -21.55 -20.23 -28.43
C SER A 546 -22.62 -19.58 -29.30
N VAL A 547 -22.58 -19.83 -30.61
CA VAL A 547 -23.58 -19.28 -31.51
C VAL A 547 -24.97 -19.79 -31.13
N ALA A 548 -25.10 -21.08 -30.85
CA ALA A 548 -26.39 -21.64 -30.49
C ALA A 548 -26.89 -21.07 -29.15
N LEU A 549 -25.99 -20.91 -28.17
CA LEU A 549 -26.44 -20.47 -26.85
C LEU A 549 -26.80 -19.00 -26.83
N THR A 550 -26.05 -18.16 -27.54
CA THR A 550 -26.28 -16.73 -27.48
C THR A 550 -27.21 -16.20 -28.57
N LYS A 551 -27.43 -16.97 -29.63
CA LYS A 551 -28.16 -16.52 -30.81
C LYS A 551 -27.54 -15.26 -31.42
N VAL A 552 -26.24 -15.07 -31.18
CA VAL A 552 -25.46 -13.95 -31.70
C VAL A 552 -26.15 -12.65 -31.32
N SER A 553 -26.27 -12.41 -30.02
CA SER A 553 -26.89 -11.19 -29.51
C SER A 553 -26.44 -11.00 -28.07
N GLU A 554 -26.66 -9.81 -27.54
CA GLU A 554 -26.19 -9.51 -26.20
C GLU A 554 -27.14 -10.02 -25.12
N ASN A 555 -28.46 -9.97 -25.35
CA ASN A 555 -29.43 -10.23 -24.31
C ASN A 555 -30.51 -11.24 -24.68
N GLU A 556 -30.52 -11.78 -25.89
CA GLU A 556 -31.67 -12.54 -26.38
C GLU A 556 -31.41 -14.04 -26.48
N GLY A 557 -30.23 -14.53 -26.11
CA GLY A 557 -29.97 -15.95 -26.20
C GLY A 557 -30.53 -16.72 -25.03
N PHE A 558 -30.48 -18.05 -25.15
CA PHE A 558 -30.88 -18.91 -24.05
C PHE A 558 -29.95 -18.71 -22.85
N ILE A 559 -28.66 -18.64 -23.10
CA ILE A 559 -27.68 -18.26 -22.08
C ILE A 559 -26.81 -17.15 -22.66
N PRO A 560 -27.14 -15.88 -22.45
CA PRO A 560 -26.28 -14.79 -22.94
C PRO A 560 -24.94 -14.76 -22.23
N VAL A 561 -23.95 -14.19 -22.92
CA VAL A 561 -22.60 -14.09 -22.36
C VAL A 561 -22.61 -13.14 -21.18
N ASN A 562 -22.05 -13.58 -20.06
CA ASN A 562 -22.10 -12.82 -18.82
C ASN A 562 -20.92 -13.23 -17.97
N LYS A 563 -20.02 -12.28 -17.72
CA LYS A 563 -18.86 -12.54 -16.89
C LYS A 563 -19.20 -12.60 -15.40
N ASN A 564 -20.22 -11.84 -14.97
CA ASN A 564 -20.61 -11.87 -13.57
C ASN A 564 -21.13 -13.25 -13.17
N LEU A 565 -21.88 -13.89 -14.06
CA LEU A 565 -22.42 -15.21 -13.81
C LEU A 565 -21.48 -16.33 -14.21
N TRP A 566 -20.39 -16.02 -14.92
CA TRP A 566 -19.49 -17.03 -15.48
C TRP A 566 -20.31 -18.09 -16.25
N SER A 567 -21.03 -17.59 -17.24
CA SER A 567 -22.00 -18.37 -17.99
C SER A 567 -21.31 -19.48 -18.79
N LEU A 568 -22.11 -20.43 -19.24
CA LEU A 568 -21.58 -21.46 -20.12
C LEU A 568 -21.18 -20.88 -21.48
N SER A 569 -21.96 -19.95 -22.01
CA SER A 569 -21.63 -19.33 -23.28
C SER A 569 -20.42 -18.40 -23.15
N TYR A 570 -20.25 -17.77 -21.99
CA TYR A 570 -19.03 -17.03 -21.71
C TYR A 570 -17.81 -17.93 -21.84
N VAL A 571 -17.88 -19.12 -21.25
CA VAL A 571 -16.76 -20.05 -21.25
C VAL A 571 -16.50 -20.60 -22.64
N THR A 572 -17.55 -20.99 -23.37
CA THR A 572 -17.35 -21.53 -24.71
C THR A 572 -16.82 -20.47 -25.67
N THR A 573 -17.31 -19.24 -25.55
CA THR A 573 -16.81 -18.16 -26.41
C THR A 573 -15.33 -17.90 -26.16
N LEU A 574 -14.94 -17.74 -24.91
CA LEU A 574 -13.55 -17.42 -24.61
C LEU A 574 -12.64 -18.62 -24.85
N SER A 575 -13.17 -19.84 -24.75
CA SER A 575 -12.38 -21.03 -25.06
C SER A 575 -12.11 -21.14 -26.53
N SER A 576 -13.09 -20.83 -27.38
CA SER A 576 -12.84 -20.83 -28.82
C SER A 576 -11.87 -19.73 -29.19
N PHE A 577 -11.95 -18.57 -28.53
CA PHE A 577 -10.93 -17.55 -28.72
C PHE A 577 -9.55 -18.06 -28.35
N ALA A 578 -9.43 -18.77 -27.22
CA ALA A 578 -8.13 -19.26 -26.78
C ALA A 578 -7.57 -20.32 -27.71
N PHE A 579 -8.42 -21.21 -28.22
CA PHE A 579 -7.96 -22.22 -29.17
C PHE A 579 -7.49 -21.57 -30.47
N PHE A 580 -8.17 -20.51 -30.91
CA PHE A 580 -7.71 -19.79 -32.10
C PHE A 580 -6.41 -19.06 -31.85
N ILE A 581 -6.26 -18.46 -30.67
CA ILE A 581 -5.01 -17.77 -30.34
C ILE A 581 -3.85 -18.76 -30.35
N LEU A 582 -4.06 -19.95 -29.79
CA LEU A 582 -3.02 -20.97 -29.81
C LEU A 582 -2.77 -21.48 -31.23
N LEU A 583 -3.82 -21.61 -32.03
CA LEU A 583 -3.68 -22.00 -33.42
C LEU A 583 -2.76 -21.05 -34.17
N VAL A 584 -2.80 -19.77 -33.83
CA VAL A 584 -1.94 -18.80 -34.49
C VAL A 584 -0.56 -18.76 -33.85
N LEU A 585 -0.49 -18.82 -32.52
CA LEU A 585 0.76 -18.61 -31.81
C LEU A 585 1.70 -19.81 -31.88
N TYR A 586 1.16 -21.03 -31.91
CA TYR A 586 2.04 -22.21 -31.87
C TYR A 586 2.95 -22.31 -33.09
N PRO A 587 2.46 -22.28 -34.33
CA PRO A 587 3.40 -22.41 -35.46
C PRO A 587 4.29 -21.19 -35.64
N VAL A 588 3.80 -20.00 -35.32
CA VAL A 588 4.59 -18.79 -35.53
C VAL A 588 5.76 -18.73 -34.55
N VAL A 589 5.51 -19.07 -33.29
CA VAL A 589 6.47 -18.86 -32.22
C VAL A 589 7.26 -20.12 -31.91
N ASP A 590 6.60 -21.27 -31.81
CA ASP A 590 7.26 -22.49 -31.37
C ASP A 590 7.84 -23.33 -32.50
N VAL A 591 7.17 -23.39 -33.64
CA VAL A 591 7.60 -24.30 -34.70
C VAL A 591 8.52 -23.59 -35.68
N LYS A 592 7.99 -22.55 -36.35
CA LYS A 592 8.79 -21.84 -37.34
C LYS A 592 9.79 -20.89 -36.70
N GLY A 593 9.44 -20.28 -35.57
CA GLY A 593 10.34 -19.35 -34.94
C GLY A 593 10.43 -18.00 -35.61
N LEU A 594 9.43 -17.61 -36.40
CA LEU A 594 9.45 -16.30 -37.03
C LEU A 594 9.43 -15.18 -36.01
N TRP A 595 8.82 -15.43 -34.86
CA TRP A 595 8.69 -14.46 -33.78
C TRP A 595 9.06 -15.15 -32.49
N THR A 596 9.71 -14.43 -31.59
CA THR A 596 10.13 -14.99 -30.32
C THR A 596 9.16 -14.71 -29.18
N GLY A 597 8.07 -14.01 -29.45
CA GLY A 597 7.14 -13.61 -28.41
C GLY A 597 7.45 -12.32 -27.71
N THR A 598 8.50 -11.60 -28.13
CA THR A 598 8.85 -10.36 -27.47
C THR A 598 7.77 -9.29 -27.71
N PRO A 599 7.47 -8.47 -26.72
CA PRO A 599 7.98 -8.47 -25.35
C PRO A 599 7.02 -9.18 -24.40
N PHE A 600 6.22 -10.12 -24.91
CA PHE A 600 5.10 -10.64 -24.15
C PHE A 600 5.50 -11.78 -23.21
N PHE A 601 6.55 -12.54 -23.53
CA PHE A 601 6.87 -13.67 -22.68
C PHE A 601 7.63 -13.28 -21.42
N TYR A 602 8.16 -12.07 -21.36
CA TYR A 602 8.83 -11.62 -20.14
C TYR A 602 7.88 -11.55 -18.95
N PRO A 603 6.72 -10.89 -19.02
CA PRO A 603 5.77 -11.01 -17.91
C PRO A 603 5.10 -12.37 -17.83
N GLY A 604 4.99 -13.07 -18.97
CA GLY A 604 4.41 -14.40 -18.96
C GLY A 604 5.21 -15.41 -18.18
N MET A 605 6.49 -15.15 -17.96
CA MET A 605 7.31 -16.00 -17.10
C MET A 605 7.37 -15.54 -15.65
N ASN A 606 6.75 -14.41 -15.32
CA ASN A 606 6.68 -13.91 -13.95
C ASN A 606 5.28 -13.41 -13.64
N SER A 607 4.27 -14.17 -14.07
CA SER A 607 2.88 -13.74 -13.96
C SER A 607 2.44 -13.46 -12.53
N ILE A 608 2.76 -14.34 -11.58
CA ILE A 608 2.28 -14.13 -10.22
C ILE A 608 2.93 -12.92 -9.59
N LEU A 609 4.22 -12.71 -9.88
CA LEU A 609 4.91 -11.54 -9.37
C LEU A 609 4.35 -10.26 -9.98
N VAL A 610 4.06 -10.28 -11.28
CA VAL A 610 3.48 -9.10 -11.94
C VAL A 610 2.10 -8.80 -11.38
N TYR A 611 1.27 -9.84 -11.18
CA TYR A 611 -0.08 -9.63 -10.69
C TYR A 611 -0.08 -9.07 -9.27
N VAL A 612 0.62 -9.73 -8.35
CA VAL A 612 0.64 -9.27 -6.97
C VAL A 612 1.32 -7.90 -6.88
N GLY A 613 2.35 -7.67 -7.69
CA GLY A 613 3.00 -6.37 -7.69
C GLY A 613 2.09 -5.25 -8.14
N HIS A 614 1.35 -5.47 -9.23
CA HIS A 614 0.51 -4.38 -9.73
C HIS A 614 -0.66 -4.15 -8.80
N GLU A 615 -1.06 -5.16 -8.02
CA GLU A 615 -2.06 -4.93 -6.98
C GLU A 615 -1.49 -4.14 -5.81
N VAL A 616 -0.29 -4.47 -5.37
CA VAL A 616 0.30 -3.82 -4.19
C VAL A 616 0.68 -2.38 -4.51
N PHE A 617 1.32 -2.14 -5.65
CA PHE A 617 1.88 -0.84 -5.97
C PHE A 617 1.04 -0.04 -6.95
N GLU A 618 -0.29 -0.22 -6.93
CA GLU A 618 -1.14 0.49 -7.88
C GLU A 618 -1.09 2.00 -7.68
N ASN A 619 -1.13 2.45 -6.43
CA ASN A 619 -1.21 3.87 -6.12
C ASN A 619 0.15 4.56 -6.14
N TYR A 620 1.23 3.82 -6.32
CA TYR A 620 2.57 4.37 -6.23
C TYR A 620 2.97 5.06 -7.52
N PHE A 621 3.84 6.05 -7.39
CA PHE A 621 4.61 6.55 -8.51
C PHE A 621 5.65 5.51 -8.89
N PRO A 622 5.95 5.32 -10.19
CA PRO A 622 5.50 6.07 -11.38
C PRO A 622 4.28 5.50 -12.05
N PHE A 623 3.56 4.56 -11.45
CA PHE A 623 2.36 4.03 -12.08
C PHE A 623 1.20 5.02 -11.99
N GLN A 624 1.18 5.84 -10.95
CA GLN A 624 0.07 6.75 -10.70
C GLN A 624 0.64 8.09 -10.23
N TRP A 625 0.22 9.17 -10.88
CA TRP A 625 0.53 10.51 -10.42
C TRP A 625 -0.70 11.37 -10.56
N LYS A 626 -0.62 12.60 -10.07
CA LYS A 626 -1.74 13.52 -10.13
C LYS A 626 -1.82 14.16 -11.50
N LEU A 627 -3.01 14.16 -12.09
CA LEU A 627 -3.21 14.67 -13.44
C LEU A 627 -3.68 16.12 -13.41
N LYS A 628 -3.30 16.86 -14.45
CA LYS A 628 -3.74 18.24 -14.58
C LYS A 628 -5.24 18.32 -14.87
N ASP A 629 -5.77 17.32 -15.57
CA ASP A 629 -7.20 17.23 -15.86
C ASP A 629 -7.66 15.81 -15.61
N ASN A 630 -8.55 15.63 -14.63
CA ASN A 630 -9.09 14.32 -14.32
C ASN A 630 -10.26 13.94 -15.21
N GLN A 631 -10.78 14.87 -16.00
CA GLN A 631 -11.87 14.60 -16.93
C GLN A 631 -11.38 14.47 -18.37
N SER A 632 -10.12 14.11 -18.54
CA SER A 632 -9.50 13.99 -19.84
C SER A 632 -9.18 12.53 -20.12
N HIS A 633 -9.71 12.01 -21.24
CA HIS A 633 -9.38 10.66 -21.68
C HIS A 633 -7.93 10.55 -22.08
N LYS A 634 -7.38 11.60 -22.67
CA LYS A 634 -6.01 11.59 -23.16
C LYS A 634 -5.01 11.40 -22.01
N GLU A 635 -5.20 12.14 -20.92
CA GLU A 635 -4.28 12.05 -19.79
C GLU A 635 -4.38 10.71 -19.09
N HIS A 636 -5.60 10.22 -18.89
CA HIS A 636 -5.78 8.91 -18.27
C HIS A 636 -5.17 7.81 -19.13
N LEU A 637 -5.39 7.87 -20.44
CA LEU A 637 -4.86 6.85 -21.34
C LEU A 637 -3.34 6.87 -21.35
N THR A 638 -2.73 8.07 -21.40
CA THR A 638 -1.28 8.16 -21.38
C THR A 638 -0.72 7.58 -20.10
N GLN A 639 -1.34 7.90 -18.96
CA GLN A 639 -0.87 7.37 -17.69
C GLN A 639 -0.96 5.85 -17.64
N ASN A 640 -2.08 5.29 -18.12
CA ASN A 640 -2.26 3.84 -18.05
C ASN A 640 -1.32 3.10 -18.99
N ILE A 641 -1.07 3.66 -20.17
CA ILE A 641 -0.12 3.06 -21.10
C ILE A 641 1.28 3.08 -20.52
N VAL A 642 1.66 4.20 -19.90
CA VAL A 642 3.01 4.30 -19.33
C VAL A 642 3.18 3.30 -18.18
N ALA A 643 2.16 3.15 -17.34
CA ALA A 643 2.25 2.20 -16.23
C ALA A 643 2.35 0.76 -16.74
N THR A 644 1.58 0.42 -17.78
CA THR A 644 1.68 -0.92 -18.35
C THR A 644 3.06 -1.17 -18.94
N ALA A 645 3.62 -0.18 -19.64
CA ALA A 645 4.97 -0.32 -20.19
C ALA A 645 6.01 -0.49 -19.09
N LEU A 646 5.81 0.19 -17.96
CA LEU A 646 6.72 0.05 -16.83
C LEU A 646 6.68 -1.36 -16.25
N TRP A 647 5.50 -1.97 -16.18
CA TRP A 647 5.44 -3.34 -15.70
C TRP A 647 6.09 -4.33 -16.66
N VAL A 648 5.98 -4.08 -17.97
CA VAL A 648 6.69 -4.91 -18.94
C VAL A 648 8.20 -4.77 -18.76
N LEU A 649 8.67 -3.56 -18.52
CA LEU A 649 10.10 -3.34 -18.29
C LEU A 649 10.58 -4.01 -17.02
N ILE A 650 9.77 -3.97 -15.95
CA ILE A 650 10.13 -4.64 -14.71
C ILE A 650 10.27 -6.14 -14.95
N ALA A 651 9.32 -6.73 -15.69
CA ALA A 651 9.38 -8.15 -15.98
C ALA A 651 10.60 -8.51 -16.82
N TYR A 652 10.97 -7.63 -17.76
CA TYR A 652 12.18 -7.87 -18.55
C TYR A 652 13.42 -7.83 -17.69
N ILE A 653 13.48 -6.90 -16.73
CA ILE A 653 14.63 -6.82 -15.84
C ILE A 653 14.72 -8.06 -14.96
N LEU A 654 13.60 -8.54 -14.46
CA LEU A 654 13.62 -9.78 -13.68
C LEU A 654 14.03 -10.97 -14.53
N TYR A 655 13.63 -10.99 -15.81
CA TYR A 655 14.07 -12.06 -16.69
C TYR A 655 15.57 -12.03 -16.91
N ARG A 656 16.14 -10.84 -17.11
CA ARG A 656 17.57 -10.73 -17.36
C ARG A 656 18.40 -11.11 -16.14
N LYS A 657 17.85 -10.93 -14.95
CA LYS A 657 18.52 -11.32 -13.72
C LYS A 657 18.14 -12.72 -13.28
N LYS A 658 17.34 -13.45 -14.07
CA LYS A 658 16.97 -14.83 -13.82
C LYS A 658 16.22 -15.00 -12.50
N ILE A 659 15.38 -14.02 -12.17
CA ILE A 659 14.56 -14.07 -10.95
C ILE A 659 13.15 -14.45 -11.35
N PHE A 660 12.75 -15.67 -11.01
CA PHE A 660 11.44 -16.20 -11.34
C PHE A 660 10.78 -16.75 -10.09
N TRP A 661 9.57 -16.28 -9.80
CA TRP A 661 8.78 -16.77 -8.67
C TRP A 661 7.64 -17.60 -9.19
N LYS A 662 7.58 -18.87 -8.78
CA LYS A 662 6.46 -19.75 -9.07
C LYS A 662 5.73 -20.02 -7.77
N ILE A 663 4.44 -19.70 -7.74
CA ILE A 663 3.65 -19.88 -6.53
C ILE A 663 3.52 -21.38 -6.27
N ALA B 75 -17.65 6.90 29.25
CA ALA B 75 -16.92 8.15 29.35
C ALA B 75 -16.28 8.52 28.01
N GLU B 76 -15.93 9.79 27.87
CA GLU B 76 -15.28 10.29 26.67
C GLU B 76 -13.80 10.54 26.86
N LEU B 77 -13.16 9.86 27.82
CA LEU B 77 -11.73 9.97 28.01
C LEU B 77 -10.99 9.16 26.96
N LYS B 78 -10.07 9.81 26.26
CA LYS B 78 -9.22 9.11 25.33
C LYS B 78 -8.10 8.41 26.09
N MET B 79 -7.17 7.81 25.35
CA MET B 79 -6.00 7.21 25.95
C MET B 79 -5.16 8.26 26.64
N ASP B 80 -4.72 7.96 27.86
CA ASP B 80 -3.80 8.81 28.63
C ASP B 80 -4.45 10.13 29.02
N GLN B 81 -5.75 10.10 29.31
CA GLN B 81 -6.49 11.25 29.78
C GLN B 81 -7.07 10.93 31.15
N ALA B 82 -7.30 11.96 31.94
CA ALA B 82 -8.01 11.84 33.20
C ALA B 82 -9.11 12.91 33.24
N LEU B 83 -10.14 12.65 34.03
CA LEU B 83 -11.24 13.58 34.21
C LEU B 83 -11.00 14.43 35.44
N LEU B 84 -11.09 15.75 35.27
CA LEU B 84 -10.91 16.70 36.36
C LEU B 84 -12.18 17.54 36.48
N LEU B 85 -12.89 17.37 37.59
CA LEU B 85 -14.07 18.18 37.89
C LEU B 85 -13.68 19.33 38.81
N ILE B 86 -14.07 20.53 38.44
CA ILE B 86 -13.70 21.74 39.19
C ILE B 86 -14.96 22.36 39.73
N HIS B 87 -15.02 22.50 41.06
CA HIS B 87 -16.18 23.06 41.75
C HIS B 87 -15.76 24.38 42.38
N ASN B 88 -16.36 25.47 41.91
CA ASN B 88 -16.02 26.82 42.36
C ASN B 88 -17.03 27.26 43.40
N GLU B 89 -16.61 27.31 44.66
CA GLU B 89 -17.46 27.74 45.75
C GLU B 89 -17.32 29.24 46.04
N LEU B 90 -16.54 29.96 45.23
CA LEU B 90 -16.40 31.39 45.39
C LEU B 90 -17.57 32.11 44.74
N LEU B 91 -18.06 33.15 45.40
CA LEU B 91 -19.27 33.84 44.98
C LEU B 91 -19.02 34.94 43.96
N TRP B 92 -17.92 35.68 44.10
CA TRP B 92 -17.72 36.90 43.33
C TRP B 92 -16.47 36.87 42.45
N THR B 93 -15.96 35.68 42.12
CA THR B 93 -14.80 35.56 41.25
C THR B 93 -15.03 34.43 40.26
N ASN B 94 -14.99 34.75 38.96
CA ASN B 94 -14.86 33.71 37.95
C ASN B 94 -13.43 33.21 37.92
N LEU B 95 -13.26 31.96 37.51
CA LEU B 95 -11.95 31.32 37.50
C LEU B 95 -11.60 30.88 36.09
N THR B 96 -10.33 31.05 35.72
CA THR B 96 -9.76 30.46 34.53
C THR B 96 -8.69 29.46 34.96
N VAL B 97 -8.77 28.24 34.42
CA VAL B 97 -7.83 27.19 34.75
C VAL B 97 -6.81 27.08 33.62
N TYR B 98 -5.54 27.21 33.97
CA TYR B 98 -4.43 27.10 33.02
C TYR B 98 -3.66 25.83 33.29
N TRP B 99 -3.34 25.10 32.24
CA TRP B 99 -2.63 23.83 32.34
C TRP B 99 -1.25 23.94 31.70
N LYS B 100 -0.28 23.27 32.30
CA LYS B 100 1.07 23.18 31.74
C LYS B 100 1.67 21.84 32.11
N SER B 101 2.27 21.18 31.13
CA SER B 101 2.98 19.94 31.37
C SER B 101 4.34 20.22 32.03
N GLU B 102 4.74 19.35 32.95
CA GLU B 102 6.04 19.55 33.59
C GLU B 102 7.19 19.27 32.63
N CYS B 103 6.94 18.55 31.54
CA CYS B 103 7.99 18.20 30.60
C CYS B 103 8.08 19.15 29.42
N CYS B 104 7.24 20.17 29.37
CA CYS B 104 7.28 21.18 28.31
C CYS B 104 8.15 22.31 28.83
N TYR B 105 9.30 22.51 28.20
CA TYR B 105 10.33 23.38 28.78
C TYR B 105 10.08 24.84 28.46
N HIS B 106 9.99 25.67 29.49
CA HIS B 106 9.79 27.11 29.37
C HIS B 106 8.58 27.43 28.50
N CYS B 107 7.50 26.71 28.75
CA CYS B 107 6.31 26.79 27.91
C CYS B 107 5.30 27.76 28.52
N LEU B 108 4.31 28.11 27.71
CA LEU B 108 3.20 28.94 28.16
C LEU B 108 2.09 28.08 28.74
N PHE B 109 1.35 28.65 29.67
CA PHE B 109 0.12 28.04 30.16
C PHE B 109 -0.96 28.17 29.10
N GLN B 110 -1.79 27.14 28.97
CA GLN B 110 -2.92 27.17 28.06
C GLN B 110 -4.21 27.02 28.85
N VAL B 111 -5.27 27.66 28.34
CA VAL B 111 -6.56 27.61 29.01
C VAL B 111 -7.07 26.19 28.98
N LEU B 112 -7.42 25.66 30.15
CA LEU B 112 -7.99 24.34 30.25
C LEU B 112 -9.52 24.39 30.22
N VAL B 113 -10.11 25.20 31.11
CA VAL B 113 -11.56 25.36 31.16
C VAL B 113 -11.85 26.63 31.94
N ASN B 114 -13.01 27.23 31.67
CA ASN B 114 -13.50 28.39 32.41
C ASN B 114 -14.59 27.94 33.36
N VAL B 115 -14.49 28.36 34.62
CA VAL B 115 -15.42 27.95 35.67
C VAL B 115 -16.16 29.18 36.18
N PRO B 116 -17.41 29.39 35.73
CA PRO B 116 -18.21 30.50 36.25
C PRO B 116 -18.31 30.55 37.76
N GLN B 117 -18.67 31.70 38.30
CA GLN B 117 -18.82 31.86 39.74
C GLN B 117 -20.07 31.12 40.23
N SER B 118 -20.09 30.86 41.53
CA SER B 118 -21.21 30.14 42.12
C SER B 118 -22.42 31.07 42.20
N PRO B 119 -23.55 30.72 41.57
CA PRO B 119 -24.71 31.62 41.60
C PRO B 119 -25.23 31.91 43.01
N LYS B 120 -25.24 30.91 43.89
CA LYS B 120 -25.69 31.09 45.25
C LYS B 120 -24.81 30.27 46.18
N ALA B 121 -24.79 30.64 47.44
CA ALA B 121 -24.06 29.88 48.45
C ALA B 121 -24.69 28.49 48.61
N GLY B 122 -23.84 27.48 48.65
CA GLY B 122 -24.30 26.10 48.72
C GLY B 122 -24.56 25.44 47.37
N LYS B 123 -24.39 26.17 46.27
CA LYS B 123 -24.57 25.63 44.92
C LYS B 123 -23.34 25.98 44.11
N PRO B 124 -22.27 25.19 44.23
CA PRO B 124 -21.02 25.51 43.53
C PRO B 124 -21.13 25.20 42.04
N SER B 125 -20.70 26.16 41.22
CA SER B 125 -20.64 25.94 39.79
C SER B 125 -19.60 24.88 39.46
N ALA B 126 -19.87 24.08 38.44
CA ALA B 126 -19.04 22.92 38.13
C ALA B 126 -18.59 22.98 36.68
N ALA B 127 -17.34 22.62 36.45
CA ALA B 127 -16.79 22.46 35.11
C ALA B 127 -15.95 21.19 35.07
N ALA B 128 -15.90 20.57 33.90
CA ALA B 128 -15.17 19.33 33.71
C ALA B 128 -14.20 19.49 32.56
N ALA B 129 -12.99 18.93 32.74
CA ALA B 129 -11.95 18.99 31.73
C ALA B 129 -11.20 17.67 31.70
N SER B 130 -10.47 17.46 30.62
CA SER B 130 -9.59 16.30 30.45
C SER B 130 -8.16 16.77 30.49
N VAL B 131 -7.36 16.14 31.35
CA VAL B 131 -5.94 16.47 31.50
C VAL B 131 -5.11 15.27 31.05
N SER B 132 -4.03 15.56 30.33
CA SER B 132 -3.11 14.50 29.92
C SER B 132 -2.38 13.94 31.13
N THR B 133 -2.13 12.64 31.11
CA THR B 133 -1.54 11.93 32.24
C THR B 133 -0.17 11.37 31.93
N GLN B 134 0.40 11.67 30.76
CA GLN B 134 1.71 11.12 30.41
C GLN B 134 2.79 11.65 31.34
N HIS B 135 2.75 12.93 31.68
CA HIS B 135 3.71 13.55 32.58
C HIS B 135 2.96 14.30 33.67
N GLY B 136 3.71 14.97 34.53
CA GLY B 136 3.09 15.77 35.57
C GLY B 136 2.39 16.99 35.00
N SER B 137 1.43 17.50 35.76
CA SER B 137 0.66 18.66 35.36
C SER B 137 0.89 19.80 36.33
N ILE B 138 0.82 21.02 35.82
CA ILE B 138 0.83 22.23 36.63
C ILE B 138 -0.42 23.01 36.29
N LEU B 139 -1.25 23.26 37.30
CA LEU B 139 -2.49 24.00 37.13
C LEU B 139 -2.40 25.33 37.84
N GLN B 140 -2.86 26.38 37.17
CA GLN B 140 -2.89 27.73 37.74
C GLN B 140 -4.30 28.28 37.58
N LEU B 141 -4.95 28.57 38.70
CA LEU B 141 -6.30 29.12 38.71
C LEU B 141 -6.19 30.63 38.84
N ASN B 142 -6.75 31.35 37.88
CA ASN B 142 -6.62 32.80 37.81
C ASN B 142 -8.00 33.45 37.79
N ASP B 143 -8.16 34.50 38.58
CA ASP B 143 -9.36 35.33 38.51
C ASP B 143 -9.42 35.99 37.14
N THR B 144 -10.50 35.74 36.40
CA THR B 144 -10.54 36.18 35.01
C THR B 144 -10.72 37.68 34.87
N LEU B 145 -11.14 38.38 35.92
CA LEU B 145 -11.26 39.84 35.88
C LEU B 145 -10.02 40.53 36.42
N GLU B 146 -9.65 40.22 37.67
CA GLU B 146 -8.46 40.82 38.27
C GLU B 146 -7.17 40.30 37.64
N GLU B 147 -7.23 39.18 36.92
CA GLU B 147 -6.06 38.56 36.30
C GLU B 147 -4.96 38.32 37.31
N LYS B 148 -5.33 37.81 38.48
CA LYS B 148 -4.39 37.47 39.52
C LYS B 148 -4.62 36.04 39.96
N GLU B 149 -3.57 35.44 40.53
CA GLU B 149 -3.57 34.03 40.87
C GLU B 149 -4.22 33.80 42.22
N VAL B 150 -5.09 32.79 42.31
CA VAL B 150 -5.72 32.42 43.56
C VAL B 150 -5.03 31.22 44.21
N CYS B 151 -4.62 30.23 43.42
CA CYS B 151 -3.85 29.09 43.93
C CYS B 151 -3.26 28.34 42.75
N ARG B 152 -2.43 27.35 43.06
CA ARG B 152 -1.66 26.63 42.05
C ARG B 152 -1.43 25.20 42.51
N LEU B 153 -1.49 24.26 41.58
CA LEU B 153 -1.28 22.85 41.86
C LEU B 153 -0.24 22.28 40.92
N GLU B 154 0.57 21.35 41.43
CA GLU B 154 1.46 20.53 40.63
C GLU B 154 1.18 19.07 41.02
N TYR B 155 0.44 18.37 40.17
CA TYR B 155 -0.01 17.02 40.50
C TYR B 155 0.10 16.14 39.27
N ARG B 156 0.38 14.87 39.49
CA ARG B 156 0.53 13.88 38.42
C ARG B 156 -0.72 13.02 38.38
N PHE B 157 -1.61 13.31 37.44
CA PHE B 157 -2.85 12.57 37.30
C PHE B 157 -2.60 11.22 36.66
N GLY B 158 -3.47 10.26 36.98
CA GLY B 158 -3.37 8.92 36.45
C GLY B 158 -4.39 8.68 35.36
N GLU B 159 -4.07 7.73 34.47
CA GLU B 159 -4.92 7.45 33.33
C GLU B 159 -6.28 6.95 33.77
N PHE B 160 -7.33 7.47 33.15
CA PHE B 160 -8.71 7.10 33.41
C PHE B 160 -9.12 7.37 34.86
N GLY B 161 -8.40 8.24 35.54
CA GLY B 161 -8.81 8.62 36.88
C GLY B 161 -9.91 9.66 36.86
N ASN B 162 -10.62 9.75 37.97
CA ASN B 162 -11.70 10.71 38.14
C ASN B 162 -11.37 11.55 39.36
N TYR B 163 -11.04 12.82 39.13
CA TYR B 163 -10.58 13.73 40.17
C TYR B 163 -11.52 14.92 40.30
N SER B 164 -11.50 15.53 41.47
CA SER B 164 -12.28 16.73 41.73
C SER B 164 -11.39 17.78 42.38
N LEU B 165 -11.55 19.02 41.95
CA LEU B 165 -10.78 20.15 42.48
C LEU B 165 -11.77 21.18 43.02
N LEU B 166 -11.80 21.35 44.33
CA LEU B 166 -12.76 22.22 45.00
C LEU B 166 -12.08 23.52 45.41
N VAL B 167 -12.64 24.64 44.98
CA VAL B 167 -12.11 25.96 45.28
C VAL B 167 -13.09 26.65 46.22
N LYS B 168 -12.64 26.98 47.42
CA LYS B 168 -13.54 27.52 48.43
C LYS B 168 -12.82 28.58 49.27
N ASN B 169 -13.60 29.47 49.85
CA ASN B 169 -13.06 30.48 50.74
C ASN B 169 -12.66 29.88 52.08
N ILE B 170 -11.58 30.43 52.64
CA ILE B 170 -11.00 30.00 53.92
C ILE B 170 -10.91 28.48 54.02
N GLU B 176 -8.62 34.26 52.33
CA GLU B 176 -7.82 33.12 51.92
C GLU B 176 -8.65 32.15 51.08
N ILE B 177 -8.09 31.74 49.94
CA ILE B 177 -8.74 30.80 49.03
C ILE B 177 -7.89 29.54 48.98
N ALA B 178 -8.49 28.41 49.29
CA ALA B 178 -7.81 27.13 49.32
C ALA B 178 -8.47 26.17 48.33
N CYS B 179 -7.67 25.59 47.45
CA CYS B 179 -8.14 24.61 46.49
C CYS B 179 -7.59 23.24 46.85
N ASP B 180 -8.48 22.28 47.02
CA ASP B 180 -8.13 20.94 47.47
C ASP B 180 -8.50 19.92 46.40
N LEU B 181 -7.59 18.99 46.13
CA LEU B 181 -7.77 17.99 45.09
C LEU B 181 -8.15 16.66 45.74
N ALA B 182 -9.22 16.04 45.23
CA ALA B 182 -9.72 14.78 45.75
C ALA B 182 -9.83 13.77 44.61
N VAL B 183 -9.64 12.50 44.96
CA VAL B 183 -9.67 11.42 43.98
C VAL B 183 -10.99 10.68 44.15
N ASN B 184 -11.86 10.79 43.15
CA ASN B 184 -13.14 10.10 43.18
C ASN B 184 -12.97 8.63 42.84
N GLU B 185 -12.49 8.35 41.64
CA GLU B 185 -12.20 7.00 41.19
C GLU B 185 -10.72 6.88 40.92
N ASP B 186 -10.10 5.82 41.43
CA ASP B 186 -8.67 5.65 41.29
C ASP B 186 -8.29 5.37 39.83
N PRO B 187 -7.12 5.80 39.41
CA PRO B 187 -6.67 5.54 38.04
C PRO B 187 -6.20 4.10 37.86
N VAL B 188 -6.00 3.74 36.60
CA VAL B 188 -5.47 2.43 36.26
C VAL B 188 -3.95 2.49 36.23
N ASP B 189 -3.31 1.34 36.35
CA ASP B 189 -1.87 1.23 36.15
C ASP B 189 -1.63 1.10 34.65
N SER B 190 -1.24 2.20 34.01
CA SER B 190 -1.12 2.21 32.56
C SER B 190 0.12 1.46 32.07
N ASN B 191 1.15 1.36 32.90
CA ASN B 191 2.38 0.69 32.53
C ASN B 191 2.37 -0.79 32.85
N LEU B 192 1.25 -1.31 33.34
CA LEU B 192 1.15 -2.74 33.64
C LEU B 192 1.34 -3.64 32.42
N PRO B 193 0.73 -3.37 31.26
CA PRO B 193 1.00 -4.23 30.09
C PRO B 193 2.46 -4.34 29.72
N VAL B 194 3.25 -3.27 29.88
CA VAL B 194 4.68 -3.35 29.59
C VAL B 194 5.39 -4.20 30.64
N SER B 195 5.01 -4.06 31.90
CA SER B 195 5.61 -4.86 32.96
C SER B 195 5.35 -6.34 32.74
N ILE B 196 4.13 -6.70 32.36
CA ILE B 196 3.78 -8.09 32.14
C ILE B 196 4.47 -8.63 30.89
N ALA B 197 4.54 -7.82 29.83
CA ALA B 197 5.16 -8.27 28.58
C ALA B 197 6.64 -8.59 28.78
N PHE B 198 7.35 -7.79 29.58
CA PHE B 198 8.75 -8.08 29.87
C PHE B 198 8.89 -9.34 30.69
N LEU B 199 7.99 -9.57 31.65
CA LEU B 199 8.05 -10.79 32.44
C LEU B 199 7.79 -12.02 31.59
N ILE B 200 6.83 -11.94 30.66
CA ILE B 200 6.56 -13.05 29.77
C ILE B 200 7.76 -13.33 28.86
N GLY B 201 8.37 -12.27 28.34
CA GLY B 201 9.54 -12.45 27.49
C GLY B 201 10.71 -13.05 28.25
N LEU B 202 10.93 -12.60 29.49
CA LEU B 202 11.98 -13.18 30.32
C LEU B 202 11.70 -14.64 30.64
N ALA B 203 10.43 -14.97 30.90
CA ALA B 203 10.08 -16.35 31.22
C ALA B 203 10.34 -17.28 30.03
N VAL B 204 10.01 -16.82 28.82
CA VAL B 204 10.27 -17.62 27.63
C VAL B 204 11.77 -17.81 27.44
N ILE B 205 12.56 -16.76 27.70
CA ILE B 205 14.01 -16.85 27.53
C ILE B 205 14.59 -17.90 28.47
N ILE B 206 14.19 -17.86 29.75
CA ILE B 206 14.74 -18.80 30.72
C ILE B 206 14.28 -20.22 30.42
N VAL B 207 13.02 -20.40 30.05
CA VAL B 207 12.51 -21.73 29.73
C VAL B 207 13.27 -22.33 28.56
N ILE B 208 13.49 -21.55 27.51
CA ILE B 208 14.20 -22.04 26.34
C ILE B 208 15.66 -22.34 26.68
N SER B 209 16.31 -21.41 27.38
CA SER B 209 17.72 -21.62 27.73
C SER B 209 17.88 -22.83 28.66
N PHE B 210 16.98 -22.98 29.63
CA PHE B 210 17.02 -24.14 30.50
C PHE B 210 16.75 -25.43 29.73
N LEU B 211 15.79 -25.39 28.80
CA LEU B 211 15.47 -26.60 28.03
C LEU B 211 16.63 -27.03 27.16
N ARG B 212 17.32 -26.08 26.53
CA ARG B 212 18.45 -26.42 25.67
C ARG B 212 19.60 -27.01 26.48
N LEU B 213 19.75 -26.61 27.75
CA LEU B 213 20.80 -27.19 28.58
C LEU B 213 20.55 -28.67 28.82
N LEU B 214 19.29 -29.06 29.06
CA LEU B 214 18.97 -30.46 29.22
C LEU B 214 19.27 -31.24 27.95
N LEU B 215 18.92 -30.69 26.80
CA LEU B 215 19.14 -31.36 25.52
C LEU B 215 20.51 -31.00 24.94
N PRO B 266 35.20 -14.22 7.81
CA PRO B 266 34.09 -13.98 6.88
C PRO B 266 33.15 -12.88 7.35
N ARG B 267 31.92 -13.26 7.71
CA ARG B 267 30.90 -12.33 8.16
C ARG B 267 30.88 -12.30 9.68
N LEU B 268 30.94 -11.10 10.24
CA LEU B 268 30.93 -10.92 11.69
C LEU B 268 29.52 -11.05 12.22
N ARG B 269 29.30 -12.03 13.10
CA ARG B 269 27.96 -12.30 13.61
C ARG B 269 27.49 -11.23 14.59
N SER B 270 28.42 -10.53 15.26
CA SER B 270 28.01 -9.52 16.23
C SER B 270 27.48 -8.26 15.57
N VAL B 271 27.99 -7.93 14.38
CA VAL B 271 27.45 -6.78 13.63
C VAL B 271 26.05 -7.10 13.11
N ASP B 272 25.82 -8.35 12.69
CA ASP B 272 24.48 -8.77 12.27
C ASP B 272 23.52 -8.80 13.45
N THR B 273 23.98 -9.25 14.60
CA THR B 273 23.17 -9.21 15.81
C THR B 273 22.79 -7.79 16.18
N PHE B 274 23.76 -6.87 16.12
CA PHE B 274 23.50 -5.46 16.44
C PHE B 274 22.49 -4.86 15.47
N ARG B 275 22.66 -5.12 14.17
CA ARG B 275 21.75 -4.57 13.18
C ARG B 275 20.35 -5.17 13.33
N GLY B 276 20.25 -6.44 13.72
CA GLY B 276 18.95 -7.05 13.92
C GLY B 276 18.23 -6.57 15.17
N ILE B 277 18.98 -6.26 16.23
CA ILE B 277 18.38 -5.63 17.40
C ILE B 277 17.82 -4.26 17.03
N ALA B 278 18.59 -3.48 16.27
CA ALA B 278 18.09 -2.18 15.81
C ALA B 278 16.86 -2.33 14.95
N LEU B 279 16.82 -3.36 14.09
CA LEU B 279 15.66 -3.57 13.23
C LEU B 279 14.42 -3.96 14.03
N ILE B 280 14.58 -4.83 15.03
CA ILE B 280 13.43 -5.23 15.84
C ILE B 280 12.88 -4.05 16.62
N LEU B 281 13.76 -3.22 17.21
CA LEU B 281 13.30 -2.01 17.88
C LEU B 281 12.63 -1.05 16.90
N MET B 282 13.17 -0.92 15.69
CA MET B 282 12.58 -0.03 14.71
C MET B 282 11.19 -0.47 14.31
N VAL B 283 10.98 -1.76 14.11
CA VAL B 283 9.67 -2.25 13.71
C VAL B 283 8.67 -2.09 14.85
N PHE B 284 9.09 -2.33 16.09
CA PHE B 284 8.20 -2.13 17.22
C PHE B 284 7.80 -0.67 17.36
N VAL B 285 8.76 0.24 17.24
CA VAL B 285 8.50 1.67 17.43
C VAL B 285 7.68 2.25 16.28
N ASN B 286 8.02 1.90 15.04
CA ASN B 286 7.33 2.47 13.89
C ASN B 286 5.87 2.05 13.83
N TYR B 287 5.55 0.85 14.32
CA TYR B 287 4.18 0.39 14.29
C TYR B 287 3.33 0.96 15.42
N GLY B 288 3.92 1.68 16.36
CA GLY B 288 3.15 2.32 17.40
C GLY B 288 3.74 2.29 18.79
N GLY B 289 4.51 1.25 19.10
CA GLY B 289 5.12 1.13 20.42
C GLY B 289 4.13 1.00 21.55
N GLY B 290 2.95 0.45 21.29
CA GLY B 290 1.91 0.38 22.31
C GLY B 290 1.24 1.69 22.64
N LYS B 291 1.52 2.74 21.85
CA LYS B 291 1.10 4.11 22.10
C LYS B 291 1.66 4.68 23.39
N TYR B 292 2.78 4.15 23.87
CA TYR B 292 3.44 4.65 25.07
C TYR B 292 4.39 5.77 24.69
N TRP B 293 4.41 6.82 25.52
CA TRP B 293 5.21 8.00 25.19
C TRP B 293 6.70 7.70 25.18
N TYR B 294 7.16 6.74 25.97
CA TYR B 294 8.57 6.42 26.00
C TYR B 294 8.99 5.50 24.87
N PHE B 295 8.04 4.99 24.09
CA PHE B 295 8.33 4.29 22.84
C PHE B 295 8.03 5.16 21.63
N LYS B 296 7.84 6.46 21.83
CA LYS B 296 7.73 7.44 20.77
C LYS B 296 8.96 8.33 20.76
N HIS B 297 9.07 9.16 19.74
CA HIS B 297 10.16 10.12 19.66
C HIS B 297 9.96 11.22 20.68
N ALA B 298 11.06 11.71 21.24
CA ALA B 298 11.00 12.87 22.13
C ALA B 298 10.49 14.08 21.37
N SER B 299 9.77 14.95 22.07
CA SER B 299 9.20 16.12 21.42
C SER B 299 10.29 17.03 20.86
N TRP B 300 11.11 17.63 21.73
CA TRP B 300 12.30 18.30 21.23
C TRP B 300 13.59 17.71 21.79
N ASN B 301 13.80 17.74 23.10
CA ASN B 301 15.09 17.40 23.68
C ASN B 301 14.97 16.13 24.50
N GLY B 302 16.08 15.42 24.62
CA GLY B 302 16.13 14.20 25.40
C GLY B 302 16.18 12.97 24.51
N LEU B 303 15.99 11.82 25.17
CA LEU B 303 16.04 10.52 24.51
C LEU B 303 14.89 9.66 24.99
N THR B 304 14.30 8.91 24.07
CA THR B 304 13.45 7.78 24.38
C THR B 304 14.02 6.55 23.67
N VAL B 305 13.31 5.43 23.77
CA VAL B 305 13.73 4.23 23.07
C VAL B 305 13.63 4.42 21.56
N ALA B 306 12.65 5.21 21.10
CA ALA B 306 12.48 5.45 19.68
C ALA B 306 13.67 6.17 19.05
N ASP B 307 14.42 6.94 19.84
CA ASP B 307 15.46 7.81 19.31
C ASP B 307 16.81 7.14 19.18
N LEU B 308 16.91 5.85 19.51
CA LEU B 308 18.21 5.19 19.57
C LEU B 308 18.62 4.51 18.26
N VAL B 309 17.68 4.03 17.46
CA VAL B 309 18.01 3.02 16.47
C VAL B 309 18.60 3.62 15.20
N PHE B 310 18.13 4.79 14.78
CA PHE B 310 18.64 5.41 13.55
C PHE B 310 20.13 5.72 13.62
N PRO B 311 20.66 6.35 14.67
CA PRO B 311 22.12 6.50 14.76
C PRO B 311 22.87 5.19 14.77
N TRP B 312 22.28 4.15 15.36
CA TRP B 312 22.91 2.84 15.37
C TRP B 312 23.01 2.27 13.96
N PHE B 313 21.99 2.51 13.14
CA PHE B 313 22.04 2.10 11.74
C PHE B 313 23.15 2.82 10.99
N VAL B 314 23.32 4.12 11.24
CA VAL B 314 24.39 4.88 10.60
C VAL B 314 25.76 4.36 11.04
N PHE B 315 25.91 4.10 12.34
CA PHE B 315 27.16 3.54 12.87
C PHE B 315 27.48 2.20 12.24
N ILE B 316 26.51 1.28 12.21
CA ILE B 316 26.74 -0.05 11.66
C ILE B 316 27.06 0.04 10.18
N MET B 317 26.41 0.97 9.46
CA MET B 317 26.69 1.11 8.04
C MET B 317 28.10 1.62 7.78
N GLY B 318 28.62 2.50 8.65
CA GLY B 318 30.02 2.88 8.53
C GLY B 318 30.98 1.72 8.77
N SER B 319 30.68 0.89 9.78
CA SER B 319 31.49 -0.29 10.03
C SER B 319 31.48 -1.22 8.82
N SER B 320 30.31 -1.44 8.24
CA SER B 320 30.20 -2.28 7.05
C SER B 320 30.91 -1.67 5.86
N ILE B 321 30.94 -0.34 5.77
CA ILE B 321 31.70 0.32 4.71
C ILE B 321 33.16 -0.11 4.77
N PHE B 322 33.76 -0.02 5.96
CA PHE B 322 35.17 -0.39 6.05
C PHE B 322 35.40 -1.87 5.80
N LEU B 323 34.57 -2.73 6.39
CA LEU B 323 34.78 -4.18 6.21
C LEU B 323 34.67 -4.57 4.74
N SER B 324 33.58 -4.14 4.08
CA SER B 324 33.36 -4.51 2.69
C SER B 324 34.44 -3.94 1.78
N MET B 325 34.78 -2.66 1.95
CA MET B 325 35.76 -2.03 1.07
C MET B 325 37.14 -2.63 1.25
N THR B 326 37.52 -2.94 2.48
CA THR B 326 38.83 -3.55 2.70
C THR B 326 38.92 -4.91 2.03
N SER B 327 37.87 -5.73 2.16
CA SER B 327 37.88 -7.03 1.50
C SER B 327 37.95 -6.89 -0.02
N ILE B 328 37.16 -5.97 -0.57
CA ILE B 328 37.10 -5.80 -2.03
C ILE B 328 38.44 -5.33 -2.57
N LEU B 329 39.06 -4.35 -1.91
CA LEU B 329 40.31 -3.82 -2.42
C LEU B 329 41.47 -4.78 -2.20
N GLN B 330 41.38 -5.62 -1.17
CA GLN B 330 42.41 -6.63 -0.98
C GLN B 330 42.31 -7.73 -2.03
N ARG B 331 41.09 -8.05 -2.47
CA ARG B 331 40.92 -9.05 -3.51
C ARG B 331 41.46 -8.58 -4.87
N GLY B 332 41.75 -7.30 -5.03
CA GLY B 332 42.33 -6.79 -6.26
C GLY B 332 41.41 -6.00 -7.16
N CYS B 333 40.23 -5.59 -6.69
CA CYS B 333 39.33 -4.82 -7.51
C CYS B 333 39.86 -3.41 -7.75
N SER B 334 39.45 -2.82 -8.86
CA SER B 334 39.84 -1.47 -9.20
C SER B 334 39.09 -0.46 -8.33
N LYS B 335 39.66 0.72 -8.19
CA LYS B 335 39.00 1.76 -7.40
C LYS B 335 37.87 2.42 -8.17
N PHE B 336 37.95 2.48 -9.50
CA PHE B 336 36.88 3.08 -10.27
C PHE B 336 35.65 2.19 -10.37
N ARG B 337 35.85 0.88 -10.44
CA ARG B 337 34.71 -0.04 -10.39
C ARG B 337 34.01 0.06 -9.03
N LEU B 338 34.79 0.15 -7.96
CA LEU B 338 34.22 0.34 -6.63
C LEU B 338 33.51 1.70 -6.53
N LEU B 339 34.07 2.73 -7.16
CA LEU B 339 33.42 4.04 -7.17
C LEU B 339 32.07 3.97 -7.87
N GLY B 340 31.99 3.27 -9.00
CA GLY B 340 30.71 3.11 -9.67
C GLY B 340 29.71 2.34 -8.83
N LYS B 341 30.17 1.32 -8.10
CA LYS B 341 29.28 0.57 -7.22
C LYS B 341 28.75 1.45 -6.09
N ILE B 342 29.61 2.30 -5.52
CA ILE B 342 29.21 3.21 -4.45
C ILE B 342 28.16 4.20 -4.97
N ALA B 343 28.40 4.77 -6.15
CA ALA B 343 27.47 5.73 -6.71
C ALA B 343 26.12 5.10 -7.01
N TRP B 344 26.13 3.87 -7.55
CA TRP B 344 24.88 3.17 -7.84
C TRP B 344 24.08 2.91 -6.57
N ARG B 345 24.75 2.45 -5.51
CA ARG B 345 24.06 2.17 -4.26
C ARG B 345 23.48 3.44 -3.64
N SER B 346 24.24 4.54 -3.65
CA SER B 346 23.74 5.79 -3.09
C SER B 346 22.53 6.30 -3.86
N PHE B 347 22.63 6.33 -5.19
CA PHE B 347 21.52 6.78 -6.02
C PHE B 347 20.27 5.96 -5.76
N LEU B 348 20.45 4.64 -5.64
CA LEU B 348 19.30 3.75 -5.53
C LEU B 348 18.64 3.88 -4.15
N LEU B 349 19.45 4.07 -3.10
CA LEU B 349 18.90 4.33 -1.76
C LEU B 349 18.08 5.61 -1.75
N ILE B 350 18.62 6.68 -2.31
CA ILE B 350 17.91 7.96 -2.32
C ILE B 350 16.60 7.84 -3.10
N CYS B 351 16.63 7.19 -4.26
CA CYS B 351 15.43 7.05 -5.08
C CYS B 351 14.35 6.24 -4.37
N ILE B 352 14.74 5.14 -3.73
CA ILE B 352 13.75 4.35 -2.99
C ILE B 352 13.15 5.17 -1.86
N GLY B 353 13.97 5.93 -1.14
CA GLY B 353 13.45 6.76 -0.07
C GLY B 353 12.44 7.78 -0.56
N ILE B 354 12.75 8.47 -1.66
CA ILE B 354 11.86 9.52 -2.14
C ILE B 354 10.56 8.93 -2.68
N ILE B 355 10.65 7.83 -3.42
CA ILE B 355 9.51 7.38 -4.21
C ILE B 355 8.65 6.35 -3.49
N ILE B 356 9.23 5.54 -2.60
CA ILE B 356 8.54 4.40 -2.04
C ILE B 356 8.22 4.60 -0.56
N VAL B 357 9.13 5.19 0.21
CA VAL B 357 8.96 5.26 1.66
C VAL B 357 8.26 6.55 2.08
N ASN B 358 8.71 7.70 1.57
CA ASN B 358 8.17 8.98 2.03
C ASN B 358 6.67 9.15 1.77
N PRO B 359 6.15 8.93 0.55
CA PRO B 359 4.77 9.35 0.28
C PRO B 359 3.75 8.48 1.00
N ASN B 360 2.66 9.12 1.39
CA ASN B 360 1.47 8.42 1.89
C ASN B 360 0.53 8.29 0.71
N TYR B 361 0.51 7.12 0.09
CA TYR B 361 -0.27 6.93 -1.13
C TYR B 361 -1.72 6.61 -0.85
N CYS B 362 -2.09 6.45 0.41
CA CYS B 362 -3.51 6.36 0.78
C CYS B 362 -4.21 7.70 0.61
N LEU B 363 -3.48 8.80 0.65
CA LEU B 363 -4.06 10.13 0.55
C LEU B 363 -4.35 10.54 -0.89
N GLY B 364 -3.67 9.94 -1.86
CA GLY B 364 -3.92 10.26 -3.24
C GLY B 364 -2.67 10.18 -4.09
N PRO B 365 -2.82 10.36 -5.40
CA PRO B 365 -1.67 10.29 -6.29
C PRO B 365 -0.67 11.40 -6.04
N LEU B 366 0.58 11.11 -6.33
CA LEU B 366 1.69 12.01 -6.03
C LEU B 366 1.63 13.26 -6.89
N SER B 367 1.79 14.42 -6.26
CA SER B 367 2.00 15.68 -6.94
C SER B 367 3.31 16.29 -6.46
N TRP B 368 4.00 17.00 -7.36
CA TRP B 368 5.35 17.47 -7.06
C TRP B 368 5.36 18.45 -5.89
N ASP B 369 4.38 19.34 -5.84
CA ASP B 369 4.38 20.34 -4.78
C ASP B 369 4.13 19.75 -3.39
N LYS B 370 3.73 18.49 -3.30
CA LYS B 370 3.50 17.82 -2.02
C LYS B 370 4.54 16.75 -1.74
N VAL B 371 5.67 16.77 -2.43
CA VAL B 371 6.67 15.73 -2.34
C VAL B 371 7.70 16.11 -1.29
N ARG B 372 7.93 15.23 -0.33
CA ARG B 372 8.96 15.43 0.69
C ARG B 372 10.29 14.90 0.16
N ILE B 373 11.28 15.78 0.08
CA ILE B 373 12.59 15.42 -0.48
C ILE B 373 13.48 14.74 0.56
N PRO B 374 13.60 15.23 1.80
CA PRO B 374 14.43 14.53 2.78
C PRO B 374 13.77 13.28 3.32
N GLY B 375 14.55 12.48 4.04
CA GLY B 375 14.06 11.23 4.56
C GLY B 375 15.18 10.37 5.09
N VAL B 376 14.80 9.17 5.52
CA VAL B 376 15.74 8.26 6.19
C VAL B 376 16.73 7.67 5.18
N LEU B 377 16.21 7.14 4.08
CA LEU B 377 17.08 6.49 3.09
C LEU B 377 17.87 7.51 2.29
N GLN B 378 17.32 8.72 2.11
CA GLN B 378 18.09 9.80 1.50
C GLN B 378 19.28 10.20 2.38
N ARG B 379 19.06 10.27 3.69
CA ARG B 379 20.15 10.53 4.63
C ARG B 379 21.20 9.44 4.55
N LEU B 380 20.77 8.17 4.53
CA LEU B 380 21.71 7.06 4.46
C LEU B 380 22.47 7.07 3.14
N GLY B 381 21.80 7.41 2.04
CA GLY B 381 22.45 7.45 0.74
C GLY B 381 23.52 8.53 0.65
N VAL B 382 23.20 9.74 1.12
CA VAL B 382 24.19 10.81 1.07
C VAL B 382 25.35 10.52 2.02
N THR B 383 25.05 10.03 3.23
CA THR B 383 26.11 9.69 4.17
C THR B 383 26.99 8.57 3.65
N TYR B 384 26.37 7.55 3.06
CA TYR B 384 27.13 6.45 2.49
C TYR B 384 28.04 6.94 1.37
N PHE B 385 27.53 7.79 0.49
CA PHE B 385 28.36 8.29 -0.60
C PHE B 385 29.58 9.02 -0.06
N VAL B 386 29.37 9.97 0.85
CA VAL B 386 30.49 10.80 1.33
C VAL B 386 31.51 9.93 2.06
N VAL B 387 31.05 9.08 2.99
CA VAL B 387 31.98 8.33 3.81
C VAL B 387 32.68 7.25 2.98
N ALA B 388 31.95 6.57 2.10
CA ALA B 388 32.55 5.53 1.27
C ALA B 388 33.56 6.11 0.29
N VAL B 389 33.25 7.27 -0.31
CA VAL B 389 34.19 7.89 -1.23
C VAL B 389 35.44 8.36 -0.49
N LEU B 390 35.26 8.88 0.73
CA LEU B 390 36.41 9.30 1.53
C LEU B 390 37.31 8.11 1.87
N GLU B 391 36.71 7.00 2.31
CA GLU B 391 37.47 5.79 2.61
C GLU B 391 38.17 5.26 1.36
N LEU B 392 37.47 5.24 0.23
CA LEU B 392 38.07 4.77 -1.01
C LEU B 392 39.25 5.62 -1.42
N LEU B 393 39.11 6.95 -1.28
CA LEU B 393 40.13 7.84 -1.79
C LEU B 393 41.39 7.79 -0.95
N PHE B 394 41.25 7.58 0.36
CA PHE B 394 42.41 7.45 1.25
C PHE B 394 42.61 6.02 1.74
N ALA B 395 42.26 5.02 0.94
CA ALA B 395 42.33 3.64 1.38
C ALA B 395 43.77 3.18 1.51
N LYS B 396 44.04 2.39 2.56
CA LYS B 396 45.33 1.79 2.80
C LYS B 396 45.16 0.33 3.19
N PRO B 397 46.10 -0.53 2.81
CA PRO B 397 46.04 -1.93 3.25
C PRO B 397 46.24 -2.04 4.76
N VAL B 398 45.57 -3.02 5.35
CA VAL B 398 45.65 -3.25 6.79
C VAL B 398 46.97 -3.94 7.10
N PRO B 399 47.81 -3.35 7.94
CA PRO B 399 49.14 -3.92 8.19
C PRO B 399 49.06 -5.09 9.17
N GLU B 400 50.22 -5.69 9.41
CA GLU B 400 50.34 -6.77 10.39
C GLU B 400 51.46 -6.46 11.38
N CYS B 408 50.05 -4.53 22.88
CA CYS B 408 50.15 -3.74 21.66
C CYS B 408 49.54 -2.36 21.85
N LEU B 409 50.37 -1.38 22.23
CA LEU B 409 49.94 -0.01 22.43
C LEU B 409 50.37 0.79 21.20
N SER B 410 49.49 0.84 20.20
CA SER B 410 49.78 1.56 18.96
C SER B 410 48.52 2.27 18.50
N LEU B 411 48.72 3.32 17.70
CA LEU B 411 47.65 4.15 17.19
C LEU B 411 47.60 4.12 15.66
N ARG B 412 47.91 2.96 15.08
CA ARG B 412 47.98 2.86 13.62
C ARG B 412 46.62 3.09 12.99
N ASP B 413 45.55 2.53 13.57
CA ASP B 413 44.23 2.70 12.99
C ASP B 413 43.75 4.14 13.04
N ILE B 414 44.40 5.00 13.84
CA ILE B 414 44.06 6.40 13.93
C ILE B 414 44.97 7.26 13.07
N THR B 415 46.29 7.04 13.15
CA THR B 415 47.22 7.89 12.42
C THR B 415 47.27 7.55 10.94
N SER B 416 46.94 6.33 10.55
CA SER B 416 46.92 6.00 9.13
C SER B 416 45.75 6.63 8.40
N SER B 417 44.79 7.21 9.12
CA SER B 417 43.63 7.86 8.52
C SER B 417 43.49 9.28 9.01
N TRP B 418 44.60 10.00 9.09
CA TRP B 418 44.56 11.39 9.56
C TRP B 418 43.95 12.35 8.54
N PRO B 419 44.05 12.13 7.22
CA PRO B 419 43.28 13.01 6.32
C PRO B 419 41.78 12.91 6.51
N GLN B 420 41.28 11.69 6.75
CA GLN B 420 39.87 11.50 7.07
C GLN B 420 39.49 12.27 8.32
N TRP B 421 40.31 12.19 9.36
CA TRP B 421 40.01 12.87 10.62
C TRP B 421 40.02 14.37 10.45
N LEU B 422 40.98 14.90 9.68
CA LEU B 422 41.03 16.33 9.45
C LEU B 422 39.78 16.82 8.72
N LEU B 423 39.34 16.09 7.69
CA LEU B 423 38.15 16.49 6.97
C LEU B 423 36.90 16.38 7.85
N ILE B 424 36.85 15.37 8.73
CA ILE B 424 35.71 15.21 9.60
C ILE B 424 35.65 16.33 10.63
N LEU B 425 36.80 16.75 11.16
CA LEU B 425 36.81 17.85 12.11
C LEU B 425 36.46 19.18 11.43
N VAL B 426 36.83 19.35 10.16
CA VAL B 426 36.43 20.55 9.45
C VAL B 426 34.92 20.58 9.23
N LEU B 427 34.32 19.43 8.88
CA LEU B 427 32.87 19.38 8.75
C LEU B 427 32.17 19.65 10.08
N GLU B 428 32.72 19.13 11.18
CA GLU B 428 32.11 19.39 12.48
C GLU B 428 32.21 20.87 12.84
N GLY B 429 33.35 21.51 12.55
CA GLY B 429 33.45 22.93 12.76
C GLY B 429 32.46 23.71 11.91
N LEU B 430 32.20 23.24 10.70
CA LEU B 430 31.17 23.86 9.86
C LEU B 430 29.79 23.75 10.48
N TRP B 431 29.45 22.57 11.02
CA TRP B 431 28.16 22.40 11.68
C TRP B 431 28.01 23.33 12.87
N LEU B 432 29.05 23.42 13.70
CA LEU B 432 28.99 24.30 14.87
C LEU B 432 28.87 25.76 14.46
N GLY B 433 29.64 26.18 13.46
CA GLY B 433 29.58 27.56 13.02
C GLY B 433 28.24 27.93 12.43
N LEU B 434 27.64 27.03 11.65
CA LEU B 434 26.34 27.32 11.07
C LEU B 434 25.25 27.28 12.13
N THR B 435 25.37 26.39 13.11
CA THR B 435 24.35 26.25 14.14
C THR B 435 24.34 27.42 15.10
N PHE B 436 25.51 27.98 15.41
CA PHE B 436 25.60 28.99 16.46
C PHE B 436 25.86 30.40 15.94
N LEU B 437 26.32 30.57 14.72
CA LEU B 437 26.71 31.88 14.22
C LEU B 437 25.95 32.35 12.99
N LEU B 438 25.24 31.47 12.31
CA LEU B 438 24.47 31.90 11.15
C LEU B 438 23.26 32.71 11.61
N PRO B 439 23.11 33.96 11.15
CA PRO B 439 21.90 34.72 11.51
C PRO B 439 20.70 34.26 10.71
N VAL B 440 19.61 33.98 11.42
CA VAL B 440 18.33 33.59 10.84
C VAL B 440 17.38 34.78 10.97
N PRO B 441 16.83 35.29 9.88
CA PRO B 441 16.01 36.50 9.97
C PRO B 441 14.76 36.29 10.81
N GLY B 442 14.42 37.30 11.61
CA GLY B 442 13.28 37.19 12.49
C GLY B 442 13.42 36.10 13.52
N CYS B 443 14.62 35.89 14.03
CA CYS B 443 14.92 34.76 14.90
C CYS B 443 16.26 35.00 15.59
N PRO B 444 16.43 34.54 16.83
CA PRO B 444 17.73 34.72 17.49
C PRO B 444 18.81 33.87 16.81
N THR B 445 20.04 34.34 16.94
CA THR B 445 21.19 33.62 16.39
C THR B 445 21.62 32.55 17.38
N GLY B 446 21.85 31.34 16.89
CA GLY B 446 22.20 30.23 17.75
C GLY B 446 21.02 29.62 18.46
N TYR B 447 19.82 29.72 17.89
CA TYR B 447 18.62 29.27 18.56
C TYR B 447 18.49 27.76 18.46
N LEU B 448 18.45 27.10 19.61
CA LEU B 448 18.24 25.65 19.71
C LEU B 448 16.96 25.44 20.48
N GLY B 449 15.84 25.52 19.79
CA GLY B 449 14.56 25.44 20.45
C GLY B 449 13.47 25.04 19.49
N PRO B 450 12.32 24.62 20.03
CA PRO B 450 11.24 24.13 19.18
C PRO B 450 10.29 25.19 18.65
N GLY B 451 10.42 26.44 19.10
CA GLY B 451 9.39 27.40 18.76
C GLY B 451 8.07 27.04 19.41
N GLY B 452 6.99 27.33 18.69
CA GLY B 452 5.66 27.04 19.23
C GLY B 452 5.41 27.82 20.50
N ILE B 453 4.89 27.12 21.50
CA ILE B 453 4.70 27.71 22.82
C ILE B 453 5.95 27.67 23.69
N GLY B 454 6.99 26.97 23.23
CA GLY B 454 8.20 26.87 24.01
C GLY B 454 9.03 28.13 24.00
N ASP B 455 9.94 28.22 24.96
CA ASP B 455 10.71 29.44 25.23
C ASP B 455 9.77 30.61 25.49
N PHE B 456 8.65 30.34 26.15
CA PHE B 456 7.65 31.33 26.54
C PHE B 456 6.98 31.96 25.33
N GLY B 457 6.84 31.20 24.24
CA GLY B 457 6.12 31.66 23.08
C GLY B 457 6.72 32.83 22.35
N LYS B 458 8.00 33.11 22.59
CA LYS B 458 8.64 34.29 22.01
C LYS B 458 9.00 34.12 20.55
N TYR B 459 9.27 32.88 20.11
CA TYR B 459 9.73 32.60 18.76
C TYR B 459 8.87 31.49 18.16
N PRO B 460 7.59 31.78 17.91
CA PRO B 460 6.67 30.68 17.53
C PRO B 460 7.02 30.00 16.21
N ASN B 461 7.70 30.67 15.29
CA ASN B 461 7.98 30.11 13.98
C ASN B 461 9.46 29.74 13.80
N CYS B 462 10.19 29.63 14.90
CA CYS B 462 11.63 29.38 14.87
C CYS B 462 12.00 27.94 15.17
N THR B 463 11.17 26.98 14.78
CA THR B 463 11.45 25.58 15.03
C THR B 463 12.66 25.16 14.21
N GLY B 464 13.78 24.89 14.88
CA GLY B 464 14.98 24.40 14.24
C GLY B 464 16.11 25.40 14.15
N GLY B 465 15.82 26.70 14.20
CA GLY B 465 16.88 27.68 14.10
C GLY B 465 17.52 27.67 12.72
N ALA B 466 18.84 27.56 12.69
CA ALA B 466 19.58 27.56 11.44
C ALA B 466 19.23 26.33 10.59
N ALA B 467 19.04 25.18 11.23
CA ALA B 467 18.71 23.97 10.47
C ALA B 467 17.39 24.12 9.74
N GLY B 468 16.35 24.57 10.44
CA GLY B 468 15.07 24.77 9.81
C GLY B 468 15.11 25.88 8.78
N TYR B 469 15.87 26.93 9.04
CA TYR B 469 15.99 28.03 8.08
C TYR B 469 16.65 27.57 6.80
N ILE B 470 17.69 26.74 6.89
CA ILE B 470 18.37 26.25 5.70
C ILE B 470 17.47 25.31 4.92
N ASP B 471 16.71 24.46 5.62
CA ASP B 471 15.74 23.60 4.94
C ASP B 471 14.68 24.42 4.20
N ARG B 472 14.10 25.41 4.88
CA ARG B 472 13.07 26.23 4.27
C ARG B 472 13.61 27.11 3.16
N LEU B 473 14.90 27.41 3.19
CA LEU B 473 15.47 28.25 2.13
C LEU B 473 15.80 27.44 0.89
N LEU B 474 16.39 26.25 1.05
CA LEU B 474 16.85 25.49 -0.11
C LEU B 474 15.76 24.59 -0.69
N LEU B 475 14.81 24.12 0.12
CA LEU B 475 13.78 23.22 -0.36
C LEU B 475 12.38 23.80 -0.32
N GLY B 476 12.07 24.65 0.64
CA GLY B 476 10.74 25.16 0.82
C GLY B 476 9.93 24.33 1.80
N ASP B 477 8.88 24.95 2.34
CA ASP B 477 8.07 24.32 3.38
C ASP B 477 7.38 23.06 2.88
N ASP B 478 6.89 23.08 1.64
CA ASP B 478 6.07 22.00 1.13
C ASP B 478 6.85 20.74 0.83
N HIS B 479 8.17 20.80 0.80
CA HIS B 479 9.01 19.63 0.57
C HIS B 479 9.65 19.10 1.83
N LEU B 480 9.22 19.57 2.99
CA LEU B 480 9.73 19.15 4.28
C LEU B 480 8.71 18.26 4.98
N TYR B 481 9.13 17.69 6.10
CA TYR B 481 8.25 16.90 6.95
C TYR B 481 7.18 17.80 7.56
N GLN B 482 5.93 17.39 7.44
CA GLN B 482 4.81 18.21 7.88
C GLN B 482 4.33 17.85 9.28
N HIS B 483 4.87 16.81 9.90
CA HIS B 483 4.47 16.38 11.24
C HIS B 483 5.68 16.23 12.15
N PRO B 484 6.40 17.31 12.45
CA PRO B 484 7.52 17.20 13.39
C PRO B 484 7.04 16.78 14.77
N SER B 485 7.90 16.08 15.49
CA SER B 485 7.54 15.52 16.78
C SER B 485 7.26 16.58 17.84
N SER B 486 7.65 17.83 17.60
CA SER B 486 7.41 18.92 18.55
C SER B 486 6.00 19.48 18.48
N ALA B 487 5.20 19.05 17.51
CA ALA B 487 3.88 19.63 17.30
C ALA B 487 2.92 19.32 18.44
N VAL B 488 3.06 18.16 19.09
CA VAL B 488 2.08 17.77 20.09
C VAL B 488 2.34 18.41 21.43
N LEU B 489 3.61 18.63 21.80
CA LEU B 489 3.91 19.22 23.09
C LEU B 489 4.09 20.73 23.02
N TYR B 490 4.68 21.24 21.94
CA TYR B 490 4.97 22.66 21.83
C TYR B 490 4.07 23.39 20.85
N HIS B 491 3.20 22.68 20.13
CA HIS B 491 2.21 23.28 19.25
C HIS B 491 2.86 24.12 18.17
N THR B 492 3.86 23.54 17.51
CA THR B 492 4.54 24.21 16.42
C THR B 492 3.70 24.10 15.16
N GLU B 493 3.67 25.17 14.37
CA GLU B 493 2.91 25.19 13.13
C GLU B 493 3.77 25.08 11.89
N VAL B 494 5.03 25.47 11.96
CA VAL B 494 5.90 25.39 10.79
C VAL B 494 6.34 23.96 10.57
N ALA B 495 6.68 23.65 9.32
CA ALA B 495 7.20 22.34 8.96
C ALA B 495 8.69 22.26 9.28
N TYR B 496 9.09 21.20 9.96
CA TYR B 496 10.49 20.93 10.23
C TYR B 496 10.80 19.51 9.81
N ASP B 497 11.94 19.33 9.14
CA ASP B 497 12.35 18.01 8.70
C ASP B 497 13.46 17.47 9.58
N PRO B 498 13.22 16.39 10.34
CA PRO B 498 14.31 15.82 11.16
C PRO B 498 15.50 15.34 10.35
N GLU B 499 15.28 14.85 9.14
CA GLU B 499 16.37 14.44 8.24
C GLU B 499 16.74 15.54 7.26
N GLY B 500 17.00 16.74 7.75
CA GLY B 500 17.28 17.87 6.90
C GLY B 500 18.73 17.94 6.46
N ILE B 501 19.07 19.09 5.87
CA ILE B 501 20.36 19.24 5.20
C ILE B 501 21.48 19.39 6.21
N LEU B 502 21.28 20.22 7.23
CA LEU B 502 22.38 20.58 8.12
C LEU B 502 22.85 19.40 8.97
N GLY B 503 21.92 18.55 9.42
CA GLY B 503 22.27 17.42 10.24
C GLY B 503 22.95 16.28 9.51
N THR B 504 23.08 16.38 8.19
CA THR B 504 23.84 15.38 7.43
C THR B 504 25.31 15.40 7.83
N ILE B 505 25.81 16.54 8.28
CA ILE B 505 27.19 16.60 8.77
C ILE B 505 27.38 15.68 9.96
N ASN B 506 26.46 15.73 10.92
CA ASN B 506 26.57 14.89 12.10
C ASN B 506 26.23 13.44 11.77
N SER B 507 25.38 13.21 10.76
CA SER B 507 25.17 11.85 10.26
C SER B 507 26.47 11.28 9.70
N ILE B 508 27.25 12.09 8.99
CA ILE B 508 28.53 11.65 8.45
C ILE B 508 29.52 11.39 9.58
N VAL B 509 29.49 12.21 10.62
CA VAL B 509 30.38 12.00 11.77
C VAL B 509 30.06 10.68 12.46
N MET B 510 28.77 10.37 12.61
CA MET B 510 28.35 9.09 13.20
C MET B 510 28.83 7.91 12.35
N ALA B 511 28.69 8.01 11.03
CA ALA B 511 29.15 6.94 10.15
C ALA B 511 30.66 6.77 10.21
N PHE B 512 31.39 7.87 10.35
CA PHE B 512 32.85 7.77 10.44
C PHE B 512 33.30 7.16 11.76
N LEU B 513 32.56 7.39 12.85
CA LEU B 513 32.86 6.67 14.08
C LEU B 513 32.61 5.17 13.93
N GLY B 514 31.58 4.80 13.18
CA GLY B 514 31.40 3.40 12.82
C GLY B 514 32.55 2.86 12.01
N VAL B 515 33.09 3.68 11.10
CA VAL B 515 34.26 3.27 10.32
C VAL B 515 35.45 3.01 11.24
N GLN B 516 35.61 3.82 12.27
CA GLN B 516 36.68 3.59 13.24
C GLN B 516 36.48 2.27 13.99
N ALA B 517 35.24 1.93 14.31
CA ALA B 517 34.98 0.64 14.94
C ALA B 517 35.41 -0.51 14.03
N GLY B 518 35.09 -0.41 12.74
CA GLY B 518 35.53 -1.43 11.80
C GLY B 518 37.03 -1.49 11.65
N LYS B 519 37.69 -0.33 11.70
CA LYS B 519 39.15 -0.29 11.64
C LYS B 519 39.76 -1.01 12.84
N ILE B 520 39.20 -0.79 14.04
CA ILE B 520 39.67 -1.53 15.20
C ILE B 520 39.48 -3.03 15.00
N LEU B 521 38.32 -3.43 14.46
CA LEU B 521 38.05 -4.84 14.29
C LEU B 521 39.03 -5.52 13.34
N LEU B 522 39.44 -4.82 12.28
CA LEU B 522 40.29 -5.45 11.28
C LEU B 522 41.78 -5.27 11.54
N TYR B 523 42.18 -4.20 12.21
CA TYR B 523 43.60 -3.98 12.49
C TYR B 523 44.12 -4.88 13.60
N TYR B 524 43.28 -5.23 14.57
CA TYR B 524 43.71 -5.98 15.74
C TYR B 524 42.91 -7.27 15.90
N LYS B 525 42.52 -7.91 14.80
CA LYS B 525 41.70 -9.10 14.89
C LYS B 525 42.46 -10.28 15.50
N ALA B 526 43.79 -10.27 15.43
CA ALA B 526 44.57 -11.34 16.04
C ALA B 526 44.59 -11.25 17.56
N ARG B 527 44.19 -10.12 18.13
CA ARG B 527 44.25 -9.91 19.58
C ARG B 527 42.88 -9.44 20.05
N THR B 528 42.20 -10.27 20.83
CA THR B 528 40.92 -9.87 21.40
C THR B 528 41.11 -8.77 22.45
N LYS B 529 42.19 -8.86 23.22
CA LYS B 529 42.44 -7.86 24.26
C LYS B 529 42.60 -6.47 23.69
N ASP B 530 43.29 -6.34 22.55
CA ASP B 530 43.45 -5.04 21.90
C ASP B 530 42.11 -4.47 21.47
N ILE B 531 41.25 -5.30 20.89
CA ILE B 531 39.94 -4.85 20.43
C ILE B 531 39.10 -4.38 21.61
N LEU B 532 39.10 -5.13 22.70
CA LEU B 532 38.29 -4.76 23.86
C LEU B 532 38.82 -3.49 24.51
N ILE B 533 40.14 -3.33 24.59
CA ILE B 533 40.71 -2.13 25.17
C ILE B 533 40.33 -0.90 24.35
N ARG B 534 40.37 -1.02 23.02
CA ARG B 534 40.07 0.14 22.18
C ARG B 534 38.58 0.47 22.18
N PHE B 535 37.72 -0.56 22.20
CA PHE B 535 36.29 -0.29 22.33
C PHE B 535 35.96 0.41 23.64
N THR B 536 36.59 -0.03 24.73
CA THR B 536 36.38 0.62 26.03
C THR B 536 36.86 2.07 26.00
N ALA B 537 38.03 2.31 25.41
CA ALA B 537 38.57 3.66 25.38
C ALA B 537 37.69 4.60 24.57
N TRP B 538 37.23 4.16 23.40
CA TRP B 538 36.37 5.02 22.59
C TRP B 538 35.04 5.28 23.29
N CYS B 539 34.46 4.26 23.93
CA CYS B 539 33.22 4.46 24.68
C CYS B 539 33.40 5.49 25.78
N CYS B 540 34.52 5.43 26.52
CA CYS B 540 34.74 6.36 27.60
C CYS B 540 34.97 7.78 27.10
N ILE B 541 35.76 7.95 26.03
CA ILE B 541 36.02 9.29 25.50
C ILE B 541 34.73 9.93 25.01
N LEU B 542 33.93 9.18 24.25
CA LEU B 542 32.69 9.76 23.73
C LEU B 542 31.68 10.01 24.83
N GLY B 543 31.65 9.17 25.87
CA GLY B 543 30.79 9.43 27.00
C GLY B 543 31.17 10.67 27.77
N LEU B 544 32.48 10.92 27.93
CA LEU B 544 32.93 12.13 28.60
C LEU B 544 32.57 13.37 27.80
N ILE B 545 32.70 13.31 26.47
CA ILE B 545 32.27 14.42 25.64
C ILE B 545 30.78 14.69 25.80
N SER B 546 29.98 13.62 25.84
CA SER B 546 28.54 13.79 26.02
C SER B 546 28.22 14.42 27.38
N VAL B 547 28.91 13.99 28.43
CA VAL B 547 28.69 14.57 29.75
C VAL B 547 29.01 16.06 29.74
N ALA B 548 30.13 16.44 29.13
CA ALA B 548 30.50 17.85 29.07
C ALA B 548 29.49 18.67 28.27
N LEU B 549 29.01 18.13 27.14
CA LEU B 549 28.12 18.91 26.28
C LEU B 549 26.73 19.05 26.86
N THR B 550 26.21 18.00 27.50
CA THR B 550 24.85 18.04 27.98
C THR B 550 24.72 18.48 29.43
N LYS B 551 25.81 18.44 30.20
CA LYS B 551 25.78 18.69 31.64
C LYS B 551 24.83 17.75 32.36
N VAL B 552 24.59 16.58 31.76
CA VAL B 552 23.74 15.53 32.30
C VAL B 552 22.38 16.11 32.64
N SER B 553 21.69 16.62 31.61
CA SER B 553 20.36 17.19 31.77
C SER B 553 19.69 17.21 30.40
N GLU B 554 18.38 17.42 30.40
CA GLU B 554 17.64 17.37 29.14
C GLU B 554 17.72 18.68 28.37
N ASN B 555 17.74 19.83 29.05
CA ASN B 555 17.60 21.11 28.39
C ASN B 555 18.65 22.15 28.77
N GLU B 556 19.58 21.84 29.67
CA GLU B 556 20.45 22.85 30.25
C GLU B 556 21.89 22.80 29.77
N GLY B 557 22.23 21.88 28.88
CA GLY B 557 23.60 21.80 28.41
C GLY B 557 23.91 22.81 27.33
N PHE B 558 25.20 22.90 26.99
CA PHE B 558 25.61 23.75 25.88
C PHE B 558 25.02 23.25 24.57
N ILE B 559 25.06 21.95 24.35
CA ILE B 559 24.36 21.30 23.23
C ILE B 559 23.54 20.15 23.79
N PRO B 560 22.27 20.35 24.13
CA PRO B 560 21.44 19.24 24.62
C PRO B 560 21.18 18.21 23.53
N VAL B 561 20.91 16.99 23.97
CA VAL B 561 20.65 15.88 23.04
C VAL B 561 19.34 16.15 22.31
N ASN B 562 19.38 16.03 20.98
CA ASN B 562 18.23 16.39 20.16
C ASN B 562 18.33 15.61 18.86
N LYS B 563 17.37 14.71 18.63
CA LYS B 563 17.34 13.94 17.41
C LYS B 563 16.87 14.74 16.21
N ASN B 564 15.99 15.73 16.43
CA ASN B 564 15.53 16.56 15.32
C ASN B 564 16.67 17.37 14.72
N LEU B 565 17.56 17.87 15.56
CA LEU B 565 18.71 18.63 15.10
C LEU B 565 19.91 17.77 14.75
N TRP B 566 19.89 16.49 15.10
CA TRP B 566 21.05 15.61 14.96
C TRP B 566 22.29 16.27 15.56
N SER B 567 22.16 16.56 16.86
CA SER B 567 23.13 17.32 17.60
C SER B 567 24.46 16.58 17.71
N LEU B 568 25.50 17.31 18.09
CA LEU B 568 26.79 16.68 18.35
C LEU B 568 26.72 15.78 19.57
N SER B 569 26.02 16.21 20.61
CA SER B 569 25.89 15.40 21.82
C SER B 569 25.00 14.19 21.58
N TYR B 570 24.00 14.32 20.70
CA TYR B 570 23.23 13.16 20.26
C TYR B 570 24.14 12.10 19.66
N VAL B 571 25.05 12.52 18.78
CA VAL B 571 25.94 11.60 18.08
C VAL B 571 26.95 10.99 19.04
N THR B 572 27.54 11.78 19.92
CA THR B 572 28.53 11.24 20.86
C THR B 572 27.88 10.29 21.86
N THR B 573 26.68 10.61 22.33
CA THR B 573 25.97 9.72 23.25
C THR B 573 25.67 8.38 22.61
N LEU B 574 25.09 8.40 21.41
CA LEU B 574 24.72 7.15 20.77
C LEU B 574 25.93 6.38 20.26
N SER B 575 27.03 7.08 19.98
CA SER B 575 28.26 6.40 19.58
C SER B 575 28.90 5.69 20.75
N SER B 576 28.88 6.30 21.94
CA SER B 576 29.39 5.60 23.11
C SER B 576 28.50 4.41 23.46
N PHE B 577 27.19 4.53 23.27
CA PHE B 577 26.31 3.38 23.42
C PHE B 577 26.69 2.28 22.45
N ALA B 578 26.96 2.63 21.19
CA ALA B 578 27.28 1.63 20.17
C ALA B 578 28.62 0.94 20.47
N PHE B 579 29.61 1.70 20.91
CA PHE B 579 30.90 1.09 21.27
C PHE B 579 30.75 0.16 22.46
N PHE B 580 29.90 0.50 23.43
CA PHE B 580 29.66 -0.41 24.55
C PHE B 580 28.90 -1.66 24.10
N ILE B 581 27.93 -1.50 23.21
CA ILE B 581 27.19 -2.65 22.68
C ILE B 581 28.14 -3.61 21.98
N LEU B 582 29.06 -3.08 21.17
CA LEU B 582 30.04 -3.91 20.49
C LEU B 582 31.01 -4.53 21.49
N LEU B 583 31.40 -3.78 22.52
CA LEU B 583 32.26 -4.31 23.56
C LEU B 583 31.65 -5.55 24.22
N VAL B 584 30.32 -5.57 24.34
CA VAL B 584 29.66 -6.73 24.93
C VAL B 584 29.43 -7.83 23.90
N LEU B 585 29.02 -7.45 22.69
CA LEU B 585 28.60 -8.42 21.69
C LEU B 585 29.76 -9.15 21.04
N TYR B 586 30.91 -8.49 20.85
CA TYR B 586 32.01 -9.13 20.13
C TYR B 586 32.54 -10.36 20.85
N PRO B 587 32.94 -10.32 22.12
CA PRO B 587 33.48 -11.54 22.75
C PRO B 587 32.42 -12.61 22.97
N VAL B 588 31.18 -12.20 23.25
CA VAL B 588 30.13 -13.17 23.56
C VAL B 588 29.75 -13.96 22.30
N VAL B 589 29.63 -13.27 21.17
CA VAL B 589 29.07 -13.86 19.96
C VAL B 589 30.15 -14.33 19.00
N ASP B 590 31.19 -13.52 18.78
CA ASP B 590 32.19 -13.82 17.77
C ASP B 590 33.38 -14.61 18.29
N VAL B 591 33.84 -14.35 19.50
CA VAL B 591 35.06 -14.97 19.99
C VAL B 591 34.75 -16.24 20.77
N LYS B 592 34.00 -16.11 21.87
CA LYS B 592 33.70 -17.27 22.69
C LYS B 592 32.60 -18.13 22.08
N GLY B 593 31.63 -17.52 21.41
CA GLY B 593 30.55 -18.29 20.83
C GLY B 593 29.52 -18.79 21.82
N LEU B 594 29.42 -18.15 23.00
CA LEU B 594 28.41 -18.56 23.97
C LEU B 594 27.01 -18.36 23.43
N TRP B 595 26.82 -17.38 22.56
CA TRP B 595 25.54 -17.04 21.98
C TRP B 595 25.74 -16.88 20.49
N THR B 596 24.76 -17.30 19.70
CA THR B 596 24.85 -17.21 18.25
C THR B 596 24.17 -15.98 17.68
N GLY B 597 23.59 -15.13 18.53
CA GLY B 597 22.84 -13.98 18.07
C GLY B 597 21.38 -14.22 17.76
N THR B 598 20.88 -15.43 17.99
CA THR B 598 19.48 -15.73 17.69
C THR B 598 18.56 -14.94 18.63
N PRO B 599 17.42 -14.44 18.12
CA PRO B 599 16.97 -14.48 16.74
C PRO B 599 17.28 -13.18 16.01
N PHE B 600 18.32 -12.47 16.44
CA PHE B 600 18.53 -11.10 15.99
C PHE B 600 19.27 -11.02 14.67
N PHE B 601 20.11 -11.99 14.33
CA PHE B 601 20.88 -11.87 13.10
C PHE B 601 20.08 -12.22 11.86
N TYR B 602 18.93 -12.88 12.01
CA TYR B 602 18.10 -13.17 10.84
C TYR B 602 17.60 -11.90 10.15
N PRO B 603 16.99 -10.94 10.84
CA PRO B 603 16.70 -9.66 10.16
C PRO B 603 17.93 -8.83 9.89
N GLY B 604 18.98 -8.99 10.69
CA GLY B 604 20.21 -8.27 10.47
C GLY B 604 20.90 -8.62 9.18
N MET B 605 20.60 -9.78 8.60
CA MET B 605 21.11 -10.16 7.30
C MET B 605 20.17 -9.79 6.16
N ASN B 606 18.98 -9.27 6.45
CA ASN B 606 18.04 -8.83 5.43
C ASN B 606 17.43 -7.49 5.81
N SER B 607 18.28 -6.58 6.30
CA SER B 607 17.81 -5.30 6.84
C SER B 607 17.04 -4.47 5.80
N ILE B 608 17.54 -4.33 4.58
CA ILE B 608 16.87 -3.47 3.62
C ILE B 608 15.52 -4.06 3.21
N LEU B 609 15.44 -5.38 3.10
CA LEU B 609 14.18 -6.03 2.77
C LEU B 609 13.19 -5.88 3.92
N VAL B 610 13.65 -6.02 5.16
CA VAL B 610 12.78 -5.85 6.32
C VAL B 610 12.28 -4.42 6.42
N TYR B 611 13.16 -3.44 6.20
CA TYR B 611 12.78 -2.04 6.31
C TYR B 611 11.74 -1.65 5.24
N VAL B 612 12.06 -1.93 3.97
CA VAL B 612 11.14 -1.56 2.90
C VAL B 612 9.85 -2.36 3.02
N GLY B 613 9.93 -3.61 3.45
CA GLY B 613 8.73 -4.40 3.64
C GLY B 613 7.82 -3.86 4.71
N HIS B 614 8.38 -3.48 5.87
CA HIS B 614 7.53 -3.01 6.95
C HIS B 614 6.96 -1.64 6.63
N GLU B 615 7.63 -0.88 5.75
CA GLU B 615 7.03 0.37 5.27
C GLU B 615 5.89 0.10 4.29
N VAL B 616 6.08 -0.85 3.37
CA VAL B 616 5.06 -1.10 2.34
C VAL B 616 3.83 -1.76 2.95
N PHE B 617 4.01 -2.75 3.81
CA PHE B 617 2.92 -3.57 4.31
C PHE B 617 2.49 -3.20 5.73
N GLU B 618 2.64 -1.93 6.11
CA GLU B 618 2.30 -1.54 7.47
C GLU B 618 0.81 -1.74 7.77
N ASN B 619 -0.05 -1.35 6.83
CA ASN B 619 -1.49 -1.38 7.04
C ASN B 619 -2.11 -2.74 6.80
N TYR B 620 -1.33 -3.72 6.35
CA TYR B 620 -1.87 -5.01 5.97
C TYR B 620 -2.04 -5.92 7.19
N PHE B 621 -3.01 -6.81 7.09
CA PHE B 621 -3.06 -7.96 7.97
C PHE B 621 -1.93 -8.92 7.60
N PRO B 622 -1.30 -9.60 8.57
CA PRO B 622 -1.58 -9.66 10.01
C PRO B 622 -0.84 -8.65 10.86
N PHE B 623 -0.18 -7.66 10.28
CA PHE B 623 0.51 -6.67 11.08
C PHE B 623 -0.47 -5.69 11.73
N GLN B 624 -1.60 -5.43 11.08
CA GLN B 624 -2.56 -4.46 11.55
C GLN B 624 -3.97 -5.00 11.36
N TRP B 625 -4.76 -4.99 12.43
CA TRP B 625 -6.18 -5.32 12.35
C TRP B 625 -6.95 -4.32 13.20
N LYS B 626 -8.28 -4.40 13.12
CA LYS B 626 -9.14 -3.50 13.87
C LYS B 626 -9.26 -3.97 15.31
N LEU B 627 -9.08 -3.04 16.24
CA LEU B 627 -9.08 -3.36 17.67
C LEU B 627 -10.45 -3.11 18.26
N LYS B 628 -10.78 -3.91 19.29
CA LYS B 628 -12.03 -3.72 20.00
C LYS B 628 -12.03 -2.43 20.81
N ASP B 629 -10.86 -2.01 21.29
CA ASP B 629 -10.71 -0.76 22.02
C ASP B 629 -9.46 -0.05 21.49
N ASN B 630 -9.65 1.11 20.89
CA ASN B 630 -8.53 1.91 20.39
C ASN B 630 -7.89 2.77 21.45
N GLN B 631 -8.50 2.88 22.64
CA GLN B 631 -7.94 3.64 23.74
C GLN B 631 -7.30 2.73 24.79
N SER B 632 -6.88 1.53 24.39
CA SER B 632 -6.31 0.54 25.28
C SER B 632 -4.82 0.38 24.94
N HIS B 633 -3.97 0.57 25.93
CA HIS B 633 -2.54 0.31 25.78
C HIS B 633 -2.26 -1.16 25.58
N LYS B 634 -3.05 -2.02 26.25
CA LYS B 634 -2.84 -3.46 26.18
C LYS B 634 -3.04 -3.99 24.77
N GLU B 635 -4.12 -3.56 24.11
CA GLU B 635 -4.42 -4.05 22.77
C GLU B 635 -3.40 -3.55 21.76
N HIS B 636 -3.04 -2.27 21.85
CA HIS B 636 -2.03 -1.72 20.95
C HIS B 636 -0.70 -2.41 21.13
N LEU B 637 -0.30 -2.64 22.39
CA LEU B 637 0.98 -3.29 22.67
C LEU B 637 0.99 -4.72 22.15
N THR B 638 -0.10 -5.47 22.36
CA THR B 638 -0.17 -6.83 21.86
C THR B 638 -0.06 -6.87 20.35
N GLN B 639 -0.77 -5.96 19.67
CA GLN B 639 -0.71 -5.92 18.22
C GLN B 639 0.69 -5.59 17.72
N ASN B 640 1.37 -4.64 18.35
CA ASN B 640 2.70 -4.24 17.89
C ASN B 640 3.74 -5.33 18.15
N ILE B 641 3.62 -6.01 19.29
CA ILE B 641 4.54 -7.12 19.57
C ILE B 641 4.33 -8.25 18.58
N VAL B 642 3.08 -8.56 18.26
CA VAL B 642 2.80 -9.64 17.31
C VAL B 642 3.35 -9.30 15.92
N ALA B 643 3.17 -8.05 15.49
CA ALA B 643 3.68 -7.65 14.17
C ALA B 643 5.20 -7.70 14.12
N THR B 644 5.87 -7.28 15.19
CA THR B 644 7.33 -7.37 15.23
C THR B 644 7.80 -8.82 15.18
N ALA B 645 7.13 -9.71 15.92
CA ALA B 645 7.47 -11.13 15.89
C ALA B 645 7.26 -11.71 14.50
N LEU B 646 6.22 -11.26 13.80
CA LEU B 646 5.97 -11.73 12.44
C LEU B 646 7.09 -11.31 11.49
N TRP B 647 7.62 -10.10 11.65
CA TRP B 647 8.74 -9.70 10.80
C TRP B 647 10.00 -10.49 11.10
N VAL B 648 10.23 -10.83 12.38
CA VAL B 648 11.36 -11.70 12.71
C VAL B 648 11.20 -13.07 12.06
N LEU B 649 9.98 -13.61 12.08
CA LEU B 649 9.72 -14.90 11.45
C LEU B 649 9.92 -14.84 9.94
N ILE B 650 9.48 -13.75 9.30
CA ILE B 650 9.69 -13.60 7.87
C ILE B 650 11.18 -13.59 7.55
N ALA B 651 11.97 -12.87 8.34
CA ALA B 651 13.40 -12.82 8.11
C ALA B 651 14.06 -14.18 8.31
N TYR B 652 13.57 -14.95 9.29
CA TYR B 652 14.08 -16.30 9.49
C TYR B 652 13.77 -17.19 8.29
N ILE B 653 12.57 -17.07 7.74
CA ILE B 653 12.19 -17.87 6.58
C ILE B 653 13.06 -17.50 5.38
N LEU B 654 13.32 -16.21 5.16
CA LEU B 654 14.20 -15.81 4.08
C LEU B 654 15.62 -16.30 4.29
N TYR B 655 16.08 -16.34 5.55
CA TYR B 655 17.40 -16.89 5.84
C TYR B 655 17.47 -18.38 5.51
N ARG B 656 16.43 -19.13 5.88
CA ARG B 656 16.44 -20.57 5.63
C ARG B 656 16.39 -20.90 4.13
N LYS B 657 15.79 -20.02 3.34
CA LYS B 657 15.74 -20.20 1.90
C LYS B 657 16.90 -19.50 1.19
N LYS B 658 17.83 -18.92 1.94
CA LYS B 658 19.03 -18.29 1.39
C LYS B 658 18.70 -17.14 0.45
N ILE B 659 17.67 -16.38 0.76
CA ILE B 659 17.27 -15.23 -0.03
C ILE B 659 17.76 -13.98 0.70
N PHE B 660 18.76 -13.32 0.14
CA PHE B 660 19.35 -12.12 0.73
C PHE B 660 19.41 -11.03 -0.33
N TRP B 661 18.85 -9.86 0.00
CA TRP B 661 18.90 -8.71 -0.88
C TRP B 661 19.85 -7.68 -0.29
N LYS B 662 20.88 -7.32 -1.04
CA LYS B 662 21.79 -6.25 -0.67
C LYS B 662 21.58 -5.10 -1.65
N ILE B 663 21.25 -3.93 -1.12
CA ILE B 663 20.99 -2.78 -1.95
C ILE B 663 22.29 -2.35 -2.62
C1 NAG C . -45.04 9.10 -19.90
C2 NAG C . -44.79 7.89 -18.99
C3 NAG C . -45.18 6.60 -19.71
C4 NAG C . -46.57 6.68 -20.31
C5 NAG C . -46.71 7.95 -21.15
C6 NAG C . -48.12 8.17 -21.66
C7 NAG C . -43.02 7.56 -17.34
C8 NAG C . -41.54 7.54 -17.09
N2 NAG C . -43.41 7.84 -18.58
O3 NAG C . -45.11 5.52 -18.79
O4 NAG C . -46.78 5.57 -21.16
O5 NAG C . -46.39 9.10 -20.34
O6 NAG C . -48.14 8.26 -23.08
O7 NAG C . -43.82 7.33 -16.44
C1 NAG C . -47.84 4.75 -20.66
C2 NAG C . -48.04 3.60 -21.64
C3 NAG C . -49.12 2.64 -21.13
C4 NAG C . -48.79 2.19 -19.71
C5 NAG C . -48.56 3.39 -18.81
C6 NAG C . -48.11 3.01 -17.42
C7 NAG C . -49.45 4.81 -23.27
C8 NAG C . -49.60 5.21 -24.71
N2 NAG C . -48.37 4.09 -22.98
O3 NAG C . -49.22 1.53 -22.00
O4 NAG C . -49.87 1.41 -19.19
O5 NAG C . -47.53 4.22 -19.36
O6 NAG C . -48.65 3.89 -16.45
O7 NAG C . -50.29 5.14 -22.43
C1 NAG D . -24.40 26.56 -24.90
C2 NAG D . -23.75 27.39 -23.80
C3 NAG D . -24.63 28.57 -23.43
C4 NAG D . -24.99 29.38 -24.65
C5 NAG D . -25.58 28.48 -25.74
C6 NAG D . -25.81 29.20 -27.05
C7 NAG D . -22.25 26.38 -22.12
C8 NAG D . -21.13 27.06 -22.85
N2 NAG D . -23.48 26.56 -22.62
O3 NAG D . -23.95 29.38 -22.48
O4 NAG D . -25.96 30.37 -24.32
O5 NAG D . -24.68 27.40 -26.01
O6 NAG D . -26.88 28.63 -27.78
O7 NAG D . -22.06 25.69 -21.12
C1 NAG D . -25.35 31.66 -24.20
C2 NAG D . -26.35 32.73 -24.64
C3 NAG D . -25.75 34.12 -24.47
C4 NAG D . -25.26 34.31 -23.04
C5 NAG D . -24.31 33.18 -22.66
C6 NAG D . -23.88 33.24 -21.20
C7 NAG D . -27.95 31.97 -26.33
C8 NAG D . -28.23 31.82 -27.80
N2 NAG D . -26.78 32.51 -26.01
O3 NAG D . -26.73 35.10 -24.80
O4 NAG D . -24.59 35.56 -22.92
O5 NAG D . -24.94 31.91 -22.85
O6 NAG D . -24.28 32.07 -20.50
O7 NAG D . -28.76 31.61 -25.48
C1 NAG E . -2.32 34.49 36.23
C2 NAG E . -1.51 34.71 34.96
C3 NAG E . -0.05 35.02 35.31
C4 NAG E . 0.06 36.11 36.35
C5 NAG E . -0.84 35.81 37.54
C6 NAG E . -0.89 36.93 38.55
C7 NAG E . -1.74 33.63 32.77
C8 NAG E . -1.79 32.33 32.03
N2 NAG E . -1.58 33.55 34.09
O3 NAG E . 0.65 35.41 34.13
O4 NAG E . 1.41 36.19 36.82
O5 NAG E . -2.18 35.60 37.08
O6 NAG E . -0.48 36.48 39.84
O7 NAG E . -1.86 34.71 32.19
C1 NAG E . 1.97 37.46 36.47
C2 NAG E . 3.39 37.50 37.04
C3 NAG E . 4.08 38.80 36.66
C4 NAG E . 4.02 39.01 35.15
C5 NAG E . 2.58 38.92 34.67
C6 NAG E . 2.46 39.00 33.17
C7 NAG E . 2.80 38.12 39.36
C8 NAG E . 2.93 37.73 40.81
N2 NAG E . 3.40 37.30 38.48
O3 NAG E . 5.43 38.75 37.10
O4 NAG E . 4.55 40.29 34.82
O5 NAG E . 2.02 37.66 35.06
O6 NAG E . 1.28 39.70 32.78
O7 NAG E . 2.19 39.12 39.02
C1 NAG F . -16.56 11.13 39.01
C2 NAG F . -17.70 10.76 38.08
C3 NAG F . -18.96 11.55 38.43
C4 NAG F . -19.30 11.37 39.91
C5 NAG F . -18.09 11.69 40.78
C6 NAG F . -18.30 11.38 42.24
C7 NAG F . -17.33 10.04 35.75
C8 NAG F . -17.69 8.67 36.22
N2 NAG F . -17.35 11.00 36.68
O3 NAG F . -20.04 11.10 37.63
O4 NAG F . -20.36 12.25 40.28
O5 NAG F . -16.96 10.91 40.36
O6 NAG F . -17.54 12.24 43.07
O7 NAG F . -17.03 10.28 34.59
C1 NAG F . -21.60 11.54 40.37
C2 NAG F . -22.46 12.19 41.45
C3 NAG F . -23.82 11.49 41.54
C4 NAG F . -24.49 11.47 40.18
C5 NAG F . -23.55 10.86 39.14
C6 NAG F . -24.10 10.92 37.73
C7 NAG F . -21.19 13.24 43.26
C8 NAG F . -20.54 13.05 44.60
N2 NAG F . -21.79 12.17 42.74
O3 NAG F . -24.64 12.16 42.48
O4 NAG F . -25.69 10.70 40.24
O5 NAG F . -22.30 11.56 39.12
O6 NAG F . -23.26 11.68 36.88
O7 NAG F . -21.17 14.32 42.67
C1 NAG G . -10.65 -7.12 -11.89
C2 NAG G . -10.88 -8.39 -12.73
C3 NAG G . -12.30 -8.91 -12.53
C4 NAG G . -12.69 -8.98 -11.06
C5 NAG G . -12.39 -7.66 -10.38
C6 NAG G . -12.65 -7.68 -8.89
C7 NAG G . -9.45 -7.80 -14.67
C8 NAG G . -9.42 -7.61 -16.14
N2 NAG G . -10.63 -8.16 -14.14
O1 NAG G . -9.30 -6.79 -11.91
O3 NAG G . -12.39 -10.20 -13.11
O4 NAG G . -14.08 -9.25 -10.94
O5 NAG G . -11.00 -7.35 -10.54
O6 NAG G . -12.30 -8.92 -8.30
O7 NAG G . -8.47 -7.61 -13.97
N1A ACO H . 5.57 -24.42 -20.90
C2A ACO H . 5.79 -25.41 -20.04
N3A ACO H . 5.52 -25.47 -18.74
C4A ACO H . 4.98 -24.31 -18.31
C5A ACO H . 4.70 -23.20 -19.08
C6A ACO H . 5.03 -23.27 -20.45
N6A ACO H . 4.83 -22.27 -21.31
N7A ACO H . 4.15 -22.20 -18.30
C8A ACO H . 4.11 -22.73 -17.10
N9A ACO H . 4.58 -24.00 -17.03
C1B ACO H . 4.68 -24.84 -15.84
C2B ACO H . 5.68 -24.30 -14.83
O2B ACO H . 6.98 -24.82 -15.06
C3B ACO H . 5.10 -24.85 -13.53
O3B ACO H . 5.52 -26.21 -13.38
P3B ACO H . 6.49 -26.65 -12.22
O7A ACO H . 5.79 -26.41 -10.93
O8A ACO H . 6.84 -28.10 -12.45
O9A ACO H . 7.76 -25.83 -12.37
C4B ACO H . 3.59 -24.81 -13.78
O4B ACO H . 3.42 -24.84 -15.21
C5B ACO H . 2.86 -23.62 -13.20
O5B ACO H . 3.65 -22.43 -13.39
P1A ACO H . 2.97 -21.01 -13.51
O1A ACO H . 3.86 -20.05 -14.17
O2A ACO H . 2.52 -20.61 -12.12
O3A ACO H . 1.69 -21.32 -14.38
P2A ACO H . 0.15 -20.91 -14.38
O4A ACO H . -0.35 -20.73 -15.75
O5A ACO H . -0.59 -21.96 -13.57
O6A ACO H . 0.14 -19.57 -13.60
CBP ACO H . -0.95 -18.27 -11.97
CCP ACO H . -0.67 -19.69 -12.42
CDP ACO H . 0.37 -17.62 -11.54
CEP ACO H . -1.92 -18.31 -10.78
CAP ACO H . -1.59 -17.46 -13.13
OAP ACO H . -2.84 -18.00 -13.51
C9P ACO H . -1.71 -15.96 -12.87
O9P ACO H . -0.81 -15.20 -13.19
N8P ACO H . -2.84 -15.54 -12.31
C7P ACO H . -3.08 -14.14 -12.03
C6P ACO H . -4.56 -13.84 -11.94
C5P ACO H . -5.01 -12.91 -13.01
O5P ACO H . -4.20 -12.26 -13.66
N4P ACO H . -6.32 -12.83 -13.20
C3P ACO H . -6.93 -11.96 -14.20
C2P ACO H . -8.00 -11.07 -13.59
S1P ACO H . -7.27 -9.93 -12.39
C1 NAG I . -46.25 23.56 -12.88
C2 NAG I . -47.78 23.65 -12.87
C3 NAG I . -48.24 24.74 -11.90
C4 NAG I . -47.65 24.51 -10.52
C5 NAG I . -46.13 24.41 -10.62
C6 NAG I . -45.47 24.06 -9.30
C7 NAG I . -49.53 23.56 -14.58
C8 NAG I . -49.90 23.90 -16.00
N2 NAG I . -48.30 23.90 -14.20
O3 NAG I . -49.66 24.73 -11.82
O4 NAG I . -47.98 25.60 -9.66
O5 NAG I . -45.78 23.36 -11.53
O6 NAG I . -44.08 24.29 -9.33
O7 NAG I . -50.31 23.01 -13.82
C1 D12 J . 11.25 -5.22 -28.62
C2 D12 J . 9.98 -4.39 -28.77
C3 D12 J . 9.68 -3.55 -27.53
C4 D12 J . 8.66 -2.44 -27.79
C5 D12 J . 7.24 -2.94 -27.96
C6 D12 J . 6.45 -2.16 -29.02
C7 D12 J . 4.94 -2.38 -28.94
C8 D12 J . 4.54 -3.85 -28.96
C9 D12 J . 3.04 -4.06 -29.04
C10 D12 J . 2.30 -3.78 -27.74
C11 D12 J . 0.80 -3.93 -27.86
C12 D12 J . 0.10 -4.12 -26.51
C1 OCT K . 8.26 1.58 -8.01
C2 OCT K . 7.45 0.75 -7.02
C3 OCT K . 7.11 -0.63 -7.58
C4 OCT K . 8.26 -1.63 -7.53
C5 OCT K . 7.80 -3.04 -7.88
C6 OCT K . 8.94 -4.05 -7.92
C7 OCT K . 8.46 -5.50 -7.79
C8 OCT K . 9.55 -6.51 -8.14
C1 OCT L . -18.69 -39.16 -21.35
C2 OCT L . -18.62 -40.48 -20.59
C3 OCT L . -18.24 -41.65 -21.49
C4 OCT L . -18.19 -42.98 -20.75
C5 OCT L . -17.71 -44.13 -21.61
C6 OCT L . -17.60 -45.45 -20.85
C7 OCT L . -16.60 -46.42 -21.44
C8 OCT L . -16.11 -47.45 -20.43
C1 OCT M . -3.35 -27.96 -41.02
C2 OCT M . -4.75 -27.35 -40.95
C3 OCT M . -4.73 -25.88 -40.55
C4 OCT M . -6.06 -25.19 -40.76
C5 OCT M . -6.01 -23.68 -40.52
C6 OCT M . -7.35 -23.01 -40.78
C7 OCT M . -7.41 -21.56 -40.32
C8 OCT M . -8.80 -21.14 -39.89
C03 C14 N . 4.47 6.02 -23.74
C04 C14 N . 3.58 7.18 -24.17
C05 C14 N . 2.22 6.73 -24.68
C06 C14 N . 1.37 7.86 -25.23
C07 C14 N . 0.33 7.40 -26.26
C08 C14 N . -0.46 8.54 -26.87
C09 C14 N . -1.52 9.12 -25.95
C10 C14 N . -2.68 9.77 -26.68
C11 C14 N . -2.30 11.03 -27.45
C12 C14 N . -3.49 11.66 -28.15
C13 C14 N . -3.28 13.11 -28.57
C14 C14 N . -4.54 13.76 -29.09
C01 C14 O . -10.24 -26.85 -1.53
C02 C14 O . -9.25 -25.96 -2.26
C03 C14 O . -8.03 -25.62 -1.42
C04 C14 O . -7.42 -26.81 -0.70
C05 C14 O . -5.98 -26.59 -0.27
C06 C14 O . -5.80 -26.50 1.24
C07 C14 O . -4.95 -27.62 1.82
C08 C14 O . -4.23 -27.25 3.11
C09 C14 O . -2.72 -27.06 2.94
C10 C14 O . -1.95 -28.36 2.88
C11 C14 O . -0.44 -28.18 2.71
C12 C14 O . 0.32 -29.48 2.64
C13 C14 O . 1.82 -29.30 2.42
C14 C14 O . 2.57 -30.63 2.29
C01 C14 P . -7.36 -31.06 1.70
C02 C14 P . -6.55 -32.28 1.27
C03 C14 P . -5.05 -32.04 1.41
C04 C14 P . -4.24 -33.32 1.27
C05 C14 P . -2.74 -33.10 1.43
C06 C14 P . -1.97 -34.41 1.48
C07 C14 P . -0.46 -34.23 1.60
C08 C14 P . 0.25 -35.54 1.93
C09 C14 P . 1.50 -35.77 1.10
C10 C14 P . 2.71 -34.99 1.59
C11 C14 P . 4.04 -35.55 1.07
C12 C14 P . 4.16 -37.05 1.29
C13 C14 P . 5.55 -37.59 0.94
C14 C14 P . 5.62 -39.11 1.02
C01 C14 Q . 2.33 -43.23 -5.65
C02 C14 Q . 1.06 -43.67 -4.94
C03 C14 Q . -0.19 -43.55 -5.81
C04 C14 Q . -1.46 -44.02 -5.12
C05 C14 Q . -2.70 -43.23 -5.54
C06 C14 Q . -2.51 -41.71 -5.45
C07 C14 Q . -3.80 -40.93 -5.64
C08 C14 Q . -3.58 -39.42 -5.61
C09 C14 Q . -4.88 -38.63 -5.63
C10 C14 Q . -5.68 -38.75 -4.34
C11 C14 Q . -6.92 -37.87 -4.31
C12 C14 Q . -7.30 -37.42 -2.91
C13 C14 Q . -8.16 -36.17 -2.89
C14 C14 Q . -7.73 -35.16 -1.83
C01 C14 R . -9.48 -44.53 -8.98
C02 C14 R . -11.00 -44.34 -9.08
C03 C14 R . -11.50 -43.15 -8.28
C04 C14 R . -13.00 -42.92 -8.42
C05 C14 R . -13.51 -41.70 -7.67
C06 C14 R . -13.06 -40.37 -8.27
C07 C14 R . -13.98 -39.22 -7.93
C08 C14 R . -13.47 -37.86 -8.39
C09 C14 R . -12.72 -37.09 -7.30
C10 C14 R . -12.19 -35.74 -7.76
C11 C14 R . -11.70 -34.86 -6.62
C12 C14 R . -11.42 -33.42 -7.04
C13 C14 R . -11.09 -32.50 -5.89
C14 C14 R . -12.20 -32.40 -4.87
C1 OCT S . -11.18 -45.65 -14.26
C2 OCT S . -12.17 -45.44 -13.12
C3 OCT S . -13.50 -44.85 -13.59
C4 OCT S . -14.37 -44.39 -12.43
C5 OCT S . -15.78 -43.98 -12.85
C6 OCT S . -15.80 -42.66 -13.60
C7 OCT S . -16.58 -41.57 -12.88
C8 OCT S . -15.93 -41.18 -11.55
C01 C14 T . -31.24 -24.55 -0.48
C02 C14 T . -29.78 -24.16 -0.64
C03 C14 T . -29.08 -24.92 -1.74
C04 C14 T . -27.66 -24.42 -2.01
C05 C14 T . -26.82 -25.36 -2.86
C06 C14 T . -25.36 -24.97 -2.91
C07 C14 T . -24.53 -25.85 -3.84
C08 C14 T . -23.20 -25.23 -4.26
C09 C14 T . -22.64 -25.84 -5.53
C10 C14 T . -21.12 -25.91 -5.57
C11 C14 T . -20.49 -24.87 -6.50
C12 C14 T . -18.96 -24.84 -6.43
C13 C14 T . -18.29 -26.08 -6.97
C14 C14 T . -16.79 -26.12 -6.69
C1 OCT U . -26.14 -30.68 -4.89
C2 OCT U . -27.16 -29.54 -4.86
C3 OCT U . -28.58 -30.02 -4.59
C4 OCT U . -29.54 -28.89 -4.24
C5 OCT U . -30.90 -29.40 -3.78
C6 OCT U . -31.85 -28.26 -3.39
C7 OCT U . -33.21 -28.75 -2.92
C8 OCT U . -34.18 -27.61 -2.63
C1 CLR V . -36.83 -30.09 -7.89
C2 CLR V . -38.18 -29.44 -7.59
C3 CLR V . -38.05 -28.38 -6.51
C4 CLR V . -36.94 -27.39 -6.85
C5 CLR V . -35.66 -28.04 -7.30
C6 CLR V . -34.50 -27.67 -6.77
C7 CLR V . -33.16 -27.94 -7.37
C8 CLR V . -33.21 -28.81 -8.61
C9 CLR V . -34.39 -29.80 -8.54
C10 CLR V . -35.76 -29.09 -8.37
C11 CLR V . -34.33 -30.78 -9.70
C12 CLR V . -33.01 -31.55 -9.75
C13 CLR V . -31.82 -30.61 -9.87
C14 CLR V . -31.91 -29.61 -8.71
C15 CLR V . -30.59 -28.85 -8.76
C16 CLR V . -29.60 -29.89 -9.30
C17 CLR V . -30.42 -31.18 -9.53
C18 CLR V . -31.79 -29.93 -11.24
C19 CLR V . -36.25 -28.45 -9.67
C20 CLR V . -29.76 -32.21 -10.46
C21 CLR V . -29.23 -33.42 -9.69
C22 CLR V . -28.63 -31.58 -11.28
C23 CLR V . -27.50 -32.51 -11.71
C24 CLR V . -27.77 -33.14 -13.08
C25 CLR V . -26.52 -33.57 -13.84
C26 CLR V . -25.84 -34.74 -13.14
C27 CLR V . -26.80 -33.91 -15.31
O1 CLR V . -39.29 -27.72 -6.38
C1 OCT W . -35.42 -25.23 -18.99
C2 OCT W . -34.60 -25.97 -17.95
C3 OCT W . -33.23 -26.39 -18.47
C4 OCT W . -32.35 -27.00 -17.38
C5 OCT W . -31.46 -28.13 -17.89
C6 OCT W . -30.90 -28.99 -16.77
C7 OCT W . -29.92 -30.05 -17.27
C8 OCT W . -29.56 -31.07 -16.21
C01 C14 X . -17.61 -30.95 -26.21
C02 C14 X . -17.37 -29.58 -25.60
C03 C14 X . -17.26 -29.62 -24.09
C04 C14 X . -17.20 -28.24 -23.44
C05 C14 X . -18.35 -27.96 -22.50
C06 C14 X . -19.70 -27.84 -23.19
C07 C14 X . -20.82 -28.57 -22.45
C08 C14 X . -22.21 -28.00 -22.71
C09 C14 X . -22.72 -28.24 -24.13
C10 C14 X . -24.04 -27.54 -24.41
C11 C14 X . -25.08 -27.76 -23.33
C12 C14 X . -26.44 -27.14 -23.68
C13 C14 X . -27.32 -26.89 -22.47
C14 C14 X . -28.66 -26.26 -22.85
C01 C14 Y . -15.86 -34.32 -26.02
C02 C14 Y . -16.62 -34.49 -24.72
C03 C14 Y . -17.16 -35.90 -24.54
C04 C14 Y . -16.05 -36.96 -24.52
C05 C14 Y . -16.58 -38.37 -24.29
C06 C14 Y . -15.51 -39.44 -24.34
C07 C14 Y . -16.04 -40.80 -24.74
C08 C14 Y . -15.07 -41.95 -24.47
C09 C14 Y . -15.70 -43.32 -24.72
C10 C14 Y . -14.95 -44.46 -24.04
C11 C14 Y . -13.75 -44.95 -24.83
C12 C14 Y . -12.96 -46.02 -24.09
C13 C14 Y . -11.61 -46.35 -24.74
C14 C14 Y . -10.61 -46.89 -23.72
C1 OCT Z . -28.70 -23.92 4.96
C2 OCT Z . -28.04 -24.95 4.06
C3 OCT Z . -26.53 -25.06 4.29
C4 OCT Z . -25.85 -26.01 3.31
C5 OCT Z . -24.33 -25.98 3.41
C6 OCT Z . -23.64 -26.50 2.16
C7 OCT Z . -22.16 -26.15 2.09
C8 OCT Z . -21.57 -26.39 0.70
C1 D10 AA . -24.94 -20.57 6.80
C2 D10 AA . -24.28 -21.82 6.25
C3 D10 AA . -22.77 -21.84 6.49
C4 D10 AA . -22.02 -22.66 5.46
C5 D10 AA . -20.66 -22.06 5.11
C6 D10 AA . -20.05 -22.63 3.83
C7 D10 AA . -18.90 -21.80 3.30
C8 D10 AA . -18.46 -22.20 1.91
C9 D10 AA . -17.13 -21.57 1.49
C10 D10 AA . -16.77 -21.87 0.03
C1 D12 BA . -7.62 -17.67 5.36
C2 D12 BA . -7.38 -16.19 5.65
C3 D12 BA . -8.42 -15.60 6.61
C4 D12 BA . -8.05 -14.21 7.11
C5 D12 BA . -8.97 -13.69 8.20
C6 D12 BA . -8.68 -12.24 8.57
C7 D12 BA . -9.44 -11.76 9.80
C8 D12 BA . -9.13 -10.32 10.16
C9 D12 BA . -10.13 -9.69 11.13
C10 D12 BA . -9.63 -9.69 12.57
C11 D12 BA . -9.83 -8.36 13.29
C12 D12 BA . -11.28 -8.05 13.62
C1 OCT CA . -5.17 -16.35 11.05
C2 OCT CA . -6.01 -15.63 12.09
C3 OCT CA . -7.43 -15.36 11.60
C4 OCT CA . -8.33 -14.71 12.64
C5 OCT CA . -9.81 -14.88 12.33
C6 OCT CA . -10.74 -14.01 13.17
C7 OCT CA . -12.20 -14.25 12.87
C8 OCT CA . -13.13 -13.43 13.75
C1 OCT DA . 5.69 -7.90 -5.11
C2 OCT DA . 4.88 -8.06 -3.84
C3 OCT DA . 5.34 -9.25 -3.01
C4 OCT DA . 4.29 -9.76 -2.02
C5 OCT DA . 4.42 -11.24 -1.72
C6 OCT DA . 3.20 -11.82 -1.02
C7 OCT DA . 3.54 -12.64 0.21
C8 OCT DA . 3.63 -14.13 -0.06
C1 OCT EA . -12.77 -38.43 -3.62
C2 OCT EA . -11.33 -38.92 -3.76
C3 OCT EA . -11.24 -40.42 -3.95
C4 OCT EA . -9.81 -40.94 -3.77
C5 OCT EA . -9.61 -42.38 -4.25
C6 OCT EA . -8.19 -42.87 -4.04
C7 OCT EA . -7.81 -44.05 -4.92
C8 OCT EA . -6.33 -44.39 -4.84
C1 OCT FA . -14.18 -31.55 -30.78
C2 OCT FA . -13.51 -32.91 -30.93
C3 OCT FA . -12.18 -32.81 -31.66
C4 OCT FA . -11.92 -33.97 -32.60
C5 OCT FA . -10.73 -33.75 -33.52
C6 OCT FA . -10.34 -34.98 -34.31
C7 OCT FA . -9.72 -34.67 -35.66
C8 OCT FA . -9.54 -35.91 -36.51
C03 C14 GA . 3.42 -26.53 -41.09
C04 C14 GA . 3.15 -25.18 -40.44
C05 C14 GA . 2.46 -24.20 -41.38
C06 C14 GA . 1.85 -23.00 -40.66
C07 C14 GA . 0.32 -23.02 -40.66
C08 C14 GA . -0.29 -21.76 -40.05
C09 C14 GA . -1.79 -21.86 -39.77
C10 C14 GA . -2.39 -20.56 -39.26
C11 C14 GA . -3.91 -20.52 -39.39
C12 C14 GA . -4.54 -19.22 -38.90
C13 C14 GA . -4.86 -18.23 -40.02
C14 C14 GA . -5.54 -16.98 -39.51
C01 C14 HA . 0.20 -8.97 -30.68
C02 C14 HA . 1.20 -8.24 -31.57
C03 C14 HA . 2.13 -9.20 -32.30
C04 C14 HA . 3.34 -8.53 -32.95
C05 C14 HA . 4.19 -7.73 -31.97
C06 C14 HA . 5.57 -7.40 -32.54
C07 C14 HA . 6.53 -6.78 -31.55
C08 C14 HA . 7.92 -6.57 -32.12
C09 C14 HA . 8.39 -7.73 -33.00
C10 C14 HA . 9.82 -7.57 -33.52
C11 C14 HA . 10.81 -8.50 -32.83
C12 C14 HA . 10.98 -9.84 -33.53
C13 C14 HA . 11.84 -10.84 -32.76
C14 C14 HA . 12.08 -12.12 -33.53
C01 C14 IA . -21.87 -9.51 -27.67
C02 C14 IA . -22.03 -10.80 -28.46
C03 C14 IA . -20.89 -11.78 -28.24
C04 C14 IA . -21.05 -13.07 -29.03
C05 C14 IA . -19.74 -13.83 -29.22
C06 C14 IA . -19.87 -15.13 -30.00
C07 C14 IA . -19.11 -15.13 -31.32
C08 C14 IA . -18.96 -16.50 -31.96
C09 C14 IA . -17.51 -16.96 -32.09
C10 C14 IA . -17.24 -17.65 -33.42
C11 C14 IA . -15.88 -18.32 -33.52
C12 C14 IA . -14.72 -17.34 -33.51
C13 C14 IA . -13.35 -17.99 -33.65
C14 C14 IA . -12.23 -17.08 -33.17
C01 C14 JA . -9.21 -14.10 -30.85
C02 C14 JA . -9.40 -12.84 -30.03
C03 C14 JA . -10.72 -12.16 -30.35
C04 C14 JA . -11.10 -11.02 -29.42
C05 C14 JA . -12.35 -10.31 -29.88
C06 C14 JA . -12.91 -9.29 -28.89
C07 C14 JA . -14.41 -9.11 -29.01
C08 C14 JA . -15.04 -8.44 -27.80
C09 C14 JA . -14.58 -7.00 -27.59
C10 C14 JA . -14.87 -6.10 -28.79
C11 C14 JA . -16.16 -5.31 -28.66
C12 C14 JA . -17.40 -6.07 -29.13
C13 C14 JA . -18.72 -5.37 -28.80
C14 C14 JA . -18.70 -3.88 -29.11
C1 OCT KA . -32.46 -25.22 -24.53
C2 OCT KA . -32.41 -24.71 -25.95
C3 OCT KA . -31.20 -25.21 -26.73
C4 OCT KA . -30.08 -24.20 -26.84
C5 OCT KA . -28.95 -24.65 -27.76
C6 OCT KA . -28.20 -25.86 -27.25
C7 OCT KA . -27.05 -26.28 -28.16
C8 OCT KA . -26.07 -27.23 -27.48
C1 OCT LA . -10.56 -3.12 -29.44
C2 OCT LA . -10.94 -1.65 -29.31
C3 OCT LA . -12.44 -1.44 -29.22
C4 OCT LA . -12.90 -0.06 -29.70
C5 OCT LA . -14.41 0.09 -29.72
C6 OCT LA . -14.88 1.48 -30.12
C7 OCT LA . -16.39 1.61 -30.14
C8 OCT LA . -16.87 3.04 -29.94
C27 R16 MA . -2.51 -2.51 -23.83
C28 R16 MA . -1.74 -1.23 -24.15
C29 R16 MA . -0.49 -1.07 -23.29
C30 R16 MA . 0.79 -0.97 -24.10
C31 R16 MA . 2.00 -1.57 -23.38
C32 R16 MA . 3.28 -1.43 -24.19
C33 R16 MA . 4.45 -2.27 -23.67
C34 R16 MA . 5.69 -2.15 -24.55
C35 R16 MA . 6.96 -2.66 -23.89
C36 R16 MA . 7.84 -1.56 -23.30
C37 R16 MA . 9.06 -2.08 -22.55
C38 R16 MA . 9.82 -3.16 -23.32
C39 R16 MA . 10.99 -3.75 -22.54
C40 R16 MA . 11.56 -5.01 -23.20
C41 R16 MA . 12.67 -4.74 -24.20
C42 R16 MA . 13.26 -6.00 -24.80
C1 OCT NA . 5.43 2.64 -24.78
C2 OCT NA . 5.20 1.74 -25.99
C3 OCT NA . 3.72 1.53 -26.30
C4 OCT NA . 3.07 2.66 -27.08
C5 OCT NA . 1.88 2.21 -27.92
C6 OCT NA . 0.63 1.90 -27.11
C7 OCT NA . -0.39 1.06 -27.86
C8 OCT NA . -1.75 1.04 -27.17
C1 OCT OA . -10.00 -6.78 -29.28
C2 OCT OA . -8.50 -6.64 -29.07
C3 OCT OA . -8.09 -6.90 -27.62
C4 OCT OA . -6.82 -7.70 -27.48
C5 OCT OA . -6.92 -9.11 -28.04
C6 OCT OA . -5.65 -9.93 -27.83
C7 OCT OA . -5.56 -11.17 -28.71
C8 OCT OA . -4.28 -11.96 -28.47
C1 OCT PA . -24.17 -16.63 6.63
C2 OCT PA . -22.77 -17.07 7.04
C3 OCT PA . -21.87 -15.90 7.42
C4 OCT PA . -20.42 -16.29 7.67
C5 OCT PA . -19.78 -17.06 6.53
C6 OCT PA . -18.31 -17.36 6.75
C7 OCT PA . -17.91 -18.75 6.24
C8 OCT PA . -16.47 -18.80 5.74
C1 D12 QA . 11.19 5.57 -12.81
C2 D12 QA . 10.99 6.00 -14.25
C3 D12 QA . 9.54 6.41 -14.54
C4 D12 QA . 9.32 6.96 -15.94
C5 D12 QA . 7.89 7.44 -16.17
C6 D12 QA . 7.45 8.48 -15.16
C7 D12 QA . 6.10 9.11 -15.50
C8 D12 QA . 6.20 10.59 -15.84
C9 D12 QA . 5.60 11.49 -14.76
C10 D12 QA . 5.13 12.83 -15.31
C11 D12 QA . 4.48 13.71 -14.26
C12 D12 QA . 3.82 14.95 -14.85
C1 D12 RA . -0.52 -15.36 9.13
C2 D12 RA . -0.41 -15.70 10.61
C3 D12 RA . -0.73 -14.50 11.50
C4 D12 RA . -0.75 -14.82 12.99
C5 D12 RA . -1.15 -13.62 13.84
C6 D12 RA . -2.49 -13.02 13.46
C7 D12 RA . -2.97 -11.96 14.44
C8 D12 RA . -4.24 -12.36 15.16
C9 D12 RA . -5.47 -11.58 14.73
C10 D12 RA . -6.54 -11.50 15.79
C11 D12 RA . -7.74 -10.66 15.39
C12 D12 RA . -8.70 -10.41 16.55
C1 NAG SA . 10.66 7.11 11.89
C2 NAG SA . 12.13 7.24 12.29
C3 NAG SA . 12.53 8.70 12.45
C4 NAG SA . 12.07 9.55 11.27
C5 NAG SA . 10.60 9.31 10.99
C6 NAG SA . 10.09 10.05 9.77
C7 NAG SA . 12.28 5.20 13.68
C8 NAG SA . 12.63 4.66 15.04
N2 NAG SA . 12.42 6.51 13.52
O1 NAG SA . 10.38 5.80 11.54
O3 NAG SA . 13.94 8.78 12.57
O4 NAG SA . 12.27 10.93 11.57
O5 NAG SA . 10.40 7.91 10.75
O6 NAG SA . 11.06 10.07 8.73
O7 NAG SA . 11.89 4.47 12.79
N1A ACO TA . 30.29 -8.59 8.53
C2A ACO TA . 30.93 -8.37 7.38
N3A ACO TA . 30.51 -7.71 6.31
C4A ACO TA . 29.28 -7.22 6.50
C5A ACO TA . 28.50 -7.36 7.63
C6A ACO TA . 29.05 -8.08 8.69
N6A ACO TA . 28.42 -8.32 9.84
N7A ACO TA . 27.28 -6.73 7.46
C8A ACO TA . 27.35 -6.22 6.26
N9A ACO TA . 28.54 -6.47 5.62
C1B ACO TA . 28.90 -6.06 4.27
C2B ACO TA . 28.05 -6.75 3.20
O2B ACO TA . 28.65 -7.97 2.78
C3B ACO TA . 28.11 -5.70 2.08
O3B ACO TA . 29.34 -5.86 1.36
P3B ACO TA . 29.35 -6.34 -0.14
O7A ACO TA . 28.67 -5.30 -0.95
O8A ACO TA . 30.80 -6.54 -0.53
O9A ACO TA . 28.66 -7.69 -0.20
C4B ACO TA . 28.14 -4.37 2.84
O4B ACO TA . 28.66 -4.67 4.15
C5B ACO TA . 26.81 -3.67 2.97
O5B ACO TA . 25.77 -4.64 3.26
P1A ACO TA . 24.47 -4.23 4.04
O1A ACO TA . 23.82 -5.42 4.62
O2A ACO TA . 23.59 -3.41 3.12
O3A ACO TA . 25.04 -3.27 5.16
P2A ACO TA . 24.64 -1.89 5.83
O4A ACO TA . 24.93 -1.89 7.28
O5A ACO TA . 25.32 -0.79 5.04
O6A ACO TA . 23.10 -1.82 5.58
CBP ACO TA . 21.30 -0.44 4.95
CCP ACO TA . 22.79 -0.66 4.80
CDP ACO TA . 20.56 -1.63 4.32
CEP ACO TA . 20.91 0.85 4.23
CAP ACO TA . 20.93 -0.34 6.46
OAP ACO TA . 21.55 0.78 7.06
C9P ACO TA . 19.44 -0.35 6.75
O9P ACO TA . 18.85 -1.40 6.98
N8P ACO TA . 18.83 0.83 6.79
C7P ACO TA . 17.41 0.95 7.08
C6P ACO TA . 17.08 2.33 7.62
C5P ACO TA . 16.57 2.27 9.02
O5P ACO TA . 16.20 1.21 9.52
N4P ACO TA . 16.54 3.42 9.68
C3P ACO TA . 16.06 3.55 11.04
C2P ACO TA . 15.01 4.64 11.18
S1P ACO TA . 13.53 4.18 10.23
C1 NAG UA . -18.34 35.89 35.15
C2 NAG UA . -18.46 37.31 35.71
C3 NAG UA . -19.82 37.90 35.37
C4 NAG UA . -20.09 37.82 33.87
C5 NAG UA . -19.92 36.38 33.39
C6 NAG UA . -20.05 36.25 31.89
C7 NAG UA . -17.80 38.41 37.80
C8 NAG UA . -17.63 38.24 39.28
N2 NAG UA . -18.24 37.33 37.14
O3 NAG UA . -19.87 39.26 35.80
O4 NAG UA . -21.41 38.27 33.58
O5 NAG UA . -18.62 35.91 33.74
O6 NAG UA . -20.23 34.89 31.51
O7 NAG UA . -17.56 39.46 37.23
C1 D12 VA . 15.11 -19.06 19.52
C2 D12 VA . 14.37 -18.03 20.36
C3 D12 VA . 13.15 -17.46 19.66
C4 D12 VA . 12.18 -16.75 20.59
C5 D12 VA . 12.68 -15.40 21.08
C6 D12 VA . 12.31 -15.11 22.53
C7 D12 VA . 12.46 -13.65 22.93
C8 D12 VA . 13.84 -13.07 22.61
C9 D12 VA . 14.04 -11.66 23.14
C10 D12 VA . 13.31 -10.59 22.34
C11 D12 VA . 13.46 -9.20 22.94
C12 D12 VA . 13.15 -8.09 21.94
C1 OCT WA . 1.47 -10.53 4.64
C2 OCT WA . 1.90 -9.35 3.79
C3 OCT WA . 3.38 -9.01 3.95
C4 OCT WA . 4.32 -9.93 3.19
C5 OCT WA . 5.75 -9.43 3.19
C6 OCT WA . 6.74 -10.36 2.51
C7 OCT WA . 8.03 -9.68 2.10
C8 OCT WA . 9.12 -10.66 1.70
C1 OCT XA . 43.84 16.01 12.69
C2 OCT XA . 44.80 16.37 11.59
C3 OCT XA . 46.23 15.90 11.86
C4 OCT XA . 47.21 16.27 10.76
C5 OCT XA . 48.61 15.69 10.98
C6 OCT XA . 49.57 16.03 9.84
C7 OCT XA . 50.69 15.03 9.70
C8 OCT XA . 51.33 15.05 8.31
C1 OCT YA . 40.49 -6.25 28.21
C2 OCT YA . 39.88 -5.01 28.84
C3 OCT YA . 38.37 -5.10 28.95
C4 OCT YA . 37.77 -4.01 29.83
C5 OCT YA . 36.28 -4.19 30.09
C6 OCT YA . 35.71 -3.11 31.00
C7 OCT YA . 34.19 -3.11 31.08
C8 OCT YA . 33.62 -1.73 31.34
C03 C14 ZA . 2.77 -12.68 21.23
C04 C14 ZA . 1.82 -12.15 22.30
C05 C14 ZA . 2.40 -10.98 23.08
C06 C14 ZA . 1.51 -10.51 24.23
C07 C14 ZA . 2.28 -9.81 25.33
C08 C14 ZA . 1.42 -9.43 26.54
C09 C14 ZA . 0.54 -8.22 26.27
C10 C14 ZA . 0.16 -7.46 27.54
C11 C14 ZA . -0.74 -8.25 28.49
C12 C14 ZA . -1.12 -7.43 29.71
C13 C14 ZA . -2.32 -7.98 30.48
C14 C14 ZA . -2.76 -7.05 31.60
C01 C14 AB . 25.51 12.81 -3.72
C02 C14 AB . 24.96 11.52 -3.14
C03 C14 AB . 24.36 10.60 -4.20
C04 C14 AB . 25.24 10.44 -5.44
C05 C14 AB . 24.90 9.19 -6.24
C06 C14 AB . 24.29 9.49 -7.60
C07 C14 AB . 25.15 9.04 -8.78
C08 C14 AB . 24.37 8.74 -10.04
C09 C14 AB . 24.27 7.25 -10.36
C10 C14 AB . 25.53 6.68 -11.00
C11 C14 AB . 25.43 5.19 -11.31
C12 C14 AB . 26.70 4.64 -11.95
C13 C14 AB . 26.63 3.14 -12.22
C14 C14 AB . 27.93 2.58 -12.79
C01 C14 BB . 28.38 11.74 -8.93
C02 C14 BB . 29.68 11.01 -9.23
C03 C14 BB . 29.43 9.61 -9.80
C04 C14 BB . 30.69 8.99 -10.38
C05 C14 BB . 30.46 7.60 -10.98
C06 C14 BB . 31.69 7.08 -11.72
C07 C14 BB . 31.50 5.69 -12.29
C08 C14 BB . 32.62 5.31 -13.25
C09 C14 BB . 33.15 3.90 -13.04
C10 C14 BB . 32.28 2.82 -13.64
C11 C14 BB . 32.99 1.49 -13.83
C12 C14 BB . 34.33 1.65 -14.55
C13 C14 BB . 34.98 0.31 -14.91
C14 C14 BB . 36.37 0.48 -15.49
C01 C14 CB . 42.51 1.98 -9.79
C02 C14 CB . 42.65 3.46 -10.11
C03 C14 CB . 42.83 4.33 -8.88
C04 C14 CB . 43.00 5.81 -9.18
C05 C14 CB . 42.39 6.72 -8.13
C06 C14 CB . 40.94 6.36 -7.79
C07 C14 CB . 40.25 7.40 -6.92
C08 C14 CB . 38.83 6.99 -6.53
C09 C14 CB . 38.07 8.10 -5.80
C10 C14 CB . 37.72 9.27 -6.69
C11 C14 CB . 36.86 10.32 -6.00
C12 C14 CB . 35.94 11.07 -6.95
C13 C14 CB . 34.75 11.71 -6.27
C14 C14 CB . 33.45 11.51 -7.03
C01 C14 DB . 44.69 12.15 -3.14
C02 C14 DB . 44.52 13.49 -2.46
C03 C14 DB . 43.11 14.06 -2.60
C04 C14 DB . 42.93 15.39 -1.89
C05 C14 DB . 41.51 15.94 -1.97
C06 C14 DB . 40.49 15.14 -1.17
C07 C14 DB . 39.27 15.95 -0.77
C08 C14 DB . 38.17 15.14 -0.12
C09 C14 DB . 37.08 14.68 -1.09
C10 C14 DB . 35.99 13.86 -0.43
C11 C14 DB . 34.77 13.65 -1.32
C12 C14 DB . 33.58 13.04 -0.58
C13 C14 DB . 32.31 12.97 -1.41
C14 C14 DB . 31.85 14.34 -1.90
C1 OCT EB . 47.56 12.18 1.74
C2 OCT EB . 46.95 13.45 1.15
C3 OCT EB . 46.54 14.45 2.22
C4 OCT EB . 45.68 15.58 1.66
C5 OCT EB . 45.42 16.70 2.66
C6 OCT EB . 44.45 16.30 3.75
C7 OCT EB . 43.16 17.12 3.73
C8 OCT EB . 42.34 16.88 2.47
C01 C14 FB . 22.62 32.50 3.48
C02 C14 FB . 22.35 31.02 3.23
C03 C14 FB . 23.46 30.11 3.70
C04 C14 FB . 23.10 28.63 3.59
C05 C14 FB . 24.30 27.70 3.74
C06 C14 FB . 23.97 26.25 3.40
C07 C14 FB . 25.15 25.31 3.64
C08 C14 FB . 24.73 23.84 3.74
C09 C14 FB . 25.75 22.99 4.48
C10 C14 FB . 25.86 21.56 3.95
C11 C14 FB . 25.23 20.53 4.87
C12 C14 FB . 25.19 19.12 4.30
C13 C14 FB . 26.56 18.48 4.13
C14 C14 FB . 26.53 17.18 3.35
C1 OCT GB . 30.00 27.15 3.58
C2 OCT GB . 28.91 27.94 4.28
C3 OCT GB . 29.23 29.42 4.38
C4 OCT GB . 28.04 30.28 4.78
C5 OCT GB . 28.32 31.78 4.68
C6 OCT GB . 27.12 32.63 5.05
C7 OCT GB . 27.38 34.13 4.95
C8 OCT GB . 26.19 34.96 5.40
C1 CLR HB . 30.32 36.10 10.16
C2 CLR HB . 29.58 37.36 10.58
C3 CLR HB . 28.21 37.45 9.93
C4 CLR HB . 27.42 36.16 10.16
C5 CLR HB . 28.20 34.91 9.89
C6 CLR HB . 27.69 33.94 9.13
C7 CLR HB . 28.18 32.53 9.10
C8 CLR HB . 29.43 32.30 9.93
C9 CLR HB . 30.31 33.56 9.96
C10 CLR HB . 29.57 34.80 10.53
C11 CLR HB . 31.64 33.28 10.65
C12 CLR HB . 32.41 32.12 9.98
C13 CLR HB . 31.58 30.84 9.97
C14 CLR HB . 30.24 31.17 9.31
C15 CLR HB . 29.56 29.80 9.13
C16 CLR HB . 30.75 28.84 8.92
C17 CLR HB . 32.03 29.73 9.00
C18 CLR HB . 31.43 30.28 11.39
C19 CLR HB . 29.41 34.76 12.05
C20 CLR HB . 33.32 28.94 9.24
C21 CLR HB . 34.20 28.87 8.00
C22 CLR HB . 33.03 27.52 9.78
C23 CLR HB . 34.08 26.46 9.46
C24 CLR HB . 35.14 26.35 10.56
C25 CLR HB . 35.84 25.00 10.65
C26 CLR HB . 36.70 24.76 9.42
C27 CLR HB . 36.66 24.84 11.93
O1 CLR HB . 27.54 38.56 10.46
C1 OCT IB . 29.67 30.52 20.99
C2 OCT IB . 30.02 30.19 19.55
C3 OCT IB . 30.62 28.80 19.38
C4 OCT IB . 30.82 28.41 17.93
C5 OCT IB . 32.07 27.57 17.70
C6 OCT IB . 32.50 27.51 16.24
C7 OCT IB . 33.69 26.59 16.00
C8 OCT IB . 34.27 26.74 14.60
C01 C14 JB . 37.87 12.30 19.23
C02 C14 JB . 36.38 12.08 19.06
C03 C14 JB . 35.89 12.47 17.67
C04 C14 JB . 34.37 12.44 17.53
C05 C14 JB . 33.75 13.78 17.19
C06 C14 JB . 33.87 14.81 18.32
C07 C14 JB . 34.27 16.19 17.82
C08 C14 JB . 33.80 17.33 18.72
C09 C14 JB . 34.51 17.37 20.07
C10 C14 JB . 33.94 18.43 21.01
C11 C14 JB . 33.74 19.79 20.36
C12 C14 JB . 33.26 20.86 21.34
C13 C14 JB . 32.59 22.04 20.68
C14 C14 JB . 32.10 23.08 21.67
C01 C14 KB . 40.99 11.19 17.37
C02 C14 KB . 40.68 12.35 16.43
C03 C14 KB . 41.94 13.10 16.01
C04 C14 KB . 42.94 12.22 15.27
C05 C14 KB . 44.17 12.99 14.80
C06 C14 KB . 45.21 12.10 14.12
C07 C14 KB . 46.61 12.67 14.22
C08 C14 KB . 47.61 12.01 13.27
C09 C14 KB . 48.96 12.70 13.27
C10 C14 KB . 49.81 12.38 12.04
C11 C14 KB . 50.58 11.07 12.16
C12 C14 KB . 51.32 10.71 10.88
C13 C14 KB . 51.88 9.29 10.87
C14 C14 KB . 52.05 8.75 9.46
C1 OCT LB . 20.17 31.79 -2.00
C2 OCT LB . 21.47 31.01 -1.78
C3 OCT LB . 21.51 29.69 -2.54
C4 OCT LB . 22.76 28.87 -2.23
C5 OCT LB . 22.72 27.47 -2.84
C6 OCT LB . 23.66 26.50 -2.14
C7 OCT LB . 23.39 25.04 -2.50
C8 OCT LB . 24.10 24.07 -1.56
C1 D10 MB . 16.45 28.39 -3.87
C2 D10 MB . 17.84 27.77 -4.01
C3 D10 MB . 17.80 26.45 -4.75
C4 D10 MB . 18.94 25.51 -4.39
C5 D10 MB . 18.53 24.04 -4.35
C6 D10 MB . 19.52 23.15 -3.63
C7 D10 MB . 18.94 21.78 -3.31
C8 D10 MB . 19.82 20.97 -2.36
C9 D10 MB . 19.39 19.52 -2.25
C10 D10 MB . 20.18 18.74 -1.20
C1 D12 NB . 14.55 11.31 -7.74
C2 D12 NB . 13.07 10.98 -7.61
C3 D12 NB . 12.16 12.18 -7.90
C4 D12 NB . 10.69 11.81 -8.01
C5 D12 NB . 9.80 12.95 -8.48
C6 D12 NB . 8.32 12.61 -8.43
C7 D12 NB . 7.43 13.64 -9.10
C8 D12 NB . 5.96 13.27 -9.06
C9 D12 NB . 5.01 14.42 -9.37
C10 D12 NB . 4.52 14.44 -10.80
C11 D12 NB . 3.01 14.66 -10.94
C12 D12 NB . 2.58 16.08 -10.62
C1 OCT OB . 11.37 10.68 -13.18
C2 OCT OB . 10.32 11.71 -13.57
C3 OCT OB . 10.20 12.84 -12.55
C4 OCT OB . 9.21 13.92 -12.94
C5 OCT OB . 9.45 15.22 -12.19
C6 OCT OB . 8.33 16.24 -12.34
C7 OCT OB . 8.64 17.56 -11.62
C8 OCT OB . 7.54 18.61 -11.82
C1 OCT PB . 9.30 -5.88 -0.06
C2 OCT PB . 8.99 -4.69 -0.95
C3 OCT PB . 9.81 -4.69 -2.23
C4 OCT PB . 9.92 -3.31 -2.89
C5 OCT PB . 11.21 -3.14 -3.68
C6 OCT PB . 11.48 -1.69 -4.05
C7 OCT PB . 11.83 -1.48 -5.52
C8 OCT PB . 13.34 -1.46 -5.79
C1 OCT QB . 37.05 16.10 -4.74
C2 OCT QB . 37.58 14.79 -5.27
C3 OCT QB . 39.06 14.84 -5.63
C4 OCT QB . 39.51 13.64 -6.45
C5 OCT QB . 41.01 13.49 -6.56
C6 OCT QB . 41.42 12.28 -7.40
C7 OCT QB . 42.85 11.81 -7.14
C8 OCT QB . 43.16 10.50 -7.85
C1 OCT RB . 40.09 7.69 21.85
C2 OCT RB . 41.43 7.20 21.32
C3 OCT RB . 41.61 5.71 21.52
C4 OCT RB . 43.04 5.33 21.88
C5 OCT RB . 43.17 3.88 22.35
C6 OCT RB . 44.61 3.43 22.50
C7 OCT RB . 44.81 2.37 23.57
C8 OCT RB . 46.27 2.10 23.86
C03 C14 SB . 39.31 -12.81 26.35
C04 C14 SB . 37.82 -12.53 26.32
C05 C14 SB . 37.21 -12.32 27.70
C06 C14 SB . 35.83 -11.68 27.66
C07 C14 SB . 35.81 -10.25 28.20
C08 C14 SB . 34.41 -9.66 28.28
C09 C14 SB . 34.38 -8.15 28.54
C10 C14 SB . 32.98 -7.59 28.71
C11 C14 SB . 32.96 -6.23 29.37
C12 C14 SB . 31.56 -5.67 29.57
C13 C14 SB . 31.02 -5.87 30.99
C14 C14 SB . 29.66 -5.23 31.18
C01 C14 TB . 19.15 -8.86 24.00
C02 C14 TB . 18.82 -10.18 24.67
C03 C14 TB . 19.98 -11.16 24.67
C04 C14 TB . 19.60 -12.58 25.02
C05 C14 TB . 18.52 -13.18 24.13
C06 C14 TB . 18.44 -14.70 24.26
C07 C14 TB . 17.52 -15.37 23.25
C08 C14 TB . 17.55 -16.89 23.33
C09 C14 TB . 18.95 -17.45 23.55
C10 C14 TB . 19.01 -18.97 23.56
C11 C14 TB . 19.66 -19.56 22.32
C12 C14 TB . 21.16 -19.74 22.43
C13 C14 TB . 21.83 -20.17 21.14
C14 C14 TB . 23.31 -20.46 21.31
C01 C14 UB . 18.22 12.85 28.93
C02 C14 UB . 19.70 12.92 29.27
C03 C14 UB . 20.57 12.05 28.35
C04 C14 UB . 22.06 12.13 28.69
C05 C14 UB . 22.86 10.94 28.15
C06 C14 UB . 24.35 11.01 28.46
C07 C14 UB . 24.81 9.86 29.35
C08 C14 UB . 26.32 9.71 29.42
C09 C14 UB . 26.83 8.37 28.89
C10 C14 UB . 27.94 7.78 29.74
C11 C14 UB . 28.63 6.57 29.13
C12 C14 UB . 27.73 5.35 29.03
C13 C14 UB . 28.41 4.11 28.46
C14 C14 UB . 27.42 3.09 27.94
C01 C14 VB . 23.86 0.60 25.80
C02 C14 VB . 22.40 0.87 25.54
C03 C14 VB . 21.85 1.91 26.51
C04 C14 VB . 20.44 2.41 26.20
C05 C14 VB . 19.92 3.34 27.27
C06 C14 VB . 18.61 4.03 26.92
C07 C14 VB . 18.45 5.38 27.62
C08 C14 VB . 17.39 6.26 26.98
C09 C14 VB . 15.98 5.71 27.11
C10 C14 VB . 15.55 5.47 28.56
C11 C14 VB . 14.74 6.61 29.15
C12 C14 VB . 15.59 7.72 29.76
C13 C14 VB . 14.81 8.97 30.15
C14 C14 VB . 13.51 8.65 30.88
C1 OCT WB . 31.66 25.95 24.81
C2 OCT WB . 31.67 25.37 26.22
C3 OCT WB . 32.44 24.06 26.31
C4 OCT WB . 31.55 22.83 26.34
C5 OCT WB . 32.32 21.55 26.62
C6 OCT WB . 33.29 21.17 25.50
C7 OCT WB . 34.01 19.86 25.77
C8 OCT WB . 34.68 19.29 24.52
C1 OCT XB . 13.06 0.81 28.58
C2 OCT XB . 11.63 1.01 29.07
C3 OCT XB . 11.38 2.41 29.58
C4 OCT XB . 10.26 2.49 30.60
C5 OCT XB . 10.09 3.88 31.20
C6 OCT XB . 8.91 3.99 32.18
C7 OCT XB . 8.77 5.39 32.75
C8 OCT XB . 7.35 5.70 33.21
C27 R16 YB . 10.66 -5.00 21.02
C28 R16 YB . 9.59 -6.00 21.43
C29 R16 YB . 9.16 -6.91 20.29
C30 R16 YB . 9.37 -8.39 20.58
C31 R16 YB . 9.71 -9.20 19.34
C32 R16 YB . 9.88 -10.69 19.65
C33 R16 YB . 10.50 -11.49 18.52
C34 R16 YB . 10.72 -12.95 18.88
C35 R16 YB . 10.99 -13.87 17.68
C36 R16 YB . 9.77 -14.64 17.22
C37 R16 YB . 10.02 -15.47 15.96
C38 R16 YB . 11.30 -16.29 16.03
C39 R16 YB . 11.62 -17.05 14.74
C40 R16 YB . 13.03 -17.62 14.71
C41 R16 YB . 13.15 -19.02 15.29
C42 R16 YB . 14.55 -19.60 15.21
C1 OCT ZB . 6.31 -13.45 20.71
C2 OCT ZB . 7.57 -13.49 21.57
C3 OCT ZB . 7.86 -12.18 22.29
C4 OCT ZB . 7.06 -11.99 23.57
C5 OCT ZB . 7.75 -11.08 24.59
C6 OCT ZB . 7.73 -9.61 24.21
C7 OCT ZB . 8.77 -8.78 24.96
C8 OCT ZB . 8.53 -7.28 24.83
C1 OCT AC . 16.44 0.84 27.06
C2 OCT AC . 16.27 -0.51 26.38
C3 OCT AC . 16.00 -0.39 24.88
C4 OCT AC . 16.73 -1.43 24.06
C5 OCT AC . 18.25 -1.32 24.13
C6 OCT AC . 18.96 -2.33 23.23
C7 OCT AC . 20.43 -2.52 23.58
C8 OCT AC . 21.10 -3.54 22.67
C1 OCT BC . 12.85 27.07 -2.71
C2 OCT BC . 13.14 25.96 -3.71
C3 OCT BC . 11.93 25.08 -3.98
C4 OCT BC . 12.22 23.86 -4.84
C5 OCT BC . 13.35 22.99 -4.30
C6 OCT BC . 13.59 21.73 -5.11
C7 OCT BC . 15.07 21.38 -5.25
C8 OCT BC . 15.33 19.88 -5.32
#